data_8FDG
#
_entry.id   8FDG
#
_cell.length_a   1.00
_cell.length_b   1.00
_cell.length_c   1.00
_cell.angle_alpha   90.00
_cell.angle_beta   90.00
_cell.angle_gamma   90.00
#
_symmetry.space_group_name_H-M   'P 1'
#
_entity_poly.entity_id   1
_entity_poly.type   'polypeptide(L)'
_entity_poly.pdbx_seq_one_letter_code
;AQLRQFYVAAQGISWSYRPEPTNSSLNLSVTSFKKIVYREYEPYFKKEKPQSTISGLLGPTLYAEVGDIIKVHFKNKADK
PLSIHPQGIRYSKLSEGASYLDHTFPAEKMDDAVAPGREYTYEWSISEDSGPTHDDPPCLTHIYYSHENLIEDFNSGLIG
PLLICKKGTLTEGGTQKTFDKQIVLLFAVFDESKSWSQSSSLMYTVNGYVNGTMPDITVCAHDHISWHLLGMSSGPELFS
IHFNGQVLEQNHHKVSAITLVSATSTTANMTVGPEGKWIISSLTPKHLQAGMQAYIDIKNCPKKTRNLKKITREQRRHMK
RWEYFIAAEEVIWDYAPVIPANMDKKYRSQHLDNFSNQIGKHYKKVMYTQYEDESFTKHTVNPNMKEDGILGPIIRAQVR
DTLKIVFKNMASRPYSIYPHGVTFSPYEDEVNSSFTSGRNNTMIRAVQPGETYTYKWNILEFDEPTENDAQCLTRPYYSD
VDIMRDIASGLIGLLLICKSRSLDRRGIQRAADIEQQAVFAVFDENKSWYLEDNINKFCENPDEVKRDDPKFYESNIMST
INGYVPESITTLGFCFDDTVQWHFCSVGTQNEILTIHFTGHSFIYGKRHEDTLTLFPMRGESVTVTMDNVGTWMLTSMNS
SPRSKKLRLKFRDVKCIPDDDEDSYEIFEPPESTVMATRKMHDRLEPEDEESDADYDYQNRLAAALGIRSFRNSSLNQEE
EEFNLTALALENGTEFVSSNTDIIVGSNYSSPSNILGQMPSPSSPTLNDTFLSKEFNPLVIVGLSKDGTDYIEIIPKEEV
QSSEDDYAEIDYVPYDDPYKTDVRTNINSSRDPDNIAAWYLRSNNGNRRNYYIAAEEISWDYSEFVQRETDIEDSDDIPE
DTTYKKVVFRKYLDSTFTKRDPRGEYEEHLGILGPIIRAEVDDVIQVRFKNLASRPYSLHAHGLSYEKSSEGKTYEDDSP
EWFKEDNAVQPNSSYTYVWHATERSGPESPGSACRAWAYYSAVNPEKDIHSGLIGPLLICQKGILHKDSNMPVDMREFVL
LFMTFDEKKSWYYEKKSRSSWRLTSSEMKKSHEFHAINGMIYSLPGLKMYEQEWVRLHLLNIGGSQDIHVVHFHGQTLLE
NGNKQHQLGVWPLLPGSFKTLEMKASKPGWWLLNTEVGENQRAGMQTPFLIMDRDCRMPMGLSTGIISDSQIKASEFLGY
WEPRLARLNNGGSYNAWSVEKLAAEFASKPWIQVDMQKEVIITGIQTQGAKHYLKSCYTTEFYVAYSSNQINWQIFKGNS
TRNVMYFNGNSDASTIKENQFDPPIVARYIRISPTRAYNRPTLRLELQGCEVNGCSTPLGMENGKIENKQITASSFKKSW
WGDYWEPFRARLNAQGRVNAWQAKANNNKQWLEIDLLKIKKITAIITQGCKSLSSEMYVKSYTIHYSEQGVEWKPYRLKS
SMVDKIFEGNTNTKGHVKNFFNPPIISRFIRVIPKTWNQSIALRLELFGCDIYEDQVDPRLIDGK
;
_entity_poly.pdbx_strand_id   A
#
# COMPACT_ATOMS: atom_id res chain seq x y z
N ALA A 1 13.73 0.05 31.67
CA ALA A 1 14.17 -1.19 31.03
C ALA A 1 13.65 -2.40 31.78
N GLN A 2 13.01 -3.31 31.04
CA GLN A 2 12.42 -4.51 31.62
C GLN A 2 12.78 -5.72 30.76
N LEU A 3 12.59 -6.90 31.33
CA LEU A 3 12.65 -8.16 30.60
C LEU A 3 11.31 -8.85 30.73
N ARG A 4 10.64 -9.05 29.61
CA ARG A 4 9.32 -9.68 29.57
C ARG A 4 9.50 -11.14 29.15
N GLN A 5 9.39 -12.05 30.12
CA GLN A 5 9.61 -13.46 29.89
C GLN A 5 8.28 -14.18 29.85
N PHE A 6 8.06 -14.97 28.80
CA PHE A 6 6.82 -15.70 28.61
C PHE A 6 7.14 -17.18 28.41
N TYR A 7 6.26 -18.04 28.93
CA TYR A 7 6.38 -19.48 28.78
C TYR A 7 5.13 -19.98 28.06
N VAL A 8 5.33 -20.63 26.91
CA VAL A 8 4.23 -21.10 26.09
C VAL A 8 4.48 -22.54 25.68
N ALA A 9 3.41 -23.19 25.22
CA ALA A 9 3.50 -24.55 24.70
C ALA A 9 2.31 -24.81 23.79
N ALA A 10 2.55 -25.51 22.68
CA ALA A 10 1.51 -25.87 21.74
C ALA A 10 1.08 -27.30 22.00
N GLN A 11 -0.20 -27.50 22.29
CA GLN A 11 -0.69 -28.82 22.66
C GLN A 11 -2.04 -29.09 22.02
N GLY A 12 -2.41 -30.36 21.98
CA GLY A 12 -3.60 -30.81 21.29
C GLY A 12 -4.76 -31.08 22.23
N ILE A 13 -5.95 -30.69 21.79
CA ILE A 13 -7.18 -30.83 22.56
C ILE A 13 -8.28 -31.37 21.63
N SER A 14 -9.41 -31.72 22.24
CA SER A 14 -10.60 -32.12 21.52
C SER A 14 -11.64 -31.02 21.64
N TRP A 15 -12.17 -30.56 20.51
CA TRP A 15 -13.00 -29.36 20.47
C TRP A 15 -14.17 -29.57 19.52
N SER A 16 -15.35 -29.15 19.98
CA SER A 16 -16.53 -29.01 19.14
C SER A 16 -17.08 -27.61 19.34
N TYR A 17 -17.47 -26.96 18.24
CA TYR A 17 -17.81 -25.54 18.30
C TYR A 17 -19.15 -25.32 18.99
N ARG A 18 -19.22 -25.62 20.28
CA ARG A 18 -20.42 -25.38 21.08
C ARG A 18 -20.04 -25.33 22.55
N PRO A 19 -20.32 -24.21 23.23
CA PRO A 19 -19.85 -24.03 24.62
C PRO A 19 -20.84 -24.51 25.68
N GLU A 20 -21.01 -25.82 25.80
CA GLU A 20 -21.71 -26.28 26.99
C GLU A 20 -20.69 -26.29 28.13
N PRO A 21 -19.50 -26.85 27.95
CA PRO A 21 -18.36 -26.42 28.76
C PRO A 21 -17.53 -25.37 28.02
N THR A 22 -16.72 -24.65 28.81
CA THR A 22 -15.95 -23.54 28.24
C THR A 22 -14.76 -24.02 27.42
N ASN A 23 -14.02 -25.02 27.90
CA ASN A 23 -12.74 -25.39 27.31
C ASN A 23 -12.75 -26.73 26.60
N SER A 24 -13.14 -27.80 27.27
CA SER A 24 -13.16 -29.13 26.68
C SER A 24 -14.59 -29.44 26.23
N SER A 25 -14.96 -28.92 25.06
CA SER A 25 -16.33 -28.96 24.61
C SER A 25 -16.74 -30.35 24.14
N LEU A 26 -17.18 -31.19 25.07
CA LEU A 26 -17.67 -32.53 24.76
C LEU A 26 -18.94 -32.79 25.56
N ASN A 27 -19.86 -33.54 24.95
CA ASN A 27 -21.06 -33.98 25.64
C ASN A 27 -21.62 -35.19 24.91
N LEU A 28 -21.53 -36.37 25.53
CA LEU A 28 -22.05 -37.62 24.98
C LEU A 28 -21.47 -37.94 23.61
N SER A 29 -20.26 -37.43 23.34
CA SER A 29 -19.54 -37.69 22.10
C SER A 29 -20.38 -37.33 20.88
N VAL A 30 -21.01 -36.16 20.93
CA VAL A 30 -21.81 -35.72 19.79
C VAL A 30 -20.93 -35.38 18.60
N THR A 31 -19.78 -34.73 18.85
CA THR A 31 -18.82 -34.39 17.82
C THR A 31 -17.53 -33.94 18.52
N SER A 32 -16.39 -34.29 17.93
CA SER A 32 -15.11 -33.94 18.56
C SER A 32 -14.04 -33.88 17.46
N PHE A 33 -13.66 -32.67 17.07
CA PHE A 33 -12.55 -32.48 16.15
C PHE A 33 -11.26 -32.24 16.92
N LYS A 34 -10.17 -32.85 16.45
CA LYS A 34 -8.88 -32.58 17.05
C LYS A 34 -8.43 -31.17 16.71
N LYS A 35 -7.75 -30.52 17.66
CA LYS A 35 -7.26 -29.17 17.48
C LYS A 35 -5.90 -29.02 18.16
N ILE A 36 -5.13 -28.05 17.70
CA ILE A 36 -3.83 -27.72 18.28
C ILE A 36 -3.84 -26.24 18.63
N VAL A 37 -3.57 -25.92 19.91
CA VAL A 37 -3.68 -24.56 20.39
C VAL A 37 -2.49 -24.22 21.29
N TYR A 38 -2.27 -22.91 21.45
CA TYR A 38 -1.25 -22.38 22.34
C TYR A 38 -1.79 -22.28 23.77
N ARG A 39 -0.88 -22.48 24.74
CA ARG A 39 -1.23 -22.34 26.14
C ARG A 39 -0.05 -21.75 26.90
N GLU A 40 -0.34 -20.96 27.92
CA GLU A 40 0.68 -20.30 28.72
C GLU A 40 0.87 -21.03 30.04
N TYR A 41 2.12 -21.07 30.51
CA TYR A 41 2.50 -21.84 31.67
C TYR A 41 3.19 -20.95 32.70
N GLU A 42 3.24 -21.47 33.93
CA GLU A 42 4.00 -20.84 35.00
C GLU A 42 5.49 -21.08 34.76
N PRO A 43 6.37 -20.32 35.43
CA PRO A 43 7.81 -20.48 35.18
C PRO A 43 8.28 -21.91 35.42
N TYR A 44 9.22 -22.34 34.57
CA TYR A 44 9.83 -23.66 34.61
C TYR A 44 8.83 -24.78 34.30
N PHE A 45 7.67 -24.43 33.74
CA PHE A 45 6.67 -25.40 33.28
C PHE A 45 6.24 -26.33 34.42
N LYS A 46 5.68 -25.72 35.48
CA LYS A 46 5.23 -26.49 36.63
C LYS A 46 3.74 -26.82 36.53
N LYS A 47 2.90 -25.79 36.45
CA LYS A 47 1.46 -25.97 36.36
C LYS A 47 0.90 -25.04 35.28
N GLU A 48 -0.10 -25.53 34.55
CA GLU A 48 -0.75 -24.72 33.53
C GLU A 48 -1.52 -23.58 34.20
N LYS A 49 -1.47 -22.41 33.59
CA LYS A 49 -2.10 -21.22 34.16
C LYS A 49 -3.57 -21.15 33.76
N PRO A 50 -4.49 -20.91 34.70
CA PRO A 50 -5.92 -20.93 34.36
C PRO A 50 -6.27 -19.87 33.33
N GLN A 51 -7.26 -20.19 32.51
CA GLN A 51 -7.70 -19.36 31.41
C GLN A 51 -9.07 -18.75 31.71
N SER A 52 -9.36 -17.63 31.06
CA SER A 52 -10.65 -16.96 31.20
C SER A 52 -11.71 -17.77 30.46
N THR A 53 -12.93 -17.25 30.43
CA THR A 53 -14.05 -17.95 29.81
C THR A 53 -14.42 -17.43 28.43
N ILE A 54 -14.08 -16.18 28.11
CA ILE A 54 -14.48 -15.62 26.82
C ILE A 54 -13.69 -16.26 25.68
N SER A 55 -12.38 -16.40 25.86
CA SER A 55 -11.50 -16.86 24.79
C SER A 55 -11.38 -18.37 24.84
N GLY A 56 -11.92 -19.05 23.84
CA GLY A 56 -11.82 -20.50 23.76
C GLY A 56 -10.64 -20.98 22.93
N LEU A 57 -10.54 -20.48 21.70
CA LEU A 57 -9.45 -20.82 20.78
C LEU A 57 -8.70 -19.54 20.46
N LEU A 58 -7.75 -19.18 21.33
CA LEU A 58 -6.99 -17.95 21.15
C LEU A 58 -5.77 -18.02 22.06
N GLY A 59 -4.63 -17.62 21.51
CA GLY A 59 -3.38 -17.70 22.25
C GLY A 59 -3.25 -16.59 23.26
N PRO A 60 -2.24 -16.73 24.12
CA PRO A 60 -1.99 -15.70 25.14
C PRO A 60 -1.63 -14.37 24.49
N THR A 61 -1.97 -13.29 25.18
CA THR A 61 -1.68 -11.94 24.71
C THR A 61 -0.27 -11.56 25.14
N LEU A 62 0.55 -11.13 24.19
CA LEU A 62 1.88 -10.62 24.50
C LEU A 62 1.85 -9.10 24.49
N TYR A 63 2.56 -8.48 25.40
CA TYR A 63 2.59 -7.03 25.49
C TYR A 63 4.01 -6.54 25.69
N ALA A 64 4.29 -5.33 25.21
CA ALA A 64 5.63 -4.78 25.31
C ALA A 64 5.57 -3.26 25.29
N GLU A 65 6.66 -2.66 25.75
CA GLU A 65 6.83 -1.22 25.80
C GLU A 65 8.18 -0.85 25.20
N VAL A 66 8.26 0.35 24.61
CA VAL A 66 9.46 0.76 23.91
C VAL A 66 10.63 0.82 24.87
N GLY A 67 11.73 0.15 24.51
CA GLY A 67 12.92 0.10 25.33
C GLY A 67 13.15 -1.19 26.08
N ASP A 68 12.36 -2.23 25.81
CA ASP A 68 12.43 -3.49 26.52
C ASP A 68 12.88 -4.60 25.58
N ILE A 69 13.02 -5.81 26.14
CA ILE A 69 13.45 -6.99 25.39
C ILE A 69 12.50 -8.13 25.74
N ILE A 70 12.06 -8.87 24.73
CA ILE A 70 11.13 -9.98 24.91
C ILE A 70 11.89 -11.29 24.71
N LYS A 71 11.74 -12.20 25.67
CA LYS A 71 12.33 -13.53 25.60
C LYS A 71 11.21 -14.56 25.74
N VAL A 72 11.21 -15.56 24.86
CA VAL A 72 10.16 -16.56 24.79
C VAL A 72 10.80 -17.94 24.84
N HIS A 73 10.15 -18.88 25.53
CA HIS A 73 10.71 -20.20 25.78
C HIS A 73 9.84 -21.28 25.14
N PHE A 74 9.48 -21.09 23.87
CA PHE A 74 8.58 -22.00 23.18
C PHE A 74 9.10 -23.43 23.19
N LYS A 75 8.18 -24.37 23.40
CA LYS A 75 8.46 -25.80 23.28
C LYS A 75 7.26 -26.49 22.65
N ASN A 76 7.52 -27.62 22.01
CA ASN A 76 6.53 -28.33 21.22
C ASN A 76 6.05 -29.58 21.95
N LYS A 77 4.78 -29.92 21.74
CA LYS A 77 4.19 -31.10 22.36
C LYS A 77 3.28 -31.90 21.44
N ALA A 78 3.18 -31.54 20.16
CA ALA A 78 2.34 -32.24 19.20
C ALA A 78 3.20 -33.06 18.26
N ASP A 79 2.55 -33.79 17.37
CA ASP A 79 3.24 -34.63 16.37
C ASP A 79 3.42 -33.86 15.06
N LYS A 80 4.09 -32.72 15.16
CA LYS A 80 4.26 -31.84 14.00
C LYS A 80 5.34 -30.80 14.30
N PRO A 81 6.29 -30.59 13.40
CA PRO A 81 7.27 -29.51 13.60
C PRO A 81 6.61 -28.15 13.35
N LEU A 82 6.73 -27.26 14.33
CA LEU A 82 6.06 -25.97 14.28
C LEU A 82 7.04 -24.88 14.69
N SER A 83 6.63 -23.63 14.51
CA SER A 83 7.48 -22.48 14.82
C SER A 83 6.59 -21.31 15.24
N ILE A 84 7.17 -20.12 15.28
CA ILE A 84 6.46 -18.90 15.65
C ILE A 84 7.05 -17.75 14.84
N HIS A 85 6.20 -16.78 14.49
CA HIS A 85 6.63 -15.70 13.61
C HIS A 85 5.80 -14.44 13.85
N PRO A 86 6.39 -13.37 14.34
CA PRO A 86 5.66 -12.11 14.53
C PRO A 86 5.52 -11.37 13.20
N GLN A 87 4.87 -10.21 13.26
CA GLN A 87 4.51 -9.48 12.04
C GLN A 87 5.16 -8.12 11.94
N GLY A 88 5.14 -7.33 13.02
CA GLY A 88 5.61 -5.96 12.94
C GLY A 88 6.82 -5.64 13.79
N ILE A 89 7.80 -6.55 13.82
CA ILE A 89 9.01 -6.37 14.61
C ILE A 89 10.21 -6.36 13.66
N ARG A 90 11.28 -5.69 14.10
CA ARG A 90 12.54 -5.71 13.35
C ARG A 90 13.30 -6.98 13.70
N TYR A 91 13.41 -7.88 12.73
CA TYR A 91 13.94 -9.22 12.97
C TYR A 91 15.46 -9.22 13.02
N SER A 92 16.00 -10.42 13.19
CA SER A 92 17.39 -10.77 12.88
C SER A 92 17.37 -12.15 12.25
N LYS A 93 18.50 -12.55 11.68
CA LYS A 93 18.54 -13.84 11.00
C LYS A 93 18.46 -15.03 11.96
N LEU A 94 18.68 -14.79 13.25
CA LEU A 94 18.58 -15.83 14.26
C LEU A 94 17.23 -15.88 14.96
N SER A 95 16.33 -14.95 14.64
CA SER A 95 15.03 -14.90 15.31
C SER A 95 13.91 -14.57 14.33
N GLU A 96 14.03 -15.00 13.07
CA GLU A 96 13.00 -14.71 12.09
C GLU A 96 11.85 -15.71 12.17
N GLY A 97 12.14 -17.00 12.00
CA GLY A 97 11.14 -18.03 12.09
C GLY A 97 10.59 -18.51 10.76
N ALA A 98 11.18 -18.10 9.64
CA ALA A 98 10.72 -18.50 8.31
C ALA A 98 11.88 -19.09 7.53
N SER A 99 11.55 -19.98 6.60
CA SER A 99 12.54 -20.69 5.81
C SER A 99 12.34 -20.40 4.34
N TYR A 100 13.42 -19.96 3.67
CA TYR A 100 13.45 -19.79 2.23
C TYR A 100 14.91 -19.80 1.79
N LEU A 101 15.16 -19.43 0.54
CA LEU A 101 16.50 -19.44 -0.02
C LEU A 101 17.16 -18.10 0.30
N ASP A 102 18.03 -18.09 1.32
CA ASP A 102 18.73 -16.88 1.73
C ASP A 102 20.24 -17.08 1.89
N HIS A 103 20.75 -18.27 1.56
CA HIS A 103 22.18 -18.56 1.61
C HIS A 103 22.74 -18.35 3.02
N THR A 104 22.24 -19.16 3.95
CA THR A 104 22.63 -19.08 5.35
C THR A 104 23.32 -20.37 5.78
N PHE A 105 24.23 -20.24 6.74
CA PHE A 105 24.99 -21.37 7.24
C PHE A 105 24.11 -22.26 8.11
N PRO A 106 24.50 -23.52 8.33
CA PRO A 106 23.64 -24.43 9.11
C PRO A 106 23.36 -23.98 10.53
N ALA A 107 24.25 -23.18 11.13
CA ALA A 107 24.00 -22.69 12.49
C ALA A 107 22.85 -21.70 12.55
N GLU A 108 22.41 -21.17 11.42
CA GLU A 108 21.33 -20.19 11.36
C GLU A 108 19.97 -20.83 11.06
N LYS A 109 19.91 -22.16 10.96
CA LYS A 109 18.73 -22.87 10.48
C LYS A 109 18.02 -23.62 11.60
N MET A 110 17.92 -23.04 12.79
CA MET A 110 17.21 -23.66 13.89
C MET A 110 15.80 -23.11 14.09
N ASP A 111 15.57 -21.86 13.68
CA ASP A 111 14.25 -21.26 13.85
C ASP A 111 13.20 -21.86 12.93
N ASP A 112 13.63 -22.55 11.87
CA ASP A 112 12.70 -22.98 10.83
C ASP A 112 11.67 -23.97 11.36
N ALA A 113 12.11 -24.92 12.18
CA ALA A 113 11.20 -25.93 12.73
C ALA A 113 11.87 -26.59 13.92
N VAL A 114 11.10 -26.85 14.97
CA VAL A 114 11.57 -27.56 16.15
C VAL A 114 10.97 -28.95 16.17
N ALA A 115 11.74 -29.90 16.68
CA ALA A 115 11.29 -31.29 16.70
C ALA A 115 10.28 -31.52 17.81
N PRO A 116 9.39 -32.50 17.66
CA PRO A 116 8.44 -32.81 18.75
C PRO A 116 9.17 -33.28 19.99
N GLY A 117 9.02 -32.52 21.07
CA GLY A 117 9.69 -32.81 22.31
C GLY A 117 10.94 -32.01 22.59
N ARG A 118 11.25 -31.01 21.78
CA ARG A 118 12.40 -30.15 21.98
C ARG A 118 11.95 -28.70 22.06
N GLU A 119 12.86 -27.82 22.46
CA GLU A 119 12.52 -26.43 22.72
C GLU A 119 13.62 -25.50 22.21
N TYR A 120 13.23 -24.24 22.04
CA TYR A 120 14.13 -23.19 21.60
C TYR A 120 13.69 -21.87 22.22
N THR A 121 14.61 -20.90 22.23
CA THR A 121 14.37 -19.60 22.85
C THR A 121 14.39 -18.51 21.78
N TYR A 122 13.40 -17.64 21.81
CA TYR A 122 13.30 -16.53 20.86
C TYR A 122 13.55 -15.22 21.59
N GLU A 123 14.36 -14.35 20.99
CA GLU A 123 14.70 -13.06 21.58
C GLU A 123 14.41 -11.94 20.60
N TRP A 124 13.67 -10.92 21.05
CA TRP A 124 13.34 -9.76 20.24
C TRP A 124 13.66 -8.49 21.00
N SER A 125 14.12 -7.48 20.29
CA SER A 125 14.42 -6.17 20.85
C SER A 125 13.62 -5.10 20.13
N ILE A 126 13.12 -4.14 20.90
CA ILE A 126 12.26 -3.08 20.37
C ILE A 126 13.00 -1.75 20.47
N SER A 127 12.83 -0.92 19.44
CA SER A 127 13.56 0.33 19.32
C SER A 127 12.58 1.46 19.00
N GLU A 128 13.14 2.66 18.81
CA GLU A 128 12.32 3.84 18.54
C GLU A 128 11.57 3.74 17.22
N ASP A 129 12.22 3.24 16.17
CA ASP A 129 11.60 3.25 14.85
C ASP A 129 10.38 2.35 14.80
N SER A 130 10.45 1.18 15.42
CA SER A 130 9.29 0.30 15.54
C SER A 130 8.50 0.71 16.78
N GLY A 131 8.07 1.96 16.79
CA GLY A 131 7.42 2.53 17.94
C GLY A 131 6.06 3.12 17.63
N PRO A 132 5.24 3.27 18.68
CA PRO A 132 3.88 3.81 18.51
C PRO A 132 3.76 5.31 18.73
N THR A 133 4.85 6.05 18.83
CA THR A 133 4.81 7.46 19.21
C THR A 133 4.79 8.37 17.97
N HIS A 134 3.77 8.18 17.13
CA HIS A 134 3.50 9.08 16.02
C HIS A 134 2.02 9.45 16.05
N ASP A 135 1.67 10.44 16.88
CA ASP A 135 0.35 11.07 16.93
C ASP A 135 -0.80 10.10 16.70
N ASP A 136 -0.90 9.06 17.53
CA ASP A 136 -1.86 7.99 17.32
C ASP A 136 -2.12 7.32 18.67
N PRO A 137 -3.10 6.43 18.74
CA PRO A 137 -3.42 5.82 20.03
C PRO A 137 -2.21 5.09 20.60
N PRO A 138 -2.06 5.07 21.93
CA PRO A 138 -0.78 4.65 22.52
C PRO A 138 -0.33 3.25 22.14
N CYS A 139 -1.24 2.30 22.01
CA CYS A 139 -0.87 0.90 21.85
C CYS A 139 -1.39 0.37 20.51
N LEU A 140 -0.48 -0.21 19.73
CA LEU A 140 -0.81 -0.86 18.47
C LEU A 140 -0.84 -2.37 18.66
N THR A 141 -1.62 -3.04 17.81
CA THR A 141 -1.82 -4.48 17.88
C THR A 141 -1.35 -5.16 16.61
N HIS A 142 -0.87 -6.39 16.75
CA HIS A 142 -0.41 -7.22 15.65
C HIS A 142 -0.77 -8.66 15.97
N ILE A 143 -0.60 -9.53 14.97
CA ILE A 143 -0.94 -10.94 15.10
C ILE A 143 0.30 -11.79 14.81
N TYR A 144 0.46 -12.87 15.57
CA TYR A 144 1.53 -13.83 15.34
C TYR A 144 0.93 -15.22 15.17
N TYR A 145 1.57 -16.00 14.30
CA TYR A 145 1.08 -17.32 13.88
C TYR A 145 2.29 -18.20 13.56
N SER A 146 2.04 -19.30 12.87
CA SER A 146 3.08 -20.24 12.48
C SER A 146 3.39 -20.10 10.99
N HIS A 147 4.68 -20.16 10.66
CA HIS A 147 5.14 -19.97 9.29
C HIS A 147 5.57 -21.27 8.61
N GLU A 148 5.49 -22.40 9.30
CA GLU A 148 5.95 -23.66 8.71
C GLU A 148 5.05 -24.10 7.56
N ASN A 149 3.73 -23.97 7.73
CA ASN A 149 2.78 -24.35 6.69
C ASN A 149 1.56 -23.45 6.84
N LEU A 150 1.47 -22.42 6.00
CA LEU A 150 0.47 -21.37 6.19
C LEU A 150 -0.94 -21.93 6.07
N ILE A 151 -1.19 -22.80 5.10
CA ILE A 151 -2.55 -23.27 4.85
C ILE A 151 -3.02 -24.19 5.98
N GLU A 152 -2.17 -25.12 6.40
CA GLU A 152 -2.60 -26.16 7.33
C GLU A 152 -2.46 -25.77 8.79
N ASP A 153 -1.55 -24.86 9.14
CA ASP A 153 -1.36 -24.49 10.53
C ASP A 153 -2.49 -23.59 11.04
N PHE A 154 -2.93 -22.63 10.22
CA PHE A 154 -3.97 -21.71 10.65
C PHE A 154 -5.31 -22.42 10.87
N ASN A 155 -5.66 -23.34 9.97
CA ASN A 155 -6.96 -23.99 10.03
C ASN A 155 -7.11 -24.90 11.25
N SER A 156 -6.02 -25.18 11.96
CA SER A 156 -6.07 -25.94 13.20
C SER A 156 -5.91 -25.06 14.44
N GLY A 157 -5.88 -23.74 14.27
CA GLY A 157 -5.72 -22.82 15.37
C GLY A 157 -4.44 -22.00 15.22
N LEU A 158 -3.71 -21.87 16.33
CA LEU A 158 -2.37 -21.25 16.36
C LEU A 158 -2.42 -19.79 15.89
N ILE A 159 -3.12 -18.98 16.70
CA ILE A 159 -3.21 -17.54 16.47
C ILE A 159 -3.03 -16.83 17.80
N GLY A 160 -2.25 -15.74 17.80
CA GLY A 160 -2.03 -14.99 19.01
C GLY A 160 -1.89 -13.49 18.81
N PRO A 161 -2.33 -12.70 19.80
CA PRO A 161 -2.20 -11.24 19.70
C PRO A 161 -0.97 -10.66 20.39
N LEU A 162 -0.46 -9.55 19.83
CA LEU A 162 0.71 -8.84 20.33
C LEU A 162 0.39 -7.35 20.41
N LEU A 163 0.84 -6.70 21.47
CA LEU A 163 0.57 -5.29 21.72
C LEU A 163 1.86 -4.55 22.03
N ILE A 164 1.99 -3.35 21.47
CA ILE A 164 3.14 -2.48 21.73
C ILE A 164 2.61 -1.13 22.17
N CYS A 165 3.13 -0.63 23.30
CA CYS A 165 2.60 0.60 23.88
C CYS A 165 3.67 1.67 23.93
N LYS A 166 3.25 2.91 24.21
CA LYS A 166 4.15 4.05 24.29
C LYS A 166 4.94 3.99 25.59
N LYS A 167 5.72 5.03 25.85
CA LYS A 167 6.57 5.10 27.03
C LYS A 167 5.79 5.72 28.19
N GLY A 168 5.65 4.97 29.27
CA GLY A 168 5.07 5.48 30.50
C GLY A 168 3.62 5.13 30.75
N THR A 169 2.99 4.33 29.88
CA THR A 169 1.59 3.94 30.06
C THR A 169 1.52 2.41 30.08
N LEU A 170 1.77 1.83 31.24
CA LEU A 170 1.65 0.40 31.46
C LEU A 170 1.86 0.11 32.93
N THR A 171 1.18 -0.92 33.43
CA THR A 171 1.29 -1.35 34.82
C THR A 171 1.94 -2.72 34.89
N GLU A 172 2.05 -3.24 36.12
CA GLU A 172 2.69 -4.53 36.31
C GLU A 172 1.92 -5.66 35.65
N GLY A 173 0.59 -5.63 35.76
CA GLY A 173 -0.23 -6.69 35.22
C GLY A 173 -0.55 -6.60 33.74
N GLY A 174 -0.04 -5.59 33.05
CA GLY A 174 -0.33 -5.40 31.64
C GLY A 174 -1.46 -4.46 31.34
N THR A 175 -1.98 -3.76 32.33
CA THR A 175 -3.08 -2.82 32.14
C THR A 175 -2.54 -1.39 32.09
N GLN A 176 -3.34 -0.51 31.49
CA GLN A 176 -2.94 0.88 31.33
C GLN A 176 -3.26 1.66 32.61
N LYS A 177 -3.14 2.99 32.53
CA LYS A 177 -3.38 3.85 33.68
C LYS A 177 -4.67 4.66 33.60
N THR A 178 -5.27 4.78 32.41
CA THR A 178 -6.46 5.60 32.21
C THR A 178 -7.69 4.78 31.87
N PHE A 179 -7.62 3.95 30.85
CA PHE A 179 -8.78 3.18 30.42
C PHE A 179 -9.19 2.17 31.49
N ASP A 180 -10.47 1.81 31.48
CA ASP A 180 -11.00 0.90 32.49
C ASP A 180 -11.03 -0.55 32.01
N LYS A 181 -11.41 -0.80 30.76
CA LYS A 181 -11.53 -2.15 30.27
C LYS A 181 -10.93 -2.25 28.86
N GLN A 182 -10.25 -3.37 28.61
CA GLN A 182 -9.70 -3.71 27.31
C GLN A 182 -10.35 -5.00 26.83
N ILE A 183 -10.92 -4.98 25.63
CA ILE A 183 -11.61 -6.12 25.07
C ILE A 183 -11.03 -6.43 23.70
N VAL A 184 -10.72 -7.70 23.44
CA VAL A 184 -10.17 -8.14 22.17
C VAL A 184 -11.18 -9.08 21.51
N LEU A 185 -11.37 -8.91 20.19
CA LEU A 185 -12.32 -9.72 19.44
C LEU A 185 -11.64 -10.33 18.22
N LEU A 186 -12.13 -11.51 17.83
CA LEU A 186 -11.61 -12.23 16.68
C LEU A 186 -12.75 -12.77 15.85
N PHE A 187 -12.70 -12.55 14.55
CA PHE A 187 -13.67 -13.09 13.59
C PHE A 187 -12.91 -13.99 12.61
N ALA A 188 -13.44 -15.19 12.35
CA ALA A 188 -12.70 -16.13 11.52
C ALA A 188 -13.65 -17.07 10.81
N VAL A 189 -13.11 -17.74 9.80
CA VAL A 189 -13.81 -18.81 9.09
C VAL A 189 -12.88 -20.02 9.09
N PHE A 190 -13.38 -21.15 9.61
CA PHE A 190 -12.59 -22.37 9.71
C PHE A 190 -13.11 -23.40 8.71
N ASP A 191 -12.20 -23.93 7.90
CA ASP A 191 -12.51 -24.94 6.90
C ASP A 191 -11.85 -26.25 7.32
N GLU A 192 -12.68 -27.24 7.66
CA GLU A 192 -12.16 -28.50 8.18
C GLU A 192 -11.57 -29.38 7.08
N SER A 193 -11.94 -29.14 5.82
CA SER A 193 -11.45 -29.99 4.74
C SER A 193 -9.94 -29.85 4.53
N LYS A 194 -9.39 -28.66 4.74
CA LYS A 194 -7.96 -28.41 4.64
C LYS A 194 -7.43 -28.26 6.06
N SER A 195 -7.09 -29.37 6.70
CA SER A 195 -6.65 -29.36 8.08
C SER A 195 -5.79 -30.59 8.33
N TRP A 196 -5.40 -30.78 9.59
CA TRP A 196 -4.64 -31.97 9.97
C TRP A 196 -5.46 -33.23 9.74
N SER A 197 -6.75 -33.20 10.09
CA SER A 197 -7.66 -34.30 9.84
C SER A 197 -8.55 -33.94 8.67
N GLN A 198 -8.74 -34.89 7.75
CA GLN A 198 -9.53 -34.67 6.55
C GLN A 198 -11.00 -34.99 6.84
N SER A 199 -11.84 -33.96 6.77
CA SER A 199 -13.27 -34.09 6.99
C SER A 199 -13.97 -33.06 6.13
N SER A 200 -15.24 -32.79 6.44
CA SER A 200 -16.01 -31.79 5.71
C SER A 200 -16.83 -30.99 6.70
N SER A 201 -16.40 -29.75 6.98
CA SER A 201 -17.12 -28.85 7.88
C SER A 201 -16.60 -27.43 7.65
N LEU A 202 -17.52 -26.50 7.44
CA LEU A 202 -17.18 -25.09 7.25
C LEU A 202 -17.93 -24.26 8.29
N MET A 203 -17.18 -23.55 9.13
CA MET A 203 -17.76 -22.84 10.27
C MET A 203 -17.39 -21.36 10.21
N TYR A 204 -18.37 -20.51 10.51
CA TYR A 204 -18.14 -19.09 10.71
C TYR A 204 -18.12 -18.83 12.22
N THR A 205 -17.03 -18.25 12.71
CA THR A 205 -16.74 -18.32 14.14
C THR A 205 -16.34 -16.95 14.69
N VAL A 206 -16.85 -16.64 15.88
CA VAL A 206 -16.35 -15.58 16.73
C VAL A 206 -15.65 -16.24 17.90
N ASN A 207 -14.34 -16.00 18.02
CA ASN A 207 -13.49 -16.74 18.97
C ASN A 207 -13.53 -18.23 18.65
N GLY A 208 -14.39 -18.98 19.34
CA GLY A 208 -14.50 -20.40 19.09
C GLY A 208 -15.91 -20.95 19.13
N TYR A 209 -16.90 -20.14 18.75
CA TYR A 209 -18.30 -20.50 18.93
C TYR A 209 -19.09 -20.25 17.65
N VAL A 210 -20.11 -21.08 17.43
CA VAL A 210 -20.92 -21.06 16.22
C VAL A 210 -22.38 -20.97 16.61
N ASN A 211 -23.18 -20.31 15.75
CA ASN A 211 -24.63 -20.16 15.91
C ASN A 211 -25.00 -19.23 17.05
N GLY A 212 -24.15 -18.25 17.33
CA GLY A 212 -24.48 -17.24 18.33
C GLY A 212 -24.54 -17.73 19.76
N THR A 213 -23.82 -18.80 20.08
CA THR A 213 -23.77 -19.33 21.45
C THR A 213 -22.46 -18.86 22.07
N MET A 214 -22.49 -17.66 22.66
CA MET A 214 -21.32 -17.09 23.30
C MET A 214 -21.72 -16.54 24.67
N PRO A 215 -20.87 -16.73 25.68
CA PRO A 215 -21.17 -16.13 26.99
C PRO A 215 -21.25 -14.62 26.91
N ASP A 216 -22.13 -14.05 27.72
CA ASP A 216 -22.40 -12.62 27.66
C ASP A 216 -21.21 -11.83 28.20
N ILE A 217 -21.09 -10.60 27.71
CA ILE A 217 -20.07 -9.65 28.16
C ILE A 217 -20.78 -8.56 28.93
N THR A 218 -20.54 -8.51 30.24
CA THR A 218 -21.24 -7.60 31.13
C THR A 218 -20.31 -6.46 31.55
N VAL A 219 -20.80 -5.22 31.41
CA VAL A 219 -20.05 -4.04 31.81
C VAL A 219 -20.98 -3.10 32.57
N CYS A 220 -20.40 -2.06 33.17
CA CYS A 220 -21.17 -1.04 33.85
C CYS A 220 -21.58 0.06 32.88
N ALA A 221 -22.20 1.09 33.44
CA ALA A 221 -22.75 2.19 32.65
C ALA A 221 -21.80 3.37 32.61
N HIS A 222 -21.72 4.02 31.45
CA HIS A 222 -20.94 5.24 31.25
C HIS A 222 -19.48 5.02 31.61
N ASP A 223 -18.83 4.13 30.85
CA ASP A 223 -17.44 3.77 31.09
C ASP A 223 -16.69 3.76 29.77
N HIS A 224 -15.38 3.96 29.86
CA HIS A 224 -14.51 4.03 28.68
C HIS A 224 -13.93 2.65 28.41
N ILE A 225 -14.05 2.20 27.16
CA ILE A 225 -13.62 0.87 26.74
C ILE A 225 -12.64 1.01 25.59
N SER A 226 -11.61 0.16 25.58
CA SER A 226 -10.66 0.10 24.48
C SER A 226 -10.79 -1.26 23.79
N TRP A 227 -11.01 -1.22 22.48
CA TRP A 227 -11.30 -2.41 21.69
C TRP A 227 -10.14 -2.73 20.76
N HIS A 228 -9.82 -4.02 20.65
CA HIS A 228 -8.79 -4.52 19.74
C HIS A 228 -9.43 -5.54 18.81
N LEU A 229 -9.57 -5.17 17.54
CA LEU A 229 -10.29 -5.97 16.56
C LEU A 229 -9.31 -6.61 15.58
N LEU A 230 -9.44 -7.91 15.39
CA LEU A 230 -8.66 -8.67 14.43
C LEU A 230 -9.58 -9.28 13.38
N GLY A 231 -8.99 -10.06 12.48
CA GLY A 231 -9.72 -10.77 11.46
C GLY A 231 -8.79 -11.55 10.55
N MET A 232 -9.12 -12.81 10.28
CA MET A 232 -8.20 -13.65 9.52
C MET A 232 -8.96 -14.82 8.91
N SER A 233 -8.59 -15.16 7.67
CA SER A 233 -9.11 -16.34 7.00
C SER A 233 -8.09 -16.78 5.95
N SER A 234 -8.21 -18.03 5.52
CA SER A 234 -7.27 -18.57 4.54
C SER A 234 -7.52 -18.08 3.13
N GLY A 235 -8.67 -17.44 2.88
CA GLY A 235 -8.98 -16.93 1.57
C GLY A 235 -9.38 -15.47 1.61
N PRO A 236 -9.82 -14.93 0.46
CA PRO A 236 -10.21 -13.52 0.40
C PRO A 236 -11.59 -13.30 1.03
N GLU A 237 -11.61 -12.55 2.13
CA GLU A 237 -12.85 -12.25 2.83
C GLU A 237 -12.78 -10.84 3.39
N LEU A 238 -13.96 -10.27 3.65
CA LEU A 238 -14.07 -8.93 4.20
C LEU A 238 -15.15 -8.92 5.28
N PHE A 239 -15.02 -8.00 6.24
CA PHE A 239 -15.94 -7.90 7.35
C PHE A 239 -16.36 -6.46 7.56
N SER A 240 -17.64 -6.26 7.91
CA SER A 240 -18.21 -4.95 8.18
C SER A 240 -18.93 -5.03 9.52
N ILE A 241 -18.19 -4.80 10.60
CA ILE A 241 -18.72 -4.93 11.95
C ILE A 241 -19.52 -3.68 12.31
N HIS A 242 -20.62 -3.87 13.03
CA HIS A 242 -21.48 -2.78 13.46
C HIS A 242 -21.89 -2.97 14.91
N PHE A 243 -21.86 -1.89 15.67
CA PHE A 243 -22.32 -1.88 17.06
C PHE A 243 -23.67 -1.17 17.14
N ASN A 244 -24.67 -1.86 17.68
CA ASN A 244 -26.02 -1.32 17.70
C ASN A 244 -26.14 -0.21 18.74
N GLY A 245 -26.60 0.96 18.29
CA GLY A 245 -26.83 2.08 19.18
C GLY A 245 -25.58 2.63 19.83
N GLN A 246 -24.46 2.65 19.11
CA GLN A 246 -23.20 3.15 19.65
C GLN A 246 -22.44 3.88 18.55
N VAL A 247 -21.48 4.71 18.97
CA VAL A 247 -20.59 5.42 18.06
C VAL A 247 -19.16 5.23 18.53
N LEU A 248 -18.23 5.26 17.58
CA LEU A 248 -16.82 5.04 17.86
C LEU A 248 -15.98 6.13 17.19
N GLU A 249 -14.75 6.28 17.67
CA GLU A 249 -13.79 7.20 17.09
C GLU A 249 -12.56 6.42 16.63
N GLN A 250 -12.19 6.61 15.38
CA GLN A 250 -11.06 5.88 14.78
C GLN A 250 -10.30 6.83 13.86
N ASN A 251 -9.00 6.99 14.14
CA ASN A 251 -8.11 7.79 13.31
C ASN A 251 -8.68 9.19 13.08
N HIS A 252 -9.10 9.83 14.17
CA HIS A 252 -9.67 11.18 14.15
C HIS A 252 -10.90 11.27 13.25
N HIS A 253 -11.68 10.19 13.17
CA HIS A 253 -12.92 10.17 12.41
C HIS A 253 -14.00 9.49 13.23
N LYS A 254 -15.17 10.12 13.32
CA LYS A 254 -16.29 9.54 14.04
C LYS A 254 -17.03 8.59 13.11
N VAL A 255 -17.07 7.31 13.48
CA VAL A 255 -17.65 6.27 12.63
C VAL A 255 -18.61 5.42 13.46
N SER A 256 -19.46 4.69 12.74
CA SER A 256 -20.39 3.74 13.35
C SER A 256 -20.25 2.33 12.80
N ALA A 257 -19.46 2.13 11.75
CA ALA A 257 -19.19 0.81 11.20
C ALA A 257 -17.70 0.66 10.95
N ILE A 258 -17.17 -0.53 11.16
CA ILE A 258 -15.75 -0.80 11.04
C ILE A 258 -15.54 -1.81 9.91
N THR A 259 -14.69 -1.47 8.96
CA THR A 259 -14.41 -2.32 7.81
C THR A 259 -13.04 -2.95 7.97
N LEU A 260 -12.96 -4.27 7.79
CA LEU A 260 -11.72 -5.01 7.94
C LEU A 260 -11.57 -6.01 6.81
N VAL A 261 -10.30 -6.34 6.51
CA VAL A 261 -9.95 -7.33 5.52
C VAL A 261 -9.08 -8.38 6.22
N SER A 262 -8.94 -9.54 5.56
CA SER A 262 -8.23 -10.65 6.17
C SER A 262 -6.80 -10.25 6.55
N ALA A 263 -6.36 -10.72 7.72
CA ALA A 263 -5.02 -10.47 8.25
C ALA A 263 -4.77 -8.99 8.47
N THR A 264 -5.66 -8.38 9.27
CA THR A 264 -5.53 -6.98 9.65
C THR A 264 -5.93 -6.81 11.11
N SER A 265 -5.46 -5.73 11.72
CA SER A 265 -5.74 -5.43 13.11
C SER A 265 -6.05 -3.95 13.26
N THR A 266 -6.79 -3.62 14.32
CA THR A 266 -7.23 -2.24 14.53
C THR A 266 -7.51 -2.03 16.01
N THR A 267 -7.30 -0.79 16.46
CA THR A 267 -7.63 -0.37 17.82
C THR A 267 -8.72 0.70 17.76
N ALA A 268 -9.55 0.74 18.80
CA ALA A 268 -10.66 1.69 18.83
C ALA A 268 -10.97 2.09 20.27
N ASN A 269 -11.62 3.25 20.39
CA ASN A 269 -12.02 3.82 21.67
C ASN A 269 -13.54 3.93 21.71
N MET A 270 -14.14 3.73 22.88
CA MET A 270 -15.60 3.69 22.96
C MET A 270 -16.06 4.19 24.33
N THR A 271 -17.24 4.81 24.32
CA THR A 271 -17.99 5.12 25.54
C THR A 271 -19.36 4.49 25.43
N VAL A 272 -19.83 3.89 26.52
CA VAL A 272 -21.04 3.08 26.49
C VAL A 272 -22.25 3.91 26.89
N GLY A 273 -23.44 3.40 26.54
CA GLY A 273 -24.68 4.08 26.83
C GLY A 273 -25.22 3.78 28.22
N PRO A 274 -26.44 4.24 28.51
CA PRO A 274 -26.98 4.11 29.87
C PRO A 274 -27.18 2.67 30.35
N GLU A 275 -28.01 1.89 29.64
CA GLU A 275 -28.35 0.53 30.07
C GLU A 275 -28.81 -0.26 28.86
N GLY A 276 -29.01 -1.55 29.08
CA GLY A 276 -29.67 -2.41 28.11
C GLY A 276 -28.79 -3.57 27.66
N LYS A 277 -29.40 -4.43 26.86
CA LYS A 277 -28.74 -5.57 26.23
C LYS A 277 -28.79 -5.38 24.72
N TRP A 278 -27.63 -5.45 24.08
CA TRP A 278 -27.51 -5.14 22.66
C TRP A 278 -26.77 -6.26 21.93
N ILE A 279 -26.97 -6.28 20.62
CA ILE A 279 -26.37 -7.26 19.72
C ILE A 279 -25.29 -6.58 18.89
N ILE A 280 -24.24 -7.33 18.57
CA ILE A 280 -23.19 -6.86 17.67
C ILE A 280 -22.94 -7.93 16.62
N SER A 281 -22.82 -7.51 15.36
CA SER A 281 -22.72 -8.44 14.25
C SER A 281 -22.15 -7.71 13.04
N SER A 282 -21.98 -8.48 11.96
CA SER A 282 -21.52 -7.94 10.68
C SER A 282 -22.72 -7.53 9.83
N LEU A 283 -22.44 -7.04 8.63
CA LEU A 283 -23.49 -6.60 7.72
C LEU A 283 -23.43 -7.25 6.33
N THR A 284 -22.41 -8.06 6.06
CA THR A 284 -22.37 -8.78 4.78
C THR A 284 -23.42 -9.87 4.77
N PRO A 285 -24.25 -9.96 3.72
CA PRO A 285 -25.34 -10.96 3.72
C PRO A 285 -24.87 -12.38 3.94
N LYS A 286 -23.68 -12.73 3.46
CA LYS A 286 -23.14 -14.06 3.72
C LYS A 286 -23.01 -14.32 5.21
N HIS A 287 -22.66 -13.30 5.98
CA HIS A 287 -22.57 -13.44 7.43
C HIS A 287 -23.94 -13.45 8.09
N LEU A 288 -24.91 -12.70 7.55
CA LEU A 288 -26.26 -12.72 8.09
C LEU A 288 -26.95 -14.06 7.84
N GLN A 289 -26.56 -14.78 6.79
CA GLN A 289 -27.12 -16.11 6.58
C GLN A 289 -26.77 -17.04 7.74
N ALA A 290 -25.54 -16.95 8.25
CA ALA A 290 -25.14 -17.69 9.43
C ALA A 290 -25.39 -16.83 10.67
N GLY A 291 -24.95 -17.30 11.84
CA GLY A 291 -25.18 -16.55 13.05
C GLY A 291 -24.37 -15.27 13.15
N MET A 292 -23.07 -15.42 13.36
CA MET A 292 -22.13 -14.29 13.45
C MET A 292 -22.66 -13.16 14.32
N GLN A 293 -22.87 -13.48 15.60
CA GLN A 293 -23.47 -12.54 16.54
C GLN A 293 -22.77 -12.63 17.88
N ALA A 294 -22.82 -11.52 18.63
CA ALA A 294 -22.35 -11.51 20.01
C ALA A 294 -23.20 -10.55 20.81
N TYR A 295 -23.24 -10.77 22.12
CA TYR A 295 -24.13 -10.03 23.02
C TYR A 295 -23.32 -9.14 23.95
N ILE A 296 -23.90 -8.00 24.30
CA ILE A 296 -23.31 -7.09 25.28
C ILE A 296 -24.39 -6.65 26.25
N ASP A 297 -24.07 -6.64 27.54
CA ASP A 297 -25.01 -6.28 28.58
C ASP A 297 -24.44 -5.15 29.42
N ILE A 298 -25.25 -4.14 29.70
CA ILE A 298 -24.86 -2.99 30.51
C ILE A 298 -25.71 -2.98 31.76
N LYS A 299 -25.06 -2.99 32.92
CA LYS A 299 -25.75 -2.98 34.21
C LYS A 299 -25.50 -1.65 34.92
N ASN A 300 -26.24 -1.46 36.01
CA ASN A 300 -26.13 -0.24 36.81
C ASN A 300 -25.28 -0.53 38.04
N CYS A 301 -23.97 -0.45 37.85
CA CYS A 301 -23.05 -0.69 38.96
C CYS A 301 -23.21 0.40 40.01
N PRO A 302 -23.21 0.05 41.30
CA PRO A 302 -23.59 1.01 42.34
C PRO A 302 -22.45 1.91 42.78
N LYS A 303 -22.83 3.14 43.15
CA LYS A 303 -21.95 4.12 43.77
C LYS A 303 -20.89 4.64 42.82
N LYS A 304 -20.83 4.08 41.61
CA LYS A 304 -19.91 4.55 40.58
C LYS A 304 -20.58 5.56 39.65
N THR A 305 -21.82 5.94 39.94
CA THR A 305 -22.57 6.88 39.12
C THR A 305 -21.77 8.15 38.88
N ARG A 306 -21.43 8.40 37.61
CA ARG A 306 -20.65 9.56 37.22
C ARG A 306 -21.51 10.81 37.05
N ASN A 307 -22.70 10.80 37.65
CA ASN A 307 -23.68 11.89 37.63
C ASN A 307 -24.18 12.18 36.23
N LEU A 308 -23.83 11.35 35.25
CA LEU A 308 -24.32 11.51 33.88
C LEU A 308 -24.15 10.19 33.17
N LYS A 309 -25.26 9.51 32.86
CA LYS A 309 -25.21 8.30 32.04
C LYS A 309 -25.61 8.61 30.60
N LYS A 310 -26.85 9.06 30.38
CA LYS A 310 -27.23 9.71 29.14
C LYS A 310 -28.49 10.52 29.43
N ILE A 311 -28.35 11.82 29.61
CA ILE A 311 -29.51 12.69 29.85
C ILE A 311 -29.14 14.12 29.51
N THR A 312 -30.03 14.78 28.77
CA THR A 312 -29.93 16.21 28.46
C THR A 312 -31.34 16.77 28.38
N ARG A 313 -31.61 17.83 29.13
CA ARG A 313 -32.96 18.37 29.21
C ARG A 313 -33.26 19.25 28.00
N GLU A 314 -34.50 19.72 27.92
CA GLU A 314 -34.99 20.46 26.76
C GLU A 314 -34.92 21.96 27.08
N GLN A 315 -33.73 22.52 26.90
CA GLN A 315 -33.51 23.96 27.06
C GLN A 315 -32.66 24.47 25.90
N ARG A 316 -33.08 24.11 24.69
CA ARG A 316 -32.38 24.50 23.46
C ARG A 316 -33.13 25.64 22.81
N ARG A 317 -32.40 26.70 22.44
CA ARG A 317 -33.04 27.88 21.86
C ARG A 317 -33.72 27.55 20.54
N HIS A 318 -33.07 26.78 19.69
CA HIS A 318 -33.62 26.37 18.40
C HIS A 318 -33.86 24.87 18.44
N MET A 319 -35.00 24.46 18.97
CA MET A 319 -35.34 23.06 19.11
C MET A 319 -35.86 22.52 17.79
N LYS A 320 -35.35 21.36 17.38
CA LYS A 320 -35.65 20.76 16.10
C LYS A 320 -36.64 19.60 16.19
N ARG A 321 -37.29 19.41 17.35
CA ARG A 321 -38.19 18.27 17.47
C ARG A 321 -39.50 18.49 16.72
N TRP A 322 -39.95 19.74 16.65
CA TRP A 322 -41.15 20.17 15.94
C TRP A 322 -42.27 19.13 16.01
N GLU A 323 -42.87 18.83 14.87
CA GLU A 323 -43.84 17.73 14.74
C GLU A 323 -43.52 17.05 13.42
N TYR A 324 -42.61 16.07 13.46
CA TYR A 324 -42.28 15.34 12.23
C TYR A 324 -43.26 14.19 12.06
N PHE A 325 -43.81 14.04 10.86
CA PHE A 325 -44.78 13.00 10.58
C PHE A 325 -44.31 12.16 9.40
N ILE A 326 -44.36 10.84 9.56
CA ILE A 326 -44.11 9.92 8.45
C ILE A 326 -45.15 8.81 8.51
N ALA A 327 -45.23 8.04 7.43
CA ALA A 327 -46.12 6.87 7.41
C ALA A 327 -45.53 5.82 6.48
N ALA A 328 -45.95 4.58 6.68
CA ALA A 328 -45.55 3.46 5.82
C ALA A 328 -46.81 2.98 5.10
N GLU A 329 -46.90 3.28 3.81
CA GLU A 329 -48.11 3.04 3.05
C GLU A 329 -47.81 2.19 1.82
N GLU A 330 -48.76 1.31 1.48
CA GLU A 330 -48.63 0.47 0.30
C GLU A 330 -48.78 1.31 -0.96
N VAL A 331 -48.22 0.79 -2.06
CA VAL A 331 -48.19 1.51 -3.33
C VAL A 331 -47.92 0.50 -4.44
N ILE A 332 -48.33 0.86 -5.66
CA ILE A 332 -48.00 0.12 -6.87
C ILE A 332 -46.88 0.86 -7.58
N TRP A 333 -45.79 0.16 -7.88
CA TRP A 333 -44.58 0.74 -8.42
C TRP A 333 -44.34 0.26 -9.85
N ASP A 334 -44.00 1.19 -10.72
CA ASP A 334 -43.62 0.91 -12.10
C ASP A 334 -42.14 1.27 -12.26
N TYR A 335 -41.34 0.28 -12.66
CA TYR A 335 -39.89 0.47 -12.68
C TYR A 335 -39.44 1.32 -13.87
N ALA A 336 -40.14 1.24 -14.99
CA ALA A 336 -39.76 2.00 -16.18
C ALA A 336 -40.74 3.15 -16.39
N PRO A 337 -40.35 4.38 -16.06
CA PRO A 337 -41.27 5.52 -16.25
C PRO A 337 -41.19 6.11 -17.64
N VAL A 338 -40.62 5.36 -18.58
CA VAL A 338 -40.47 5.85 -19.94
C VAL A 338 -41.75 5.74 -20.76
N ILE A 339 -42.64 4.81 -20.41
CA ILE A 339 -43.88 4.66 -21.16
C ILE A 339 -44.84 5.83 -20.91
N PRO A 340 -44.81 6.54 -19.74
CA PRO A 340 -45.44 7.87 -19.72
C PRO A 340 -44.61 8.85 -20.53
N ALA A 341 -45.17 10.00 -20.90
CA ALA A 341 -44.41 10.92 -21.75
C ALA A 341 -43.16 11.41 -21.02
N ASN A 342 -43.32 12.25 -20.00
CA ASN A 342 -42.22 12.56 -19.10
C ASN A 342 -42.70 12.85 -17.67
N MET A 343 -43.83 12.25 -17.26
CA MET A 343 -44.53 12.77 -16.09
C MET A 343 -43.71 12.58 -14.81
N ASP A 344 -43.23 11.36 -14.55
CA ASP A 344 -42.56 11.03 -13.29
C ASP A 344 -43.36 11.55 -12.10
N LYS A 345 -44.67 11.35 -12.15
CA LYS A 345 -45.60 11.97 -11.21
C LYS A 345 -45.84 11.14 -9.96
N LYS A 346 -45.11 10.04 -9.78
CA LYS A 346 -45.17 9.15 -8.62
C LYS A 346 -46.61 8.75 -8.28
N TYR A 347 -47.50 8.84 -9.26
CA TYR A 347 -48.89 8.46 -9.04
C TYR A 347 -49.04 6.94 -9.14
N ARG A 348 -50.03 6.41 -8.43
CA ARG A 348 -50.24 4.97 -8.39
C ARG A 348 -50.64 4.46 -9.76
N SER A 349 -49.89 3.49 -10.28
CA SER A 349 -50.16 2.90 -11.60
C SER A 349 -51.24 1.84 -11.44
N GLN A 350 -52.49 2.31 -11.36
CA GLN A 350 -53.61 1.41 -11.10
C GLN A 350 -53.80 0.38 -12.21
N HIS A 351 -53.29 0.65 -13.41
CA HIS A 351 -53.40 -0.29 -14.51
C HIS A 351 -52.62 -1.57 -14.19
N LEU A 352 -53.33 -2.69 -14.11
CA LEU A 352 -52.72 -3.97 -13.78
C LEU A 352 -52.41 -4.77 -15.05
N ASP A 353 -51.50 -4.23 -15.85
CA ASP A 353 -51.12 -4.86 -17.11
C ASP A 353 -50.20 -6.05 -16.85
N ASN A 354 -50.43 -7.13 -17.59
CA ASN A 354 -49.67 -8.36 -17.44
C ASN A 354 -49.21 -8.82 -18.82
N PHE A 355 -47.90 -8.77 -19.06
CA PHE A 355 -47.28 -9.23 -20.30
C PHE A 355 -46.30 -10.37 -19.98
N SER A 356 -45.61 -10.84 -21.01
CA SER A 356 -44.53 -11.80 -20.79
C SER A 356 -43.43 -11.19 -19.93
N ASN A 357 -42.95 -10.02 -20.33
CA ASN A 357 -42.14 -9.16 -19.48
C ASN A 357 -42.98 -7.97 -19.08
N GLN A 358 -43.04 -7.69 -17.78
CA GLN A 358 -44.02 -6.74 -17.26
C GLN A 358 -43.77 -5.34 -17.82
N ILE A 359 -44.81 -4.78 -18.43
CA ILE A 359 -44.87 -3.37 -18.82
C ILE A 359 -46.00 -2.73 -18.03
N GLY A 360 -45.70 -1.66 -17.31
CA GLY A 360 -46.58 -1.26 -16.23
C GLY A 360 -46.47 -2.33 -15.17
N LYS A 361 -45.24 -2.53 -14.68
CA LYS A 361 -44.88 -3.71 -13.91
C LYS A 361 -45.76 -3.89 -12.68
N HIS A 362 -46.26 -2.78 -12.12
CA HIS A 362 -47.22 -2.79 -11.00
C HIS A 362 -46.77 -3.68 -9.86
N TYR A 363 -45.48 -3.63 -9.51
CA TYR A 363 -45.00 -4.36 -8.35
C TYR A 363 -45.60 -3.76 -7.08
N LYS A 364 -45.99 -4.63 -6.16
CA LYS A 364 -46.57 -4.16 -4.90
C LYS A 364 -45.45 -3.85 -3.92
N LYS A 365 -45.33 -2.58 -3.51
CA LYS A 365 -44.31 -2.15 -2.59
C LYS A 365 -44.95 -1.43 -1.39
N VAL A 366 -44.15 -1.23 -0.35
CA VAL A 366 -44.52 -0.38 0.77
C VAL A 366 -43.44 0.69 0.90
N MET A 367 -43.86 1.95 1.00
CA MET A 367 -42.93 3.07 0.95
C MET A 367 -43.26 4.07 2.05
N TYR A 368 -42.25 4.88 2.39
CA TYR A 368 -42.40 5.93 3.38
C TYR A 368 -42.99 7.18 2.73
N THR A 369 -44.18 7.57 3.18
CA THR A 369 -44.84 8.76 2.69
C THR A 369 -44.88 9.82 3.79
N GLN A 370 -45.15 11.06 3.37
CA GLN A 370 -45.06 12.23 4.21
C GLN A 370 -46.37 13.00 4.21
N TYR A 371 -46.66 13.69 5.32
CA TYR A 371 -47.89 14.44 5.48
C TYR A 371 -47.56 15.79 6.10
N GLU A 372 -48.59 16.52 6.50
CA GLU A 372 -48.43 17.93 6.89
C GLU A 372 -48.72 18.17 8.37
N ASP A 373 -49.91 17.85 8.86
CA ASP A 373 -50.37 18.33 10.15
C ASP A 373 -50.48 17.19 11.17
N GLU A 374 -50.91 17.56 12.38
CA GLU A 374 -51.14 16.57 13.44
C GLU A 374 -52.41 15.77 13.19
N SER A 375 -53.38 16.32 12.47
CA SER A 375 -54.54 15.55 12.05
C SER A 375 -54.10 14.59 10.96
N PHE A 376 -53.39 13.54 11.35
CA PHE A 376 -52.60 12.76 10.41
C PHE A 376 -53.50 11.96 9.49
N THR A 377 -53.01 11.72 8.27
CA THR A 377 -53.76 11.07 7.20
C THR A 377 -55.04 11.83 6.85
N LYS A 378 -54.86 13.07 6.38
CA LYS A 378 -55.85 13.75 5.56
C LYS A 378 -55.13 14.25 4.32
N HIS A 379 -55.89 14.52 3.25
CA HIS A 379 -55.30 14.66 1.92
C HIS A 379 -54.48 15.94 1.86
N THR A 380 -53.26 15.87 2.37
CA THR A 380 -52.30 16.97 2.27
C THR A 380 -50.90 16.38 2.38
N VAL A 381 -50.21 16.31 1.24
CA VAL A 381 -48.88 15.73 1.15
C VAL A 381 -47.93 16.81 0.67
N ASN A 382 -46.79 16.92 1.35
CA ASN A 382 -45.81 17.93 0.97
C ASN A 382 -45.20 17.58 -0.37
N PRO A 383 -45.28 18.47 -1.36
CA PRO A 383 -44.67 18.16 -2.67
C PRO A 383 -43.15 18.23 -2.61
N ASN A 384 -42.52 17.56 -3.57
CA ASN A 384 -41.07 17.53 -3.67
C ASN A 384 -40.69 17.29 -5.13
N MET A 385 -39.40 17.02 -5.35
CA MET A 385 -38.90 16.79 -6.70
C MET A 385 -39.47 15.50 -7.28
N LYS A 386 -39.70 15.52 -8.61
CA LYS A 386 -40.21 14.34 -9.30
C LYS A 386 -39.23 13.18 -9.26
N GLU A 387 -37.94 13.47 -9.05
CA GLU A 387 -36.94 12.42 -8.90
C GLU A 387 -37.04 11.85 -7.49
N ASP A 388 -36.09 11.01 -7.10
CA ASP A 388 -36.12 10.31 -5.82
C ASP A 388 -37.40 9.48 -5.70
N GLY A 389 -37.51 8.49 -6.59
CA GLY A 389 -38.79 7.81 -6.76
C GLY A 389 -39.24 7.06 -5.53
N ILE A 390 -38.34 6.30 -4.91
CA ILE A 390 -38.71 5.40 -3.83
C ILE A 390 -38.08 5.77 -2.49
N LEU A 391 -37.07 6.63 -2.47
CA LEU A 391 -36.45 7.01 -1.21
C LEU A 391 -37.42 7.79 -0.34
N GLY A 392 -37.24 7.64 0.97
CA GLY A 392 -38.07 8.35 1.93
C GLY A 392 -37.66 9.79 2.07
N PRO A 393 -38.41 10.53 2.89
CA PRO A 393 -38.12 11.95 3.08
C PRO A 393 -36.73 12.16 3.67
N ILE A 394 -36.09 13.25 3.25
CA ILE A 394 -34.78 13.61 3.78
C ILE A 394 -34.97 14.38 5.08
N ILE A 395 -34.16 14.07 6.08
CA ILE A 395 -34.27 14.66 7.41
C ILE A 395 -32.95 15.33 7.75
N ARG A 396 -33.02 16.50 8.37
CA ARG A 396 -31.85 17.30 8.71
C ARG A 396 -31.86 17.61 10.20
N ALA A 397 -30.72 17.43 10.86
CA ALA A 397 -30.60 17.69 12.28
C ALA A 397 -29.19 18.13 12.61
N GLN A 398 -29.07 19.13 13.48
CA GLN A 398 -27.80 19.62 13.97
C GLN A 398 -27.45 18.95 15.29
N VAL A 399 -26.42 19.46 15.96
CA VAL A 399 -26.00 18.93 17.26
C VAL A 399 -26.78 19.65 18.36
N ARG A 400 -26.93 18.98 19.50
CA ARG A 400 -27.59 19.54 20.68
C ARG A 400 -29.03 19.95 20.37
N ASP A 401 -29.84 18.95 20.02
CA ASP A 401 -31.24 19.19 19.72
C ASP A 401 -32.01 17.89 19.90
N THR A 402 -33.33 17.97 19.70
CA THR A 402 -34.24 16.85 19.83
C THR A 402 -35.00 16.71 18.52
N LEU A 403 -35.46 15.49 18.24
CA LEU A 403 -36.27 15.19 17.06
C LEU A 403 -37.48 14.37 17.48
N LYS A 404 -38.66 14.82 17.09
CA LYS A 404 -39.92 14.16 17.43
C LYS A 404 -40.55 13.59 16.16
N ILE A 405 -40.59 12.26 16.08
CA ILE A 405 -41.07 11.54 14.91
C ILE A 405 -42.39 10.88 15.28
N VAL A 406 -43.39 11.01 14.42
CA VAL A 406 -44.69 10.38 14.60
C VAL A 406 -44.91 9.41 13.45
N PHE A 407 -45.04 8.13 13.78
CA PHE A 407 -45.12 7.06 12.80
C PHE A 407 -46.45 6.33 12.95
N LYS A 408 -47.15 6.14 11.84
CA LYS A 408 -48.42 5.43 11.80
C LYS A 408 -48.32 4.29 10.81
N ASN A 409 -48.73 3.10 11.22
CA ASN A 409 -48.61 1.90 10.40
C ASN A 409 -49.91 1.67 9.65
N MET A 410 -49.81 1.48 8.34
CA MET A 410 -50.98 1.26 7.49
C MET A 410 -50.69 0.19 6.44
N ALA A 411 -49.87 -0.80 6.78
CA ALA A 411 -49.45 -1.81 5.82
C ALA A 411 -49.70 -3.24 6.31
N SER A 412 -50.58 -3.41 7.30
CA SER A 412 -51.06 -4.70 7.77
C SER A 412 -50.00 -5.56 8.45
N ARG A 413 -48.80 -5.03 8.67
CA ARG A 413 -47.74 -5.77 9.35
C ARG A 413 -46.97 -4.82 10.25
N PRO A 414 -46.36 -5.34 11.32
CA PRO A 414 -45.57 -4.47 12.21
C PRO A 414 -44.35 -3.89 11.51
N TYR A 415 -44.01 -2.66 11.86
CA TYR A 415 -42.87 -1.96 11.28
C TYR A 415 -42.30 -0.99 12.30
N SER A 416 -41.07 -0.55 12.05
CA SER A 416 -40.39 0.39 12.94
C SER A 416 -39.24 1.02 12.17
N ILE A 417 -38.58 2.00 12.81
CA ILE A 417 -37.44 2.70 12.24
C ILE A 417 -36.38 2.90 13.31
N TYR A 418 -35.11 2.94 12.87
CA TYR A 418 -34.02 3.30 13.76
C TYR A 418 -32.84 3.75 12.92
N PRO A 419 -32.10 4.77 13.36
CA PRO A 419 -30.96 5.26 12.57
C PRO A 419 -29.64 4.65 12.99
N HIS A 420 -28.59 4.87 12.20
CA HIS A 420 -27.24 4.43 12.52
C HIS A 420 -26.41 5.59 13.01
N GLY A 421 -25.80 5.43 14.19
CA GLY A 421 -24.84 6.38 14.72
C GLY A 421 -25.37 7.78 14.94
N VAL A 422 -26.65 8.00 14.65
CA VAL A 422 -27.23 9.32 14.80
C VAL A 422 -27.30 9.71 16.28
N THR A 423 -27.77 8.80 17.11
CA THR A 423 -27.84 9.01 18.55
C THR A 423 -26.77 8.18 19.24
N PHE A 424 -26.09 8.80 20.21
CA PHE A 424 -25.14 8.06 21.04
C PHE A 424 -25.81 6.85 21.67
N SER A 425 -27.06 7.02 22.10
CA SER A 425 -27.92 5.95 22.56
C SER A 425 -29.35 6.50 22.67
N PRO A 426 -30.35 5.74 22.21
CA PRO A 426 -31.73 6.20 22.40
C PRO A 426 -32.07 6.30 23.87
N TYR A 427 -32.99 7.21 24.19
CA TYR A 427 -33.37 7.44 25.58
C TYR A 427 -34.20 6.27 26.09
N GLU A 428 -33.55 5.11 26.24
CA GLU A 428 -34.27 3.88 26.59
C GLU A 428 -34.68 3.84 28.05
N ASP A 429 -34.10 4.68 28.90
CA ASP A 429 -34.52 4.72 30.29
C ASP A 429 -35.94 5.25 30.44
N GLU A 430 -36.36 6.16 29.55
CA GLU A 430 -37.72 6.67 29.61
C GLU A 430 -38.75 5.58 29.29
N VAL A 431 -38.47 4.76 28.28
CA VAL A 431 -39.41 3.72 27.89
C VAL A 431 -39.34 2.56 28.87
N ASN A 432 -40.42 1.77 28.91
CA ASN A 432 -40.57 0.69 29.86
C ASN A 432 -40.93 -0.59 29.12
N SER A 433 -40.72 -1.72 29.79
CA SER A 433 -40.94 -3.03 29.19
C SER A 433 -42.42 -3.35 28.99
N SER A 434 -43.33 -2.52 29.52
CA SER A 434 -44.76 -2.78 29.33
C SER A 434 -45.13 -2.77 27.85
N PHE A 435 -44.73 -1.72 27.13
CA PHE A 435 -44.86 -1.69 25.68
C PHE A 435 -43.52 -1.98 25.00
N THR A 436 -42.49 -1.20 25.32
CA THR A 436 -41.15 -1.42 24.76
C THR A 436 -40.48 -2.59 25.48
N SER A 437 -41.06 -3.77 25.26
CA SER A 437 -40.50 -4.99 25.84
C SER A 437 -39.12 -5.31 25.28
N GLY A 438 -38.77 -4.73 24.13
CA GLY A 438 -37.48 -4.97 23.53
C GLY A 438 -37.28 -6.37 22.99
N ARG A 439 -38.35 -7.16 22.89
CA ARG A 439 -38.26 -8.55 22.45
C ARG A 439 -37.24 -9.28 23.30
N ASN A 440 -36.03 -9.43 22.77
CA ASN A 440 -34.90 -9.92 23.54
C ASN A 440 -33.69 -9.00 23.49
N ASN A 441 -33.39 -8.43 22.32
CA ASN A 441 -32.17 -7.65 22.17
C ASN A 441 -32.37 -6.42 21.28
N THR A 442 -33.56 -5.84 21.27
CA THR A 442 -33.87 -4.73 20.38
C THR A 442 -34.04 -3.40 21.10
N MET A 443 -34.83 -3.35 22.17
CA MET A 443 -35.18 -2.16 22.93
C MET A 443 -36.04 -1.19 22.13
N ILE A 444 -36.37 -1.50 20.88
CA ILE A 444 -37.25 -0.68 20.05
C ILE A 444 -38.51 -1.51 19.76
N ARG A 445 -39.67 -0.91 19.98
CA ARG A 445 -40.94 -1.62 19.91
C ARG A 445 -41.61 -1.36 18.57
N ALA A 446 -42.05 -2.43 17.91
CA ALA A 446 -42.80 -2.30 16.67
C ALA A 446 -44.23 -1.83 16.96
N VAL A 447 -44.91 -1.40 15.90
CA VAL A 447 -46.26 -0.87 16.00
C VAL A 447 -47.18 -1.70 15.11
N GLN A 448 -48.30 -2.14 15.67
CA GLN A 448 -49.29 -2.94 14.96
C GLN A 448 -50.12 -2.06 14.03
N PRO A 449 -50.81 -2.65 13.06
CA PRO A 449 -51.61 -1.86 12.12
C PRO A 449 -52.68 -1.04 12.82
N GLY A 450 -52.94 0.15 12.28
CA GLY A 450 -53.95 1.03 12.85
C GLY A 450 -53.55 1.70 14.14
N GLU A 451 -52.25 1.83 14.40
CA GLU A 451 -51.76 2.43 15.63
C GLU A 451 -50.67 3.43 15.32
N THR A 452 -50.60 4.49 16.13
CA THR A 452 -49.61 5.54 15.96
C THR A 452 -48.67 5.55 17.17
N TYR A 453 -47.43 5.99 16.93
CA TYR A 453 -46.43 6.02 17.98
C TYR A 453 -45.49 7.18 17.76
N THR A 454 -44.79 7.56 18.82
CA THR A 454 -43.88 8.72 18.79
C THR A 454 -42.50 8.31 19.28
N TYR A 455 -41.48 8.67 18.52
CA TYR A 455 -40.09 8.47 18.89
C TYR A 455 -39.41 9.81 19.15
N LYS A 456 -38.51 9.81 20.14
CA LYS A 456 -37.80 11.00 20.58
C LYS A 456 -36.30 10.75 20.44
N TRP A 457 -35.70 11.27 19.37
CA TRP A 457 -34.25 11.23 19.23
C TRP A 457 -33.65 12.46 19.89
N ASN A 458 -32.42 12.29 20.39
CA ASN A 458 -31.72 13.38 21.07
C ASN A 458 -30.25 13.34 20.66
N ILE A 459 -29.77 14.44 20.10
CA ILE A 459 -28.38 14.53 19.65
C ILE A 459 -27.54 15.08 20.79
N LEU A 460 -26.52 14.34 21.18
CA LEU A 460 -25.65 14.71 22.29
C LEU A 460 -24.41 15.43 21.79
N GLU A 461 -23.62 15.94 22.74
CA GLU A 461 -22.39 16.63 22.41
C GLU A 461 -21.29 15.65 21.98
N PHE A 462 -21.44 14.37 22.29
CA PHE A 462 -20.45 13.37 21.91
C PHE A 462 -20.63 12.86 20.49
N ASP A 463 -21.68 13.31 19.79
CA ASP A 463 -21.94 12.91 18.41
C ASP A 463 -21.48 13.96 17.40
N GLU A 464 -20.81 15.01 17.87
CA GLU A 464 -20.37 16.08 16.98
C GLU A 464 -19.29 15.55 16.02
N PRO A 465 -19.38 15.90 14.74
CA PRO A 465 -18.30 15.53 13.81
C PRO A 465 -16.98 16.16 14.21
N THR A 466 -15.90 15.42 14.00
CA THR A 466 -14.57 15.92 14.35
C THR A 466 -14.12 16.97 13.34
N GLU A 467 -13.08 17.71 13.71
CA GLU A 467 -12.58 18.79 12.87
C GLU A 467 -11.96 18.28 11.57
N ASN A 468 -11.48 17.05 11.54
CA ASN A 468 -10.88 16.46 10.34
C ASN A 468 -11.92 15.64 9.58
N ASP A 469 -13.02 16.30 9.20
CA ASP A 469 -14.13 15.66 8.52
C ASP A 469 -14.61 16.56 7.40
N ALA A 470 -15.66 16.11 6.70
CA ALA A 470 -16.27 16.87 5.63
C ALA A 470 -17.20 17.92 6.24
N GLN A 471 -18.05 18.53 5.41
CA GLN A 471 -18.98 19.54 5.91
C GLN A 471 -19.93 18.94 6.94
N CYS A 472 -20.59 17.83 6.59
CA CYS A 472 -21.38 17.08 7.56
C CYS A 472 -21.73 15.71 6.99
N LEU A 473 -22.24 14.85 7.88
CA LEU A 473 -22.27 13.41 7.65
C LEU A 473 -23.67 12.93 7.27
N THR A 474 -23.71 11.77 6.61
CA THR A 474 -24.95 11.13 6.19
C THR A 474 -25.03 9.72 6.74
N ARG A 475 -26.22 9.30 7.14
CA ARG A 475 -26.47 7.98 7.69
C ARG A 475 -27.77 7.42 7.12
N PRO A 476 -27.90 6.09 7.05
CA PRO A 476 -29.15 5.49 6.61
C PRO A 476 -30.07 5.13 7.77
N TYR A 477 -31.33 4.90 7.42
CA TYR A 477 -32.30 4.36 8.38
C TYR A 477 -33.33 3.52 7.63
N TYR A 478 -33.73 2.43 8.26
CA TYR A 478 -34.62 1.42 7.66
C TYR A 478 -35.38 0.74 8.80
N SER A 479 -35.99 -0.41 8.50
CA SER A 479 -36.81 -1.15 9.45
C SER A 479 -35.97 -2.11 10.29
N ASP A 480 -36.53 -2.51 11.44
CA ASP A 480 -35.80 -3.30 12.42
C ASP A 480 -36.32 -4.72 12.59
N VAL A 481 -37.60 -4.96 12.29
CA VAL A 481 -38.23 -6.24 12.63
C VAL A 481 -37.51 -7.39 11.94
N ASP A 482 -37.24 -7.25 10.64
CA ASP A 482 -36.50 -8.26 9.89
C ASP A 482 -35.71 -7.51 8.83
N ILE A 483 -34.39 -7.44 8.99
CA ILE A 483 -33.58 -6.53 8.18
C ILE A 483 -33.66 -6.90 6.71
N MET A 484 -33.42 -8.17 6.39
CA MET A 484 -33.30 -8.56 4.98
C MET A 484 -34.63 -8.45 4.25
N ARG A 485 -35.69 -9.00 4.84
CA ARG A 485 -36.98 -9.02 4.14
C ARG A 485 -37.62 -7.65 4.10
N ASP A 486 -37.34 -6.79 5.08
CA ASP A 486 -37.84 -5.42 5.02
C ASP A 486 -37.04 -4.57 4.03
N ILE A 487 -35.73 -4.82 3.92
CA ILE A 487 -34.92 -4.13 2.93
C ILE A 487 -35.34 -4.55 1.52
N ALA A 488 -35.72 -5.82 1.35
CA ALA A 488 -36.18 -6.28 0.04
C ALA A 488 -37.38 -5.46 -0.45
N SER A 489 -38.31 -5.15 0.45
CA SER A 489 -39.35 -4.18 0.12
C SER A 489 -38.77 -2.77 0.13
N GLY A 490 -39.40 -1.88 -0.63
CA GLY A 490 -38.81 -0.59 -0.89
C GLY A 490 -39.02 0.47 0.18
N LEU A 491 -38.28 0.36 1.28
CA LEU A 491 -38.30 1.39 2.33
C LEU A 491 -36.85 1.71 2.72
N ILE A 492 -36.42 2.93 2.39
CA ILE A 492 -35.06 3.41 2.66
C ILE A 492 -35.15 4.88 3.03
N GLY A 493 -34.33 5.30 3.99
CA GLY A 493 -34.27 6.71 4.33
C GLY A 493 -32.85 7.14 4.64
N LEU A 494 -32.62 8.45 4.51
CA LEU A 494 -31.32 9.05 4.81
C LEU A 494 -31.50 10.22 5.77
N LEU A 495 -30.59 10.31 6.74
CA LEU A 495 -30.57 11.38 7.73
C LEU A 495 -29.20 12.04 7.72
N LEU A 496 -29.18 13.37 7.69
CA LEU A 496 -27.96 14.15 7.64
C LEU A 496 -27.72 14.82 8.99
N ILE A 497 -26.55 14.58 9.57
CA ILE A 497 -26.15 15.20 10.82
C ILE A 497 -25.10 16.26 10.49
N CYS A 498 -25.37 17.50 10.85
CA CYS A 498 -24.50 18.59 10.44
C CYS A 498 -23.95 19.36 11.64
N LYS A 499 -22.77 19.95 11.42
CA LYS A 499 -21.92 20.48 12.46
C LYS A 499 -22.52 21.73 13.09
N SER A 500 -22.10 22.01 14.33
CA SER A 500 -22.55 23.21 15.04
C SER A 500 -22.17 24.49 14.31
N ARG A 501 -21.14 24.45 13.47
CA ARG A 501 -20.79 25.60 12.64
C ARG A 501 -21.57 25.58 11.33
N SER A 502 -21.83 24.39 10.79
CA SER A 502 -22.59 24.26 9.55
C SER A 502 -24.06 24.59 9.81
N LEU A 503 -24.48 25.78 9.37
CA LEU A 503 -25.89 26.14 9.46
C LEU A 503 -26.70 25.18 8.61
N ASP A 504 -27.91 24.85 9.07
CA ASP A 504 -28.66 23.73 8.50
C ASP A 504 -29.14 24.08 7.10
N ARG A 505 -28.31 23.76 6.11
CA ARG A 505 -28.61 23.98 4.69
C ARG A 505 -29.06 25.42 4.42
N ARG A 506 -28.39 26.37 5.06
CA ARG A 506 -28.57 27.77 4.68
C ARG A 506 -27.68 28.12 3.50
N GLY A 507 -26.36 27.99 3.66
CA GLY A 507 -25.43 28.16 2.57
C GLY A 507 -24.21 27.28 2.72
N ILE A 508 -23.93 26.47 1.71
CA ILE A 508 -22.76 25.60 1.69
C ILE A 508 -21.93 26.03 0.48
N GLN A 509 -20.99 26.94 0.71
CA GLN A 509 -20.26 27.64 -0.36
C GLN A 509 -21.33 28.23 -1.29
N ARG A 510 -21.31 27.92 -2.58
CA ARG A 510 -22.40 28.25 -3.50
C ARG A 510 -22.89 26.94 -4.09
N ALA A 511 -23.79 26.27 -3.38
CA ALA A 511 -24.29 24.94 -3.76
C ALA A 511 -25.61 25.13 -4.52
N ALA A 512 -25.51 25.18 -5.84
CA ALA A 512 -26.72 25.33 -6.66
C ALA A 512 -27.63 24.12 -6.51
N ASP A 513 -27.06 22.92 -6.45
CA ASP A 513 -27.83 21.69 -6.35
C ASP A 513 -27.25 20.78 -5.29
N ILE A 514 -28.11 19.96 -4.71
CA ILE A 514 -27.72 18.86 -3.83
C ILE A 514 -28.28 17.58 -4.42
N GLU A 515 -27.41 16.59 -4.63
CA GLU A 515 -27.78 15.39 -5.35
C GLU A 515 -27.93 14.23 -4.37
N GLN A 516 -29.17 13.95 -3.99
CA GLN A 516 -29.51 12.75 -3.22
C GLN A 516 -29.72 11.54 -4.13
N GLN A 517 -29.36 11.67 -5.40
CA GLN A 517 -29.55 10.64 -6.42
C GLN A 517 -28.43 9.59 -6.40
N ALA A 518 -27.71 9.46 -5.29
CA ALA A 518 -26.51 8.65 -5.21
C ALA A 518 -26.70 7.39 -4.38
N VAL A 519 -27.85 6.72 -4.51
CA VAL A 519 -28.13 5.48 -3.80
C VAL A 519 -28.29 4.37 -4.81
N PHE A 520 -27.44 3.34 -4.71
CA PHE A 520 -27.49 2.19 -5.59
C PHE A 520 -28.16 1.04 -4.84
N ALA A 521 -29.24 0.51 -5.40
CA ALA A 521 -30.01 -0.51 -4.71
C ALA A 521 -30.31 -1.69 -5.64
N VAL A 522 -30.16 -2.90 -5.11
CA VAL A 522 -30.49 -4.12 -5.83
C VAL A 522 -31.69 -4.75 -5.11
N PHE A 523 -32.81 -4.85 -5.82
CA PHE A 523 -34.04 -5.37 -5.25
C PHE A 523 -34.29 -6.78 -5.77
N ASP A 524 -34.53 -7.71 -4.85
CA ASP A 524 -34.83 -9.10 -5.17
C ASP A 524 -36.29 -9.36 -4.80
N GLU A 525 -37.07 -9.84 -5.76
CA GLU A 525 -38.48 -10.13 -5.54
C GLU A 525 -38.73 -11.55 -5.07
N ASN A 526 -37.68 -12.36 -4.92
CA ASN A 526 -37.82 -13.73 -4.45
C ASN A 526 -37.82 -13.83 -2.93
N LYS A 527 -37.64 -12.72 -2.22
CA LYS A 527 -37.60 -12.74 -0.77
C LYS A 527 -38.66 -11.88 -0.10
N SER A 528 -39.21 -10.88 -0.80
CA SER A 528 -40.30 -10.10 -0.24
C SER A 528 -41.57 -10.95 -0.19
N TRP A 529 -42.32 -10.81 0.90
CA TRP A 529 -43.53 -11.60 1.10
C TRP A 529 -44.71 -11.13 0.27
N TYR A 530 -44.51 -10.18 -0.65
CA TYR A 530 -45.54 -9.78 -1.60
C TYR A 530 -45.48 -10.61 -2.88
N LEU A 531 -44.67 -11.67 -2.91
CA LEU A 531 -44.53 -12.48 -4.11
C LEU A 531 -45.84 -13.17 -4.47
N GLU A 532 -46.56 -13.67 -3.47
CA GLU A 532 -47.77 -14.46 -3.75
C GLU A 532 -48.84 -13.61 -4.44
N ASP A 533 -49.06 -12.39 -3.95
CA ASP A 533 -50.12 -11.57 -4.51
C ASP A 533 -49.87 -11.23 -5.97
N ASN A 534 -48.63 -10.89 -6.32
CA ASN A 534 -48.33 -10.55 -7.71
C ASN A 534 -48.24 -11.79 -8.59
N ILE A 535 -47.76 -12.91 -8.06
CA ILE A 535 -47.66 -14.13 -8.85
C ILE A 535 -49.02 -14.74 -9.11
N ASN A 536 -50.02 -14.43 -8.26
CA ASN A 536 -51.37 -14.91 -8.53
C ASN A 536 -51.93 -14.32 -9.81
N LYS A 537 -51.69 -13.02 -10.02
CA LYS A 537 -52.23 -12.31 -11.18
C LYS A 537 -51.22 -12.11 -12.30
N PHE A 538 -49.99 -12.61 -12.15
CA PHE A 538 -48.98 -12.44 -13.18
C PHE A 538 -49.22 -13.34 -14.39
N CYS A 539 -49.17 -14.65 -14.18
CA CYS A 539 -49.32 -15.59 -15.29
C CYS A 539 -50.79 -15.80 -15.62
N GLU A 540 -51.03 -16.51 -16.72
CA GLU A 540 -52.40 -16.88 -17.08
C GLU A 540 -53.00 -17.78 -16.00
N ASN A 541 -52.21 -18.72 -15.49
CA ASN A 541 -52.61 -19.54 -14.36
C ASN A 541 -51.51 -19.55 -13.32
N PRO A 542 -51.85 -19.52 -12.03
CA PRO A 542 -50.84 -19.56 -10.97
C PRO A 542 -50.42 -20.95 -10.53
N ASP A 543 -50.90 -22.00 -11.19
CA ASP A 543 -50.61 -23.37 -10.80
C ASP A 543 -49.39 -23.96 -11.51
N GLU A 544 -48.73 -23.19 -12.37
CA GLU A 544 -47.53 -23.66 -13.09
C GLU A 544 -46.40 -22.67 -12.83
N VAL A 545 -45.74 -22.82 -11.68
CA VAL A 545 -44.58 -22.01 -11.33
C VAL A 545 -43.62 -22.89 -10.53
N LYS A 546 -42.32 -22.66 -10.73
CA LYS A 546 -41.31 -23.34 -9.94
C LYS A 546 -40.01 -22.54 -10.02
N ARG A 547 -39.14 -22.76 -9.05
CA ARG A 547 -37.90 -22.01 -8.92
C ARG A 547 -36.75 -22.61 -9.72
N ASP A 548 -36.96 -23.74 -10.39
CA ASP A 548 -35.88 -24.37 -11.13
C ASP A 548 -35.47 -23.55 -12.35
N ASP A 549 -36.42 -22.84 -12.95
CA ASP A 549 -36.15 -22.11 -14.20
C ASP A 549 -35.21 -20.94 -13.93
N PRO A 550 -34.03 -20.91 -14.56
CA PRO A 550 -33.20 -19.69 -14.45
C PRO A 550 -33.87 -18.46 -15.01
N LYS A 551 -34.69 -18.62 -16.07
CA LYS A 551 -35.42 -17.49 -16.63
C LYS A 551 -36.43 -16.91 -15.65
N PHE A 552 -36.79 -17.66 -14.60
CA PHE A 552 -37.68 -17.16 -13.57
C PHE A 552 -36.92 -16.59 -12.38
N TYR A 553 -35.83 -17.25 -11.97
CA TYR A 553 -35.10 -16.80 -10.79
C TYR A 553 -34.28 -15.55 -11.09
N GLU A 554 -33.63 -15.50 -12.25
CA GLU A 554 -32.78 -14.37 -12.58
C GLU A 554 -33.58 -13.14 -12.99
N SER A 555 -34.76 -13.32 -13.57
CA SER A 555 -35.54 -12.20 -14.07
C SER A 555 -36.18 -11.37 -12.96
N ASN A 556 -36.13 -11.84 -11.71
CA ASN A 556 -36.78 -11.15 -10.61
C ASN A 556 -35.86 -10.18 -9.88
N ILE A 557 -34.60 -10.09 -10.27
CA ILE A 557 -33.62 -9.23 -9.61
C ILE A 557 -33.43 -7.98 -10.45
N MET A 558 -33.54 -6.81 -9.82
CA MET A 558 -33.43 -5.53 -10.51
C MET A 558 -32.39 -4.67 -9.82
N SER A 559 -31.35 -4.28 -10.54
CA SER A 559 -30.33 -3.38 -10.02
C SER A 559 -30.59 -1.98 -10.56
N THR A 560 -30.88 -1.04 -9.66
CA THR A 560 -31.30 0.29 -10.05
C THR A 560 -30.59 1.33 -9.20
N ILE A 561 -30.76 2.59 -9.58
CA ILE A 561 -30.33 3.74 -8.78
C ILE A 561 -31.57 4.59 -8.50
N ASN A 562 -31.85 4.81 -7.21
CA ASN A 562 -33.03 5.55 -6.77
C ASN A 562 -34.32 4.93 -7.29
N GLY A 563 -34.33 3.63 -7.51
CA GLY A 563 -35.52 2.92 -7.93
C GLY A 563 -35.81 2.96 -9.42
N TYR A 564 -34.98 3.64 -10.22
CA TYR A 564 -35.15 3.70 -11.66
C TYR A 564 -34.01 2.97 -12.34
N VAL A 565 -34.34 2.25 -13.41
CA VAL A 565 -33.33 1.56 -14.22
C VAL A 565 -32.46 2.62 -14.89
N PRO A 566 -31.18 2.36 -15.10
CA PRO A 566 -30.30 3.40 -15.65
C PRO A 566 -30.66 3.84 -17.06
N GLU A 567 -31.43 3.04 -17.80
CA GLU A 567 -31.76 3.39 -19.18
C GLU A 567 -32.66 4.63 -19.23
N SER A 568 -33.74 4.63 -18.44
CA SER A 568 -34.72 5.71 -18.49
C SER A 568 -34.44 6.73 -17.39
N ILE A 569 -33.33 7.44 -17.57
CA ILE A 569 -32.95 8.54 -16.69
C ILE A 569 -32.49 9.71 -17.56
N THR A 570 -32.97 10.91 -17.23
CA THR A 570 -32.59 12.09 -17.97
C THR A 570 -31.22 12.61 -17.51
N THR A 571 -30.67 13.55 -18.29
CA THR A 571 -29.38 14.12 -17.98
C THR A 571 -29.53 15.21 -16.92
N LEU A 572 -28.41 15.87 -16.60
CA LEU A 572 -28.39 16.98 -15.66
C LEU A 572 -27.59 18.13 -16.26
N GLY A 573 -27.88 19.33 -15.78
CA GLY A 573 -27.15 20.51 -16.22
C GLY A 573 -26.68 21.34 -15.04
N PHE A 574 -25.53 21.99 -15.22
CA PHE A 574 -24.94 22.78 -14.16
C PHE A 574 -24.33 24.06 -14.72
N CYS A 575 -24.39 25.11 -13.91
CA CYS A 575 -23.80 26.40 -14.21
C CYS A 575 -22.29 26.33 -13.99
N PHE A 576 -21.56 27.17 -14.73
CA PHE A 576 -20.11 27.20 -14.63
C PHE A 576 -19.69 27.81 -13.29
N ASP A 577 -18.44 27.50 -12.90
CA ASP A 577 -17.85 27.93 -11.63
C ASP A 577 -18.83 27.75 -10.45
N ASP A 578 -19.44 26.57 -10.41
CA ASP A 578 -20.42 26.23 -9.39
C ASP A 578 -19.96 24.99 -8.63
N THR A 579 -20.33 24.91 -7.36
CA THR A 579 -19.96 23.81 -6.48
C THR A 579 -21.19 22.95 -6.20
N VAL A 580 -21.02 21.63 -6.32
CA VAL A 580 -22.10 20.69 -6.07
C VAL A 580 -21.63 19.69 -5.02
N GLN A 581 -22.45 19.47 -4.00
CA GLN A 581 -22.12 18.56 -2.90
C GLN A 581 -22.92 17.28 -3.07
N TRP A 582 -22.20 16.16 -3.28
CA TRP A 582 -22.81 14.86 -3.44
C TRP A 582 -22.64 14.05 -2.16
N HIS A 583 -23.52 13.08 -1.96
CA HIS A 583 -23.41 12.14 -0.86
C HIS A 583 -23.91 10.78 -1.30
N PHE A 584 -23.02 9.78 -1.20
CA PHE A 584 -23.26 8.44 -1.70
C PHE A 584 -23.49 7.47 -0.56
N CYS A 585 -24.29 6.44 -0.85
CA CYS A 585 -24.55 5.35 0.08
C CYS A 585 -25.12 4.18 -0.71
N SER A 586 -24.83 2.96 -0.26
CA SER A 586 -25.34 1.75 -0.90
C SER A 586 -26.04 0.91 0.14
N VAL A 587 -27.32 0.60 -0.10
CA VAL A 587 -28.13 -0.19 0.80
C VAL A 587 -28.44 -1.57 0.22
N GLY A 588 -28.69 -1.63 -1.08
CA GLY A 588 -28.88 -2.92 -1.73
C GLY A 588 -27.57 -3.67 -1.84
N THR A 589 -27.42 -4.72 -1.04
CA THR A 589 -26.15 -5.41 -0.91
C THR A 589 -26.14 -6.69 -1.73
N GLN A 590 -25.03 -6.93 -2.43
CA GLN A 590 -24.82 -8.12 -3.23
C GLN A 590 -23.47 -8.76 -2.90
N ASN A 591 -23.02 -8.59 -1.67
CA ASN A 591 -21.70 -9.03 -1.18
C ASN A 591 -20.60 -8.78 -2.23
N GLU A 592 -20.51 -7.51 -2.64
CA GLU A 592 -19.52 -7.11 -3.63
C GLU A 592 -19.03 -5.70 -3.28
N ILE A 593 -17.90 -5.34 -3.87
CA ILE A 593 -17.27 -4.04 -3.67
C ILE A 593 -17.44 -3.22 -4.93
N LEU A 594 -17.83 -1.96 -4.77
CA LEU A 594 -18.16 -1.08 -5.88
C LEU A 594 -17.25 0.14 -5.90
N THR A 595 -16.89 0.57 -7.11
CA THR A 595 -16.04 1.74 -7.31
C THR A 595 -16.61 2.58 -8.45
N ILE A 596 -16.42 3.90 -8.33
CA ILE A 596 -16.89 4.86 -9.32
C ILE A 596 -15.78 5.86 -9.63
N HIS A 597 -15.86 6.46 -10.81
CA HIS A 597 -14.83 7.37 -11.30
C HIS A 597 -15.49 8.50 -12.08
N PHE A 598 -15.03 9.72 -11.84
CA PHE A 598 -15.48 10.89 -12.59
C PHE A 598 -14.55 11.15 -13.77
N THR A 599 -15.12 11.63 -14.87
CA THR A 599 -14.35 12.01 -16.04
C THR A 599 -14.36 13.53 -16.18
N GLY A 600 -13.17 14.11 -16.34
CA GLY A 600 -13.03 15.54 -16.54
C GLY A 600 -13.02 16.38 -15.27
N HIS A 601 -13.23 15.77 -14.11
CA HIS A 601 -13.27 16.50 -12.84
C HIS A 601 -12.63 15.64 -11.75
N SER A 602 -12.55 16.19 -10.54
CA SER A 602 -11.95 15.49 -9.43
C SER A 602 -12.67 15.86 -8.14
N PHE A 603 -12.54 15.00 -7.14
CA PHE A 603 -13.22 15.17 -5.86
C PHE A 603 -12.41 16.06 -4.93
N ILE A 604 -12.90 16.22 -3.70
CA ILE A 604 -12.09 16.68 -2.59
C ILE A 604 -12.50 15.88 -1.35
N TYR A 605 -11.65 14.94 -0.95
CA TYR A 605 -11.95 14.01 0.13
C TYR A 605 -11.03 14.30 1.30
N GLY A 606 -11.61 14.79 2.40
CA GLY A 606 -10.82 15.21 3.53
C GLY A 606 -9.96 16.41 3.19
N LYS A 607 -8.65 16.20 3.07
CA LYS A 607 -7.73 17.25 2.67
C LYS A 607 -6.93 16.86 1.42
N ARG A 608 -7.43 15.91 0.64
CA ARG A 608 -6.72 15.42 -0.54
C ARG A 608 -7.70 15.11 -1.65
N HIS A 609 -7.19 15.15 -2.88
CA HIS A 609 -7.95 14.85 -4.08
C HIS A 609 -7.76 13.39 -4.46
N GLU A 610 -8.84 12.73 -4.88
CA GLU A 610 -8.78 11.30 -5.14
C GLU A 610 -9.18 10.92 -6.56
N ASP A 611 -10.23 11.55 -7.11
CA ASP A 611 -10.72 11.29 -8.46
C ASP A 611 -11.17 9.83 -8.65
N THR A 612 -11.41 9.11 -7.55
CA THR A 612 -11.90 7.73 -7.63
C THR A 612 -12.44 7.36 -6.26
N LEU A 613 -13.64 6.79 -6.22
CA LEU A 613 -14.30 6.47 -4.97
C LEU A 613 -14.59 4.97 -4.89
N THR A 614 -14.36 4.39 -3.71
CA THR A 614 -14.70 3.01 -3.43
C THR A 614 -15.69 2.99 -2.26
N LEU A 615 -16.85 2.37 -2.47
CA LEU A 615 -17.92 2.40 -1.49
C LEU A 615 -18.15 1.00 -0.93
N PHE A 616 -18.41 0.93 0.36
CA PHE A 616 -18.61 -0.31 1.11
C PHE A 616 -20.07 -0.47 1.47
N PRO A 617 -20.53 -1.71 1.69
CA PRO A 617 -21.94 -1.93 2.04
C PRO A 617 -22.32 -1.20 3.33
N MET A 618 -23.51 -0.59 3.31
CA MET A 618 -24.07 0.11 4.46
C MET A 618 -23.11 1.16 5.01
N ARG A 619 -22.58 2.00 4.12
CA ARG A 619 -21.70 3.09 4.50
C ARG A 619 -22.08 4.33 3.72
N GLY A 620 -21.81 5.49 4.30
CA GLY A 620 -22.13 6.77 3.68
C GLY A 620 -20.88 7.63 3.51
N GLU A 621 -20.82 8.36 2.40
CA GLU A 621 -19.71 9.26 2.12
C GLU A 621 -20.24 10.56 1.56
N SER A 622 -19.49 11.64 1.76
CA SER A 622 -19.87 12.96 1.27
C SER A 622 -18.68 13.61 0.56
N VAL A 623 -18.92 14.11 -0.65
CA VAL A 623 -17.87 14.72 -1.46
C VAL A 623 -18.37 16.04 -2.02
N THR A 624 -17.43 16.87 -2.49
CA THR A 624 -17.73 18.15 -3.10
C THR A 624 -16.99 18.26 -4.43
N VAL A 625 -17.68 18.70 -5.46
CA VAL A 625 -17.13 18.79 -6.81
C VAL A 625 -17.30 20.22 -7.31
N THR A 626 -16.21 20.79 -7.83
CA THR A 626 -16.22 22.14 -8.39
C THR A 626 -16.28 22.05 -9.91
N MET A 627 -17.19 22.82 -10.51
CA MET A 627 -17.43 22.77 -11.95
C MET A 627 -16.55 23.79 -12.65
N ASP A 628 -15.62 23.30 -13.47
CA ASP A 628 -14.66 24.19 -14.12
C ASP A 628 -14.35 23.84 -15.58
N ASN A 629 -14.98 22.84 -16.17
CA ASN A 629 -14.71 22.45 -17.56
C ASN A 629 -16.02 22.45 -18.33
N VAL A 630 -16.13 23.33 -19.32
CA VAL A 630 -17.38 23.58 -20.04
C VAL A 630 -17.57 22.47 -21.07
N GLY A 631 -18.39 21.48 -20.74
CA GLY A 631 -18.62 20.39 -21.67
C GLY A 631 -19.54 19.34 -21.07
N THR A 632 -19.82 18.32 -21.87
CA THR A 632 -20.66 17.21 -21.45
C THR A 632 -19.79 16.06 -20.99
N TRP A 633 -20.14 15.47 -19.83
CA TRP A 633 -19.38 14.38 -19.27
C TRP A 633 -20.33 13.38 -18.63
N MET A 634 -19.78 12.27 -18.15
CA MET A 634 -20.58 11.14 -17.72
C MET A 634 -19.93 10.47 -16.52
N LEU A 635 -20.68 10.37 -15.42
CA LEU A 635 -20.29 9.50 -14.32
C LEU A 635 -20.48 8.05 -14.74
N THR A 636 -19.47 7.22 -14.49
CA THR A 636 -19.53 5.82 -14.90
C THR A 636 -19.01 4.94 -13.78
N SER A 637 -19.45 3.68 -13.81
CA SER A 637 -18.95 2.66 -12.89
C SER A 637 -17.67 2.05 -13.45
N MET A 638 -16.67 2.91 -13.62
CA MET A 638 -15.40 2.47 -14.19
C MET A 638 -14.72 1.48 -13.26
N ASN A 639 -13.81 0.69 -13.84
CA ASN A 639 -13.22 -0.47 -13.17
C ASN A 639 -14.30 -1.45 -12.75
N SER A 640 -15.28 -1.62 -13.63
CA SER A 640 -16.48 -2.41 -13.32
C SER A 640 -16.15 -3.89 -13.26
N SER A 641 -17.02 -4.62 -12.57
CA SER A 641 -16.99 -6.07 -12.59
C SER A 641 -17.48 -6.56 -13.96
N PRO A 642 -17.21 -7.84 -14.30
CA PRO A 642 -17.72 -8.37 -15.57
C PRO A 642 -19.22 -8.23 -15.73
N ARG A 643 -19.98 -8.15 -14.64
CA ARG A 643 -21.40 -7.88 -14.68
C ARG A 643 -21.70 -6.50 -14.11
N SER A 644 -22.96 -6.09 -14.24
CA SER A 644 -23.44 -4.79 -13.76
C SER A 644 -22.60 -3.64 -14.33
N LYS A 645 -22.41 -3.66 -15.64
CA LYS A 645 -21.66 -2.62 -16.33
C LYS A 645 -22.53 -1.44 -16.77
N LYS A 646 -23.85 -1.57 -16.67
CA LYS A 646 -24.75 -0.50 -17.12
C LYS A 646 -25.17 0.36 -15.93
N LEU A 647 -24.22 1.18 -15.47
CA LEU A 647 -24.44 2.13 -14.37
C LEU A 647 -23.75 3.44 -14.76
N ARG A 648 -24.50 4.35 -15.38
CA ARG A 648 -23.94 5.60 -15.85
C ARG A 648 -24.94 6.73 -15.66
N LEU A 649 -24.40 7.93 -15.46
CA LEU A 649 -25.18 9.16 -15.36
C LEU A 649 -24.53 10.20 -16.25
N LYS A 650 -25.34 11.15 -16.72
CA LYS A 650 -24.93 12.09 -17.76
C LYS A 650 -25.16 13.51 -17.28
N PHE A 651 -24.10 14.32 -17.28
CA PHE A 651 -24.25 15.70 -16.83
C PHE A 651 -23.53 16.63 -17.78
N ARG A 652 -23.93 17.90 -17.72
CA ARG A 652 -23.41 18.96 -18.57
C ARG A 652 -22.93 20.12 -17.70
N ASP A 653 -21.80 20.69 -18.08
CA ASP A 653 -21.24 21.89 -17.45
C ASP A 653 -21.32 22.99 -18.50
N VAL A 654 -22.31 23.86 -18.39
CA VAL A 654 -22.57 24.83 -19.45
C VAL A 654 -22.05 26.20 -19.01
N LYS A 655 -21.61 26.99 -19.99
CA LYS A 655 -21.22 28.35 -19.72
C LYS A 655 -22.46 29.17 -19.36
N CYS A 656 -22.36 29.92 -18.27
CA CYS A 656 -23.54 30.52 -17.68
C CYS A 656 -23.88 31.82 -18.39
N ILE A 657 -25.18 32.08 -18.52
CA ILE A 657 -25.66 33.21 -19.31
C ILE A 657 -25.18 34.52 -18.69
N PRO A 658 -24.56 35.41 -19.47
CA PRO A 658 -24.02 36.65 -18.89
C PRO A 658 -25.05 37.73 -18.62
N ASP A 659 -26.35 37.43 -18.69
CA ASP A 659 -27.36 38.42 -18.38
C ASP A 659 -27.31 38.78 -16.89
N ASP A 660 -27.38 40.08 -16.60
CA ASP A 660 -27.37 40.52 -15.21
C ASP A 660 -28.65 40.11 -14.48
N ASP A 661 -29.75 39.99 -15.20
CA ASP A 661 -31.04 39.60 -14.62
C ASP A 661 -31.67 38.50 -15.46
N GLU A 662 -32.23 37.50 -14.77
CA GLU A 662 -32.96 36.41 -15.41
C GLU A 662 -32.10 35.67 -16.43
N ASP A 663 -30.87 35.33 -16.04
CA ASP A 663 -30.03 34.49 -16.89
C ASP A 663 -30.64 33.11 -17.06
N SER A 664 -31.19 32.55 -15.98
CA SER A 664 -31.97 31.33 -16.00
C SER A 664 -33.19 31.54 -15.12
N TYR A 665 -34.05 30.53 -15.03
CA TYR A 665 -35.23 30.64 -14.16
C TYR A 665 -34.77 30.51 -12.72
N GLU A 666 -34.99 31.57 -11.93
CA GLU A 666 -34.50 31.57 -10.55
C GLU A 666 -35.15 32.69 -9.78
N ILE A 667 -35.60 32.38 -8.57
CA ILE A 667 -36.07 33.38 -7.61
C ILE A 667 -35.27 33.11 -6.33
N PHE A 668 -34.02 32.67 -6.51
CA PHE A 668 -33.17 32.10 -5.47
C PHE A 668 -33.76 30.75 -5.06
N GLU A 669 -33.75 30.43 -3.77
CA GLU A 669 -34.44 29.24 -3.31
C GLU A 669 -35.69 29.68 -2.57
N PRO A 670 -36.87 29.61 -3.19
CA PRO A 670 -38.08 30.14 -2.56
C PRO A 670 -38.39 29.50 -1.21
N PRO A 671 -38.19 28.16 -1.03
CA PRO A 671 -38.35 27.62 0.33
C PRO A 671 -37.31 28.15 1.31
N GLU A 672 -36.03 27.96 0.97
CA GLU A 672 -34.86 28.31 1.77
C GLU A 672 -34.79 27.48 3.05
N SER A 673 -35.85 26.75 3.39
CA SER A 673 -35.86 25.94 4.60
C SER A 673 -36.47 24.58 4.32
N THR A 674 -36.38 24.11 3.07
CA THR A 674 -37.05 22.91 2.60
C THR A 674 -38.55 22.99 2.92
N VAL A 675 -39.18 24.00 2.33
CA VAL A 675 -40.57 24.34 2.62
C VAL A 675 -41.31 24.47 1.28
N MET A 676 -41.92 23.38 0.85
CA MET A 676 -42.95 23.44 -0.19
C MET A 676 -44.36 23.32 0.37
N ALA A 677 -44.52 22.59 1.47
CA ALA A 677 -45.73 22.63 2.27
C ALA A 677 -45.33 22.64 3.73
N THR A 678 -45.91 23.56 4.49
CA THR A 678 -45.46 23.84 5.85
C THR A 678 -46.01 22.79 6.81
N ARG A 679 -45.81 23.05 8.11
CA ARG A 679 -46.41 22.32 9.23
C ARG A 679 -45.81 20.93 9.43
N LYS A 680 -44.98 20.46 8.50
CA LYS A 680 -44.13 19.32 8.83
C LYS A 680 -42.98 19.75 9.72
N MET A 681 -42.31 20.84 9.34
CA MET A 681 -41.33 21.50 10.19
C MET A 681 -41.68 23.00 10.24
N HIS A 682 -42.56 23.33 11.18
CA HIS A 682 -42.88 24.72 11.49
C HIS A 682 -42.09 25.22 12.69
N ASP A 683 -41.60 24.30 13.52
CA ASP A 683 -40.70 24.63 14.63
C ASP A 683 -39.24 24.48 14.20
N ARG A 684 -39.00 24.19 12.93
CA ARG A 684 -37.66 24.27 12.36
C ARG A 684 -37.33 25.76 12.20
N LEU A 685 -36.59 26.30 13.16
CA LEU A 685 -36.29 27.72 13.14
C LEU A 685 -35.46 28.09 11.92
N GLU A 686 -35.34 29.38 11.68
CA GLU A 686 -34.73 29.86 10.45
C GLU A 686 -33.29 29.38 10.35
N PRO A 687 -32.88 28.82 9.21
CA PRO A 687 -31.48 28.37 9.07
C PRO A 687 -30.47 29.50 9.19
N GLU A 688 -30.90 30.74 8.96
CA GLU A 688 -30.02 31.89 9.05
C GLU A 688 -29.47 32.07 10.45
N ASP A 689 -30.31 31.86 11.46
CA ASP A 689 -29.92 32.08 12.85
C ASP A 689 -29.62 30.76 13.54
N GLU A 690 -28.47 30.69 14.21
CA GLU A 690 -28.07 29.50 14.95
C GLU A 690 -28.44 29.69 16.42
N GLU A 691 -27.97 28.78 17.28
CA GLU A 691 -28.42 28.66 18.67
C GLU A 691 -28.01 29.83 19.56
N SER A 692 -27.45 30.93 19.06
CA SER A 692 -27.08 32.05 19.93
C SER A 692 -27.26 33.36 19.18
N ASP A 693 -28.41 34.00 19.37
CA ASP A 693 -28.54 35.39 18.95
C ASP A 693 -27.57 36.27 19.73
N ALA A 694 -27.48 36.05 21.04
CA ALA A 694 -26.43 36.62 21.88
C ALA A 694 -25.77 35.61 22.80
N ASP A 695 -26.44 34.50 23.14
CA ASP A 695 -25.87 33.46 23.98
C ASP A 695 -26.66 32.18 23.76
N TYR A 696 -26.06 31.06 24.17
CA TYR A 696 -26.71 29.76 24.10
C TYR A 696 -27.39 29.45 25.42
N ASP A 697 -28.68 29.16 25.38
CA ASP A 697 -29.36 28.64 26.56
C ASP A 697 -28.92 27.21 26.83
N TYR A 698 -28.50 26.93 28.06
CA TYR A 698 -27.80 25.69 28.36
C TYR A 698 -28.39 25.07 29.61
N GLN A 699 -28.61 23.76 29.58
CA GLN A 699 -29.09 23.00 30.72
C GLN A 699 -28.49 21.60 30.66
N ASN A 700 -27.57 21.31 31.57
CA ASN A 700 -26.92 20.01 31.61
C ASN A 700 -26.36 19.79 33.02
N ARG A 701 -26.10 18.52 33.32
CA ARG A 701 -25.48 18.11 34.58
C ARG A 701 -24.04 17.71 34.25
N LEU A 702 -23.16 18.73 34.25
CA LEU A 702 -21.79 18.57 33.76
C LEU A 702 -20.91 18.03 34.89
N ALA A 703 -20.97 16.71 35.06
CA ALA A 703 -20.10 16.01 36.01
C ALA A 703 -19.54 14.71 35.47
N ALA A 704 -19.82 14.36 34.22
CA ALA A 704 -19.23 13.15 33.64
C ALA A 704 -17.72 13.26 33.56
N ALA A 705 -17.22 14.42 33.14
CA ALA A 705 -15.78 14.66 33.11
C ALA A 705 -15.29 14.80 34.55
N LEU A 706 -14.59 13.77 35.04
CA LEU A 706 -14.09 13.80 36.41
C LEU A 706 -13.11 14.95 36.61
N GLY A 707 -12.24 15.19 35.63
CA GLY A 707 -11.35 16.33 35.64
C GLY A 707 -11.97 17.53 34.96
N ILE A 708 -11.10 18.48 34.60
CA ILE A 708 -11.56 19.66 33.88
C ILE A 708 -12.06 19.26 32.50
N ARG A 709 -13.05 20.01 32.00
CA ARG A 709 -13.57 19.77 30.65
C ARG A 709 -12.44 19.75 29.62
N SER A 710 -11.55 20.74 29.69
CA SER A 710 -10.32 20.77 28.90
C SER A 710 -10.58 20.67 27.40
N PHE A 711 -11.68 21.28 26.92
CA PHE A 711 -11.88 21.35 25.48
C PHE A 711 -10.89 22.30 24.82
N ARG A 712 -10.33 23.25 25.59
CA ARG A 712 -9.23 24.06 25.08
C ARG A 712 -7.98 23.22 24.88
N ASN A 713 -7.76 22.24 25.75
CA ASN A 713 -6.54 21.43 25.73
C ASN A 713 -6.63 20.38 24.62
N SER A 714 -6.52 20.87 23.38
CA SER A 714 -6.43 20.00 22.20
C SER A 714 -5.02 19.42 22.20
N SER A 715 -4.86 18.29 22.88
CA SER A 715 -3.54 17.72 23.16
C SER A 715 -2.97 16.99 21.94
N LEU A 716 -2.93 17.71 20.82
CA LEU A 716 -2.18 17.27 19.64
C LEU A 716 -0.79 17.92 19.63
N ASN A 717 -0.07 17.78 20.74
CA ASN A 717 1.19 18.47 20.96
C ASN A 717 2.37 17.82 20.25
N GLN A 718 2.11 16.80 19.42
CA GLN A 718 3.17 16.10 18.68
C GLN A 718 4.24 15.55 19.62
N GLU A 719 3.80 14.98 20.74
CA GLU A 719 4.74 14.43 21.71
C GLU A 719 5.52 13.28 21.09
N GLU A 720 6.83 13.28 21.30
CA GLU A 720 7.75 12.33 20.66
C GLU A 720 8.68 11.77 21.73
N GLU A 721 8.28 10.67 22.36
CA GLU A 721 9.19 9.96 23.26
C GLU A 721 10.26 9.26 22.44
N GLU A 722 11.51 9.32 22.93
CA GLU A 722 12.65 8.83 22.17
C GLU A 722 13.49 7.89 23.01
N PHE A 723 13.93 6.79 22.39
CA PHE A 723 14.88 5.87 23.01
C PHE A 723 15.51 5.05 21.90
N ASN A 724 16.82 5.20 21.72
CA ASN A 724 17.55 4.58 20.62
C ASN A 724 18.52 3.52 21.15
N LEU A 725 18.69 2.47 20.36
CA LEU A 725 19.60 1.39 20.70
C LEU A 725 20.17 0.78 19.43
N THR A 726 21.30 0.10 19.58
CA THR A 726 22.06 -0.50 18.48
C THR A 726 22.38 0.57 17.45
N ALA A 727 21.69 0.56 16.30
CA ALA A 727 21.92 1.53 15.23
C ALA A 727 20.57 1.96 14.64
N LEU A 728 19.59 2.19 15.51
CA LEU A 728 18.24 2.58 15.09
C LEU A 728 17.91 3.92 15.76
N ALA A 729 18.17 5.00 15.05
CA ALA A 729 17.87 6.34 15.54
C ALA A 729 16.46 6.77 15.13
N LEU A 730 15.94 7.76 15.84
CA LEU A 730 14.57 8.21 15.59
C LEU A 730 14.44 8.80 14.19
N GLU A 731 13.25 8.66 13.61
CA GLU A 731 13.02 9.08 12.23
C GLU A 731 11.64 9.69 12.09
N ASN A 732 11.53 10.63 11.15
CA ASN A 732 10.25 11.19 10.72
C ASN A 732 10.31 11.37 9.20
N GLY A 733 9.14 11.30 8.56
CA GLY A 733 9.12 11.35 7.12
C GLY A 733 9.56 12.68 6.55
N THR A 734 10.78 12.71 6.02
CA THR A 734 11.35 13.87 5.32
C THR A 734 12.19 13.34 4.16
N GLU A 735 13.02 14.22 3.60
CA GLU A 735 14.00 13.82 2.59
C GLU A 735 15.32 13.61 3.31
N PHE A 736 15.62 12.36 3.62
CA PHE A 736 16.82 11.99 4.38
C PHE A 736 17.72 11.14 3.50
N VAL A 737 18.92 11.65 3.21
CA VAL A 737 19.92 10.84 2.54
C VAL A 737 20.42 9.74 3.46
N SER A 738 20.57 10.06 4.75
CA SER A 738 20.95 9.12 5.81
C SER A 738 22.34 8.58 5.52
N SER A 739 22.59 7.28 5.64
CA SER A 739 23.93 6.72 5.55
C SER A 739 24.08 5.96 4.24
N ASN A 740 24.90 6.51 3.34
CA ASN A 740 25.25 5.88 2.08
C ASN A 740 26.33 6.74 1.43
N THR A 741 26.82 6.31 0.28
CA THR A 741 27.81 7.10 -0.44
C THR A 741 27.16 8.34 -1.03
N ASP A 742 27.81 9.49 -0.83
CA ASP A 742 27.27 10.77 -1.28
C ASP A 742 28.35 11.84 -1.12
N ILE A 743 28.25 12.88 -1.94
CA ILE A 743 29.15 14.02 -1.87
C ILE A 743 28.33 15.29 -1.90
N ILE A 744 28.88 16.36 -1.31
CA ILE A 744 28.14 17.61 -1.19
C ILE A 744 28.06 18.34 -2.54
N VAL A 745 29.08 18.22 -3.38
CA VAL A 745 29.16 18.97 -4.62
C VAL A 745 28.16 18.42 -5.63
N GLY A 746 27.89 19.18 -6.69
CA GLY A 746 26.94 18.79 -7.71
C GLY A 746 25.50 18.88 -7.22
N SER A 747 24.85 17.73 -7.09
CA SER A 747 23.51 17.60 -6.51
C SER A 747 22.51 18.34 -7.41
N ASN A 748 21.73 19.28 -6.89
CA ASN A 748 20.61 19.85 -7.62
C ASN A 748 21.08 20.83 -8.70
N TYR A 749 20.13 21.24 -9.53
CA TYR A 749 20.36 22.20 -10.61
C TYR A 749 19.07 22.92 -10.92
N SER A 750 19.18 24.06 -11.57
CA SER A 750 18.05 24.92 -11.89
C SER A 750 17.70 24.81 -13.38
N SER A 751 16.60 25.47 -13.75
CA SER A 751 16.10 25.48 -15.12
C SER A 751 15.86 26.93 -15.53
N PRO A 752 16.88 27.62 -16.03
CA PRO A 752 16.73 29.05 -16.37
C PRO A 752 15.75 29.31 -17.51
N SER A 753 15.96 28.66 -18.64
CA SER A 753 15.14 28.85 -19.83
C SER A 753 14.07 27.77 -19.88
N ASN A 754 12.81 28.18 -19.94
CA ASN A 754 11.71 27.22 -19.82
C ASN A 754 10.67 27.36 -20.92
N ILE A 755 10.50 28.57 -21.48
CA ILE A 755 9.40 28.81 -22.40
C ILE A 755 9.52 27.91 -23.63
N LEU A 756 10.71 27.86 -24.23
CA LEU A 756 10.91 27.04 -25.41
C LEU A 756 12.24 26.29 -25.40
N GLY A 757 13.11 26.54 -24.42
CA GLY A 757 14.44 25.97 -24.45
C GLY A 757 14.52 24.49 -24.17
N GLN A 758 13.45 23.90 -23.65
CA GLN A 758 13.46 22.49 -23.27
C GLN A 758 13.24 21.62 -24.51
N MET A 759 14.34 21.29 -25.20
CA MET A 759 14.36 20.34 -26.30
C MET A 759 15.29 19.19 -25.92
N PRO A 760 14.91 18.38 -24.92
CA PRO A 760 15.84 17.38 -24.39
C PRO A 760 15.78 16.03 -25.09
N SER A 761 14.69 15.76 -25.82
CA SER A 761 14.52 14.44 -26.42
C SER A 761 15.60 14.08 -27.44
N PRO A 762 15.95 14.93 -28.42
CA PRO A 762 16.91 14.50 -29.44
C PRO A 762 18.36 14.52 -28.99
N SER A 763 18.59 14.58 -27.68
CA SER A 763 19.94 14.77 -27.16
C SER A 763 20.88 13.64 -27.56
N SER A 764 20.41 12.40 -27.48
CA SER A 764 21.27 11.27 -27.82
C SER A 764 21.53 11.24 -29.32
N PRO A 765 22.78 11.17 -29.76
CA PRO A 765 23.07 11.27 -31.21
C PRO A 765 22.92 9.95 -31.96
N THR A 766 23.16 8.82 -31.30
CA THR A 766 23.12 7.52 -31.96
C THR A 766 22.37 6.52 -31.08
N LEU A 767 21.66 5.61 -31.73
CA LEU A 767 20.87 4.59 -31.04
C LEU A 767 20.93 3.30 -31.85
N ASN A 768 20.04 2.35 -31.52
CA ASN A 768 20.14 1.01 -32.07
C ASN A 768 19.49 0.89 -33.44
N ASP A 769 18.17 1.08 -33.52
CA ASP A 769 17.41 0.73 -34.70
C ASP A 769 17.51 1.85 -35.75
N THR A 770 17.02 1.54 -36.96
CA THR A 770 17.05 2.52 -38.05
C THR A 770 15.96 2.17 -39.06
N PHE A 771 14.91 2.99 -39.12
CA PHE A 771 13.96 2.97 -40.23
C PHE A 771 13.27 4.32 -40.29
N LEU A 772 13.41 5.01 -41.42
CA LEU A 772 13.01 6.41 -41.52
C LEU A 772 11.50 6.56 -41.71
N SER A 773 10.98 7.64 -41.15
CA SER A 773 9.57 8.02 -41.27
C SER A 773 9.46 9.48 -40.82
N LYS A 774 8.22 9.97 -40.68
CA LYS A 774 7.97 11.30 -40.16
C LYS A 774 6.60 11.31 -39.48
N GLU A 775 6.22 12.47 -38.95
CA GLU A 775 5.01 12.54 -38.13
C GLU A 775 3.74 12.43 -38.96
N PHE A 776 3.77 12.86 -40.22
CA PHE A 776 2.61 12.81 -41.13
C PHE A 776 1.47 13.61 -40.49
N ASN A 777 0.24 13.11 -40.58
CA ASN A 777 -0.98 13.71 -40.07
C ASN A 777 -1.70 12.67 -39.23
N PRO A 778 -2.86 12.96 -38.64
CA PRO A 778 -3.59 11.90 -37.92
C PRO A 778 -3.82 10.64 -38.74
N LEU A 779 -4.10 10.76 -40.04
CA LEU A 779 -4.31 9.62 -40.93
C LEU A 779 -5.27 8.59 -40.34
N VAL A 780 -6.52 9.02 -40.17
CA VAL A 780 -7.59 8.09 -39.87
C VAL A 780 -7.99 7.39 -41.17
N ILE A 781 -7.63 6.11 -41.29
CA ILE A 781 -7.79 5.41 -42.55
C ILE A 781 -9.27 5.22 -42.88
N VAL A 782 -10.08 4.86 -41.88
CA VAL A 782 -11.51 4.75 -42.10
C VAL A 782 -12.08 6.13 -42.38
N GLY A 783 -13.17 6.17 -43.13
CA GLY A 783 -13.83 7.42 -43.43
C GLY A 783 -14.52 8.01 -42.21
N LEU A 784 -15.35 9.02 -42.48
CA LEU A 784 -16.13 9.68 -41.43
C LEU A 784 -17.40 8.88 -41.13
N SER A 785 -17.21 7.59 -40.90
CA SER A 785 -18.30 6.63 -40.71
C SER A 785 -18.52 6.43 -39.22
N LYS A 786 -19.14 7.43 -38.59
CA LYS A 786 -19.62 7.34 -37.21
C LYS A 786 -18.52 7.03 -36.21
N ASP A 787 -17.30 7.50 -36.46
CA ASP A 787 -16.25 7.35 -35.46
C ASP A 787 -16.44 8.32 -34.30
N GLY A 788 -16.91 9.54 -34.60
CA GLY A 788 -17.32 10.48 -33.58
C GLY A 788 -18.79 10.78 -33.70
N THR A 789 -19.59 10.32 -32.74
CA THR A 789 -21.04 10.39 -32.87
C THR A 789 -21.62 10.63 -31.48
N ASP A 790 -22.83 11.20 -31.45
CA ASP A 790 -23.52 11.51 -30.20
C ASP A 790 -23.99 10.20 -29.57
N TYR A 791 -23.06 9.53 -28.88
CA TYR A 791 -23.38 8.28 -28.21
C TYR A 791 -24.45 8.47 -27.15
N ILE A 792 -24.34 9.53 -26.37
CA ILE A 792 -25.28 9.84 -25.29
C ILE A 792 -25.69 11.29 -25.40
N GLU A 793 -27.00 11.55 -25.40
CA GLU A 793 -27.51 12.91 -25.39
C GLU A 793 -29.00 12.95 -25.04
N ILE A 794 -29.37 13.79 -24.08
CA ILE A 794 -30.77 14.12 -23.82
C ILE A 794 -30.85 15.62 -23.58
N ILE A 795 -31.85 16.26 -24.18
CA ILE A 795 -32.07 17.69 -23.99
C ILE A 795 -33.33 17.88 -23.16
N PRO A 796 -33.21 18.08 -21.85
CA PRO A 796 -34.40 18.24 -21.01
C PRO A 796 -34.79 19.69 -20.81
N LYS A 797 -36.10 19.90 -20.69
CA LYS A 797 -36.68 21.20 -20.34
C LYS A 797 -37.57 20.96 -19.13
N GLU A 798 -36.97 21.01 -17.94
CA GLU A 798 -37.65 20.61 -16.73
C GLU A 798 -37.58 21.73 -15.70
N GLU A 799 -38.66 21.86 -14.91
CA GLU A 799 -38.79 22.93 -13.93
C GLU A 799 -38.58 22.46 -12.50
N VAL A 800 -38.63 21.15 -12.25
CA VAL A 800 -38.67 20.62 -10.90
C VAL A 800 -37.25 20.48 -10.35
N GLN A 801 -36.27 21.03 -11.08
CA GLN A 801 -34.90 21.05 -10.57
C GLN A 801 -34.82 21.82 -9.26
N SER A 802 -35.50 22.96 -9.18
CA SER A 802 -35.84 23.73 -7.99
C SER A 802 -34.67 24.49 -7.38
N SER A 803 -33.45 24.34 -7.89
CA SER A 803 -32.28 25.05 -7.36
C SER A 803 -32.18 24.85 -5.84
N GLU A 804 -31.92 23.59 -5.48
CA GLU A 804 -32.32 23.07 -4.18
C GLU A 804 -31.69 23.84 -3.01
N ASP A 805 -30.42 24.20 -3.08
CA ASP A 805 -29.72 24.67 -1.88
C ASP A 805 -29.42 26.17 -1.90
N ASP A 806 -28.60 26.65 -2.84
CA ASP A 806 -28.09 28.02 -2.72
C ASP A 806 -28.48 28.92 -3.88
N TYR A 807 -28.18 28.54 -5.12
CA TYR A 807 -28.19 29.52 -6.20
C TYR A 807 -28.93 28.93 -7.40
N ALA A 808 -28.92 29.67 -8.51
CA ALA A 808 -29.78 29.39 -9.66
C ALA A 808 -29.42 28.06 -10.32
N GLU A 809 -30.41 27.49 -10.99
CA GLU A 809 -30.24 26.31 -11.83
C GLU A 809 -30.57 26.70 -13.27
N ILE A 810 -29.80 26.16 -14.22
CA ILE A 810 -29.93 26.60 -15.61
C ILE A 810 -31.30 26.24 -16.18
N ASP A 811 -31.75 27.06 -17.13
CA ASP A 811 -33.05 26.84 -17.77
C ASP A 811 -32.97 25.83 -18.90
N TYR A 812 -31.77 25.50 -19.36
CA TYR A 812 -31.51 24.52 -20.40
C TYR A 812 -31.93 25.02 -21.78
N VAL A 813 -32.63 26.16 -21.82
CA VAL A 813 -32.98 26.79 -23.10
C VAL A 813 -31.82 27.64 -23.60
N PRO A 814 -31.31 28.63 -22.83
CA PRO A 814 -30.25 29.50 -23.40
C PRO A 814 -28.84 28.98 -23.15
N TYR A 815 -28.46 27.93 -23.86
CA TYR A 815 -27.11 27.40 -23.77
C TYR A 815 -26.41 27.57 -25.12
N ASP A 816 -25.11 27.32 -25.14
CA ASP A 816 -24.31 27.41 -26.35
C ASP A 816 -24.23 26.05 -27.01
N ASP A 817 -24.52 26.00 -28.31
CA ASP A 817 -24.52 24.73 -29.02
C ASP A 817 -23.15 24.04 -28.99
N PRO A 818 -22.04 24.71 -29.28
CA PRO A 818 -20.73 24.05 -29.06
C PRO A 818 -20.36 23.93 -27.60
N TYR A 819 -20.61 24.98 -26.81
CA TYR A 819 -20.22 25.10 -25.40
C TYR A 819 -18.83 24.53 -25.14
N LYS A 820 -17.92 24.72 -26.11
CA LYS A 820 -16.49 24.56 -25.94
C LYS A 820 -15.76 25.66 -26.72
N THR A 821 -16.39 26.82 -26.85
CA THR A 821 -15.83 27.90 -27.66
C THR A 821 -14.50 28.38 -27.11
N ASP A 822 -14.53 29.00 -25.93
CA ASP A 822 -13.34 29.61 -25.32
C ASP A 822 -12.67 30.47 -26.39
N VAL A 823 -11.35 30.37 -26.57
CA VAL A 823 -10.66 30.96 -27.70
C VAL A 823 -9.76 29.87 -28.27
N ARG A 824 -9.57 28.80 -27.49
CA ARG A 824 -8.65 27.72 -27.82
C ARG A 824 -9.00 27.02 -29.13
N THR A 825 -10.17 26.37 -29.17
CA THR A 825 -10.53 25.51 -30.29
C THR A 825 -11.65 26.08 -31.17
N ASN A 826 -12.23 27.21 -30.79
CA ASN A 826 -13.28 27.84 -31.61
C ASN A 826 -12.61 28.64 -32.73
N ILE A 827 -12.02 27.90 -33.66
CA ILE A 827 -11.31 28.48 -34.79
C ILE A 827 -11.89 27.87 -36.06
N ASN A 828 -12.29 28.73 -37.00
CA ASN A 828 -12.87 28.28 -38.26
C ASN A 828 -11.87 28.31 -39.40
N SER A 829 -10.58 28.51 -39.09
CA SER A 829 -9.52 28.52 -40.09
C SER A 829 -8.60 27.34 -39.86
N SER A 830 -8.24 26.66 -40.96
CA SER A 830 -7.42 25.45 -40.92
C SER A 830 -8.16 24.41 -40.06
N ARG A 831 -7.41 23.52 -39.40
CA ARG A 831 -8.03 22.53 -38.53
C ARG A 831 -7.03 22.10 -37.47
N ASP A 832 -7.48 22.07 -36.22
CA ASP A 832 -6.74 21.58 -35.05
C ASP A 832 -5.24 21.92 -35.10
N PRO A 833 -4.88 23.20 -35.07
CA PRO A 833 -3.46 23.55 -35.02
C PRO A 833 -2.94 23.45 -33.59
N ASP A 834 -1.78 22.81 -33.44
CA ASP A 834 -1.21 22.60 -32.12
C ASP A 834 -0.47 23.83 -31.63
N ASN A 835 -1.13 24.99 -31.69
CA ASN A 835 -0.62 26.21 -31.09
C ASN A 835 -1.34 26.55 -29.79
N ILE A 836 -2.32 25.73 -29.38
CA ILE A 836 -3.01 25.95 -28.12
C ILE A 836 -2.07 25.74 -26.94
N ALA A 837 -0.97 25.02 -27.13
CA ALA A 837 0.03 24.91 -26.07
C ALA A 837 0.66 26.26 -25.77
N ALA A 838 0.84 27.10 -26.79
CA ALA A 838 1.30 28.47 -26.55
C ALA A 838 0.27 29.25 -25.74
N TRP A 839 -1.01 29.03 -26.01
CA TRP A 839 -2.06 29.63 -25.21
C TRP A 839 -2.06 28.99 -23.82
N TYR A 840 -2.61 29.73 -22.85
CA TYR A 840 -2.70 29.32 -21.44
C TYR A 840 -1.36 28.93 -20.85
N LEU A 841 -0.26 29.28 -21.52
CA LEU A 841 1.06 29.06 -20.96
C LEU A 841 1.19 29.90 -19.69
N ARG A 842 1.25 29.24 -18.54
CA ARG A 842 1.02 29.91 -17.26
C ARG A 842 2.19 30.82 -16.92
N SER A 843 2.03 32.11 -17.19
CA SER A 843 3.02 33.13 -16.84
C SER A 843 4.41 32.78 -17.39
N ASN A 844 5.38 32.66 -16.49
CA ASN A 844 6.76 32.36 -16.86
C ASN A 844 7.12 30.90 -16.65
N ASN A 845 6.14 30.05 -16.33
CA ASN A 845 6.45 28.64 -16.09
C ASN A 845 6.98 27.96 -17.34
N GLY A 846 6.37 28.22 -18.49
CA GLY A 846 6.81 27.63 -19.75
C GLY A 846 6.91 26.13 -19.71
N ASN A 847 8.14 25.62 -19.89
CA ASN A 847 8.44 24.20 -19.72
C ASN A 847 7.60 23.32 -20.64
N ARG A 848 7.60 23.64 -21.92
CA ARG A 848 7.04 22.73 -22.90
C ARG A 848 7.86 21.44 -22.91
N ARG A 849 7.22 20.34 -22.54
CA ARG A 849 7.90 19.06 -22.37
C ARG A 849 7.40 18.10 -23.44
N ASN A 850 8.31 17.54 -24.22
CA ASN A 850 7.98 16.75 -25.39
C ASN A 850 8.28 15.28 -25.17
N TYR A 851 7.40 14.41 -25.68
CA TYR A 851 7.60 12.97 -25.59
C TYR A 851 7.16 12.30 -26.88
N TYR A 852 7.81 11.19 -27.21
CA TYR A 852 7.48 10.37 -28.37
C TYR A 852 7.30 8.93 -27.92
N ILE A 853 6.18 8.32 -28.30
CA ILE A 853 5.84 6.97 -27.85
C ILE A 853 5.26 6.20 -29.03
N ALA A 854 5.68 4.94 -29.17
CA ALA A 854 5.14 4.06 -30.19
C ALA A 854 4.58 2.80 -29.56
N ALA A 855 3.64 2.16 -30.25
CA ALA A 855 3.06 0.91 -29.79
C ALA A 855 3.38 -0.20 -30.79
N GLU A 856 3.96 -1.29 -30.31
CA GLU A 856 4.28 -2.40 -31.21
C GLU A 856 4.25 -3.72 -30.46
N GLU A 857 4.41 -4.81 -31.21
CA GLU A 857 4.05 -6.15 -30.79
C GLU A 857 5.30 -7.02 -30.60
N ILE A 858 5.35 -7.76 -29.50
CA ILE A 858 6.47 -8.61 -29.15
C ILE A 858 5.94 -9.93 -28.57
N SER A 859 6.87 -10.79 -28.15
CA SER A 859 6.55 -12.04 -27.47
C SER A 859 7.09 -11.99 -26.05
N TRP A 860 6.32 -12.55 -25.11
CA TRP A 860 6.60 -12.44 -23.69
C TRP A 860 6.65 -13.82 -23.05
N ASP A 861 7.56 -13.98 -22.09
CA ASP A 861 7.70 -15.19 -21.30
C ASP A 861 7.59 -14.82 -19.82
N TYR A 862 6.68 -15.48 -19.12
CA TYR A 862 6.38 -15.07 -17.74
C TYR A 862 7.49 -15.47 -16.78
N SER A 863 8.03 -16.67 -16.93
CA SER A 863 9.03 -17.21 -15.99
C SER A 863 10.34 -17.43 -16.73
N GLU A 864 11.24 -16.46 -16.65
CA GLU A 864 12.57 -16.56 -17.24
C GLU A 864 13.69 -16.62 -16.22
N PHE A 865 13.61 -15.83 -15.15
CA PHE A 865 14.65 -15.74 -14.15
C PHE A 865 14.52 -16.81 -13.07
N VAL A 866 13.80 -17.90 -13.35
CA VAL A 866 13.65 -19.01 -12.42
C VAL A 866 14.74 -20.06 -12.64
N GLN A 867 15.65 -19.82 -13.58
CA GLN A 867 16.63 -20.83 -13.97
C GLN A 867 17.48 -21.29 -12.79
N ARG A 868 17.91 -20.35 -11.93
CA ARG A 868 18.68 -20.73 -10.76
C ARG A 868 17.88 -21.63 -9.83
N GLU A 869 16.60 -21.30 -9.64
CA GLU A 869 15.72 -22.15 -8.84
C GLU A 869 15.28 -23.41 -9.59
N THR A 870 15.44 -23.44 -10.91
CA THR A 870 15.02 -24.57 -11.73
C THR A 870 16.08 -25.67 -11.65
N ASP A 871 16.03 -26.44 -10.56
CA ASP A 871 16.98 -27.53 -10.39
C ASP A 871 16.68 -28.69 -11.33
N ILE A 872 15.41 -29.07 -11.44
CA ILE A 872 15.00 -30.13 -12.36
C ILE A 872 14.57 -29.50 -13.68
N GLU A 873 14.91 -30.16 -14.79
CA GLU A 873 14.64 -29.57 -16.10
C GLU A 873 13.14 -29.42 -16.36
N ASP A 874 12.38 -30.52 -16.19
CA ASP A 874 10.93 -30.56 -16.40
C ASP A 874 10.52 -29.70 -17.59
N SER A 875 9.79 -28.61 -17.30
CA SER A 875 9.51 -27.57 -18.28
C SER A 875 9.92 -26.23 -17.67
N ASP A 876 9.57 -25.13 -18.31
CA ASP A 876 9.82 -23.82 -17.71
C ASP A 876 9.05 -23.73 -16.39
N ASP A 877 7.72 -23.68 -16.49
CA ASP A 877 6.86 -23.93 -15.33
C ASP A 877 5.65 -24.80 -15.66
N ILE A 878 5.21 -24.84 -16.92
CA ILE A 878 4.02 -25.58 -17.34
C ILE A 878 4.38 -26.32 -18.63
N PRO A 879 3.78 -27.49 -18.94
CA PRO A 879 3.95 -28.11 -20.26
C PRO A 879 3.85 -27.10 -21.39
N GLU A 880 2.90 -26.17 -21.29
CA GLU A 880 2.90 -24.98 -22.15
C GLU A 880 3.80 -23.96 -21.46
N ASP A 881 5.01 -23.79 -22.00
CA ASP A 881 6.08 -23.13 -21.26
C ASP A 881 6.00 -21.61 -21.30
N THR A 882 4.82 -21.06 -20.98
CA THR A 882 4.62 -19.64 -20.69
C THR A 882 5.29 -18.73 -21.73
N THR A 883 4.80 -18.82 -22.96
CA THR A 883 5.22 -17.94 -24.05
C THR A 883 3.98 -17.48 -24.80
N TYR A 884 3.73 -16.17 -24.79
CA TYR A 884 2.53 -15.64 -25.40
C TYR A 884 2.84 -14.34 -26.13
N LYS A 885 2.05 -14.06 -27.16
CA LYS A 885 2.23 -12.84 -27.95
C LYS A 885 1.51 -11.68 -27.27
N LYS A 886 2.17 -10.52 -27.19
CA LYS A 886 1.61 -9.36 -26.52
C LYS A 886 1.98 -8.10 -27.30
N VAL A 887 1.41 -6.98 -26.88
CA VAL A 887 1.67 -5.67 -27.49
C VAL A 887 1.98 -4.68 -26.38
N VAL A 888 3.04 -3.87 -26.57
CA VAL A 888 3.52 -2.98 -25.53
C VAL A 888 3.90 -1.62 -26.12
N PHE A 889 4.00 -0.64 -25.21
CA PHE A 889 4.52 0.68 -25.52
C PHE A 889 6.04 0.67 -25.47
N ARG A 890 6.65 1.52 -26.30
CA ARG A 890 8.09 1.74 -26.26
C ARG A 890 8.38 3.20 -26.57
N LYS A 891 9.59 3.62 -26.21
CA LYS A 891 10.02 5.01 -26.33
C LYS A 891 11.05 5.15 -27.43
N TYR A 892 10.91 6.19 -28.24
CA TYR A 892 11.81 6.48 -29.34
C TYR A 892 12.48 7.84 -29.09
N LEU A 893 13.20 8.32 -30.09
CA LEU A 893 14.07 9.49 -29.94
C LEU A 893 13.46 10.76 -30.53
N ASP A 894 13.12 10.73 -31.82
CA ASP A 894 12.72 11.92 -32.55
C ASP A 894 11.44 11.63 -33.32
N SER A 895 10.92 12.66 -33.99
CA SER A 895 9.69 12.51 -34.77
C SER A 895 9.84 11.54 -35.93
N THR A 896 11.08 11.23 -36.32
CA THR A 896 11.29 10.27 -37.41
C THR A 896 10.83 8.87 -37.02
N PHE A 897 10.89 8.54 -35.73
CA PHE A 897 10.58 7.20 -35.23
C PHE A 897 11.48 6.16 -35.91
N THR A 898 12.78 6.35 -35.75
CA THR A 898 13.77 5.50 -36.38
C THR A 898 14.74 4.84 -35.41
N LYS A 899 15.02 5.45 -34.26
CA LYS A 899 16.03 4.96 -33.34
C LYS A 899 15.44 4.82 -31.95
N ARG A 900 15.67 3.66 -31.32
CA ARG A 900 15.14 3.35 -30.01
C ARG A 900 16.11 3.74 -28.91
N ASP A 901 15.56 4.19 -27.78
CA ASP A 901 16.38 4.57 -26.64
C ASP A 901 16.59 3.35 -25.75
N PRO A 902 17.81 2.87 -25.59
CA PRO A 902 18.03 1.66 -24.79
C PRO A 902 17.68 1.88 -23.33
N ARG A 903 17.22 0.82 -22.68
CA ARG A 903 16.93 0.87 -21.25
C ARG A 903 18.22 0.78 -20.45
N GLY A 904 18.41 1.70 -19.52
CA GLY A 904 19.63 1.75 -18.74
C GLY A 904 19.62 0.79 -17.57
N GLU A 905 20.18 1.21 -16.44
CA GLU A 905 20.20 0.39 -15.24
C GLU A 905 19.10 0.74 -14.25
N TYR A 906 18.76 2.03 -14.14
CA TYR A 906 17.70 2.44 -13.23
C TYR A 906 16.37 1.80 -13.60
N GLU A 907 16.05 1.76 -14.89
CA GLU A 907 14.80 1.20 -15.39
C GLU A 907 15.07 -0.18 -15.97
N GLU A 908 15.15 -1.15 -15.07
CA GLU A 908 15.13 -2.57 -15.43
C GLU A 908 14.16 -3.38 -14.58
N HIS A 909 13.75 -2.89 -13.43
CA HIS A 909 12.73 -3.55 -12.62
C HIS A 909 11.33 -3.08 -13.04
N LEU A 910 11.07 -3.15 -14.34
CA LEU A 910 9.82 -2.69 -14.91
C LEU A 910 9.08 -3.77 -15.68
N GLY A 911 9.79 -4.60 -16.45
CA GLY A 911 9.15 -5.68 -17.16
C GLY A 911 8.21 -5.21 -18.25
N ILE A 912 6.90 -5.37 -18.00
CA ILE A 912 5.89 -5.09 -19.02
C ILE A 912 5.46 -3.62 -19.01
N LEU A 913 5.82 -2.86 -17.98
CA LEU A 913 5.42 -1.46 -17.90
C LEU A 913 6.11 -0.65 -19.00
N GLY A 914 5.42 0.40 -19.44
CA GLY A 914 5.94 1.26 -20.49
C GLY A 914 6.84 2.36 -19.95
N PRO A 915 7.20 3.30 -20.80
CA PRO A 915 8.07 4.39 -20.36
C PRO A 915 7.39 5.29 -19.34
N ILE A 916 8.21 5.92 -18.51
CA ILE A 916 7.73 6.80 -17.46
C ILE A 916 7.64 8.22 -17.98
N ILE A 917 6.59 8.93 -17.57
CA ILE A 917 6.35 10.31 -17.98
C ILE A 917 6.42 11.18 -16.73
N ARG A 918 7.38 12.10 -16.70
CA ARG A 918 7.63 12.93 -15.53
C ARG A 918 7.41 14.39 -15.86
N ALA A 919 6.91 15.15 -14.89
CA ALA A 919 6.69 16.58 -15.12
C ALA A 919 6.70 17.33 -13.80
N GLU A 920 6.89 18.65 -13.90
CA GLU A 920 6.79 19.55 -12.76
C GLU A 920 5.46 20.28 -12.77
N VAL A 921 5.20 21.01 -11.68
CA VAL A 921 3.91 21.66 -11.49
C VAL A 921 3.71 22.76 -12.52
N ASP A 922 2.53 22.78 -13.13
CA ASP A 922 2.11 23.83 -14.06
C ASP A 922 2.97 23.83 -15.33
N ASP A 923 3.08 22.66 -15.96
CA ASP A 923 3.88 22.47 -17.15
C ASP A 923 3.02 21.88 -18.27
N VAL A 924 3.33 22.26 -19.50
CA VAL A 924 2.63 21.77 -20.67
C VAL A 924 3.37 20.55 -21.20
N ILE A 925 2.62 19.49 -21.54
CA ILE A 925 3.19 18.26 -22.04
C ILE A 925 2.58 17.94 -23.39
N GLN A 926 3.42 17.76 -24.40
CA GLN A 926 2.98 17.29 -25.71
C GLN A 926 3.57 15.91 -25.95
N VAL A 927 2.70 14.94 -26.23
CA VAL A 927 3.11 13.57 -26.44
C VAL A 927 2.64 13.11 -27.81
N ARG A 928 3.55 12.55 -28.60
CA ARG A 928 3.21 11.96 -29.89
C ARG A 928 3.01 10.47 -29.71
N PHE A 929 1.94 9.95 -30.30
CA PHE A 929 1.61 8.54 -30.28
C PHE A 929 1.66 8.01 -31.70
N LYS A 930 2.43 6.94 -31.90
CA LYS A 930 2.56 6.31 -33.21
C LYS A 930 2.13 4.85 -33.13
N ASN A 931 1.18 4.46 -33.99
CA ASN A 931 0.62 3.12 -33.98
C ASN A 931 1.33 2.26 -35.01
N LEU A 932 1.96 1.18 -34.54
CA LEU A 932 2.61 0.21 -35.42
C LEU A 932 1.96 -1.16 -35.36
N ALA A 933 0.89 -1.33 -34.58
CA ALA A 933 0.19 -2.60 -34.50
C ALA A 933 -0.74 -2.74 -35.71
N SER A 934 -1.62 -3.73 -35.67
CA SER A 934 -2.48 -4.05 -36.81
C SER A 934 -3.96 -3.77 -36.54
N ARG A 935 -4.28 -2.99 -35.51
CA ARG A 935 -5.66 -2.60 -35.24
C ARG A 935 -5.65 -1.36 -34.37
N PRO A 936 -6.76 -0.63 -34.29
CA PRO A 936 -6.74 0.66 -33.60
C PRO A 936 -6.42 0.55 -32.11
N TYR A 937 -5.70 1.57 -31.62
CA TYR A 937 -5.47 1.77 -30.20
C TYR A 937 -5.47 3.28 -29.94
N SER A 938 -5.61 3.66 -28.68
CA SER A 938 -5.71 5.07 -28.33
C SER A 938 -4.92 5.32 -27.04
N LEU A 939 -5.08 6.52 -26.49
CA LEU A 939 -4.35 6.95 -25.30
C LEU A 939 -5.27 7.79 -24.43
N HIS A 940 -5.45 7.39 -23.18
CA HIS A 940 -6.31 8.09 -22.24
C HIS A 940 -5.52 8.44 -20.99
N ALA A 941 -5.53 9.71 -20.62
CA ALA A 941 -4.85 10.17 -19.42
C ALA A 941 -5.73 9.90 -18.20
N HIS A 942 -5.27 10.34 -17.02
CA HIS A 942 -6.02 10.12 -15.79
C HIS A 942 -5.49 11.04 -14.70
N GLY A 943 -6.39 11.79 -14.05
CA GLY A 943 -6.00 12.70 -12.99
C GLY A 943 -5.74 14.11 -13.46
N LEU A 944 -4.88 14.29 -14.47
CA LEU A 944 -4.58 15.61 -14.98
C LEU A 944 -5.76 16.18 -15.77
N SER A 945 -5.83 17.51 -15.81
CA SER A 945 -6.90 18.18 -16.55
C SER A 945 -6.59 18.19 -18.04
N TYR A 946 -7.64 18.22 -18.85
CA TYR A 946 -7.47 18.28 -20.29
C TYR A 946 -8.75 18.80 -20.92
N GLU A 947 -8.60 19.31 -22.14
CA GLU A 947 -9.72 19.77 -22.96
C GLU A 947 -10.00 18.71 -24.03
N LYS A 948 -11.21 18.76 -24.59
CA LYS A 948 -11.61 17.75 -25.56
C LYS A 948 -10.67 17.76 -26.78
N SER A 949 -10.80 16.73 -27.60
CA SER A 949 -9.81 16.34 -28.61
C SER A 949 -8.49 15.93 -27.97
N SER A 950 -8.53 15.56 -26.69
CA SER A 950 -7.39 14.99 -25.99
C SER A 950 -7.83 13.84 -25.10
N GLU A 951 -8.93 13.18 -25.45
CA GLU A 951 -9.50 12.07 -24.72
C GLU A 951 -9.55 10.86 -25.64
N GLY A 952 -9.84 9.68 -25.08
CA GLY A 952 -9.81 8.46 -25.85
C GLY A 952 -11.09 7.66 -25.87
N LYS A 953 -12.16 8.19 -25.30
CA LYS A 953 -13.42 7.47 -25.18
C LYS A 953 -14.38 7.87 -26.29
N THR A 954 -15.39 7.02 -26.51
CA THR A 954 -16.34 7.18 -27.60
C THR A 954 -17.76 7.35 -27.05
N TYR A 955 -17.91 8.23 -26.05
CA TYR A 955 -19.20 8.51 -25.45
C TYR A 955 -19.67 9.94 -25.65
N GLU A 956 -18.77 10.85 -26.04
CA GLU A 956 -19.05 12.28 -25.95
C GLU A 956 -20.24 12.69 -26.81
N ASP A 957 -21.00 13.66 -26.30
CA ASP A 957 -22.11 14.25 -27.02
C ASP A 957 -21.66 15.36 -27.96
N ASP A 958 -20.66 16.13 -27.56
CA ASP A 958 -20.15 17.24 -28.35
C ASP A 958 -19.50 16.66 -29.61
N SER A 959 -20.19 16.79 -30.74
CA SER A 959 -19.72 16.29 -32.03
C SER A 959 -19.82 17.41 -33.05
N PRO A 960 -18.87 18.36 -33.04
CA PRO A 960 -18.87 19.43 -34.03
C PRO A 960 -18.45 18.91 -35.40
N GLU A 961 -18.24 19.81 -36.36
CA GLU A 961 -17.82 19.39 -37.69
C GLU A 961 -16.52 18.60 -37.67
N TRP A 962 -15.71 18.76 -36.62
CA TRP A 962 -14.54 17.91 -36.44
C TRP A 962 -15.00 16.49 -36.09
N PHE A 963 -14.96 15.59 -37.07
CA PHE A 963 -15.08 14.18 -36.76
C PHE A 963 -13.79 13.75 -36.08
N LYS A 964 -13.87 13.49 -34.77
CA LYS A 964 -12.69 13.51 -33.91
C LYS A 964 -11.60 12.56 -34.41
N GLU A 965 -10.42 13.13 -34.68
CA GLU A 965 -9.31 12.35 -35.21
C GLU A 965 -8.87 11.29 -34.22
N ASP A 966 -8.87 11.61 -32.93
CA ASP A 966 -8.47 10.66 -31.90
C ASP A 966 -9.61 9.68 -31.66
N ASN A 967 -9.54 8.94 -30.55
CA ASN A 967 -10.48 7.90 -30.15
C ASN A 967 -10.25 6.65 -30.98
N ALA A 968 -9.41 6.75 -32.01
CA ALA A 968 -9.01 5.63 -32.84
C ALA A 968 -7.79 6.00 -33.66
N VAL A 969 -6.69 5.28 -33.48
CA VAL A 969 -5.46 5.53 -34.23
C VAL A 969 -5.16 4.24 -35.00
N GLN A 970 -5.64 4.18 -36.24
CA GLN A 970 -5.53 3.00 -37.06
C GLN A 970 -4.08 2.82 -37.52
N PRO A 971 -3.71 1.63 -38.01
CA PRO A 971 -2.29 1.34 -38.26
C PRO A 971 -1.64 2.33 -39.22
N ASN A 972 -0.35 2.58 -38.98
CA ASN A 972 0.43 3.58 -39.72
C ASN A 972 -0.19 4.97 -39.58
N SER A 973 -0.21 5.45 -38.33
CA SER A 973 -0.74 6.76 -38.04
C SER A 973 -0.10 7.28 -36.76
N SER A 974 -0.23 8.59 -36.56
CA SER A 974 0.33 9.25 -35.38
C SER A 974 -0.55 10.44 -35.01
N TYR A 975 -0.48 10.81 -33.73
CA TYR A 975 -1.27 11.93 -33.22
C TYR A 975 -0.50 12.64 -32.13
N THR A 976 -0.89 13.88 -31.84
CA THR A 976 -0.24 14.72 -30.85
C THR A 976 -1.24 15.11 -29.78
N TYR A 977 -1.08 14.57 -28.58
CA TYR A 977 -1.93 14.92 -27.44
C TYR A 977 -1.26 16.01 -26.61
N VAL A 978 -2.08 16.96 -26.15
CA VAL A 978 -1.62 18.09 -25.34
C VAL A 978 -2.29 18.01 -23.98
N TRP A 979 -1.48 18.01 -22.91
CA TRP A 979 -1.97 17.95 -21.54
C TRP A 979 -1.36 19.08 -20.73
N HIS A 980 -2.08 19.51 -19.71
CA HIS A 980 -1.70 20.65 -18.88
C HIS A 980 -1.77 20.28 -17.41
N ALA A 981 -0.67 20.52 -16.69
CA ALA A 981 -0.61 20.28 -15.25
C ALA A 981 -1.07 21.53 -14.51
N THR A 982 -1.79 21.31 -13.41
CA THR A 982 -2.37 22.40 -12.64
C THR A 982 -2.14 22.15 -11.15
N GLU A 983 -2.68 23.04 -10.32
CA GLU A 983 -2.42 22.98 -8.88
C GLU A 983 -3.09 21.78 -8.22
N ARG A 984 -4.28 21.40 -8.68
CA ARG A 984 -5.01 20.31 -8.02
C ARG A 984 -4.41 18.94 -8.30
N SER A 985 -3.46 18.85 -9.23
CA SER A 985 -2.79 17.59 -9.54
C SER A 985 -1.51 17.40 -8.74
N GLY A 986 -1.10 18.38 -7.95
CA GLY A 986 0.13 18.31 -7.20
C GLY A 986 -0.02 17.62 -5.86
N PRO A 987 1.08 17.49 -5.13
CA PRO A 987 1.05 16.86 -3.81
C PRO A 987 0.49 17.80 -2.76
N GLU A 988 0.52 17.35 -1.51
CA GLU A 988 0.03 18.14 -0.39
C GLU A 988 1.09 19.14 0.05
N SER A 989 0.76 19.96 1.04
CA SER A 989 1.69 20.98 1.51
C SER A 989 2.77 20.39 2.40
N PRO A 990 2.45 19.63 3.45
CA PRO A 990 3.52 19.02 4.28
C PRO A 990 3.87 17.59 3.91
N GLY A 991 3.33 17.05 2.81
CA GLY A 991 3.49 15.66 2.49
C GLY A 991 4.81 15.34 1.81
N SER A 992 4.83 14.20 1.13
CA SER A 992 6.04 13.72 0.48
C SER A 992 6.38 14.59 -0.74
N ALA A 993 7.43 14.20 -1.45
CA ALA A 993 7.90 14.99 -2.59
C ALA A 993 6.84 15.08 -3.68
N CYS A 994 6.32 13.94 -4.12
CA CYS A 994 5.30 13.95 -5.16
C CYS A 994 4.62 12.58 -5.25
N ARG A 995 3.48 12.57 -5.92
CA ARG A 995 2.58 11.42 -6.05
C ARG A 995 2.68 10.83 -7.45
N ALA A 996 1.83 9.84 -7.73
CA ALA A 996 1.87 9.11 -8.98
C ALA A 996 0.46 8.93 -9.55
N TRP A 997 0.36 9.03 -10.87
CA TRP A 997 -0.85 8.73 -11.63
C TRP A 997 -0.52 7.64 -12.65
N ALA A 998 -1.47 7.36 -13.55
CA ALA A 998 -1.26 6.35 -14.57
C ALA A 998 -2.07 6.69 -15.81
N TYR A 999 -1.67 6.11 -16.94
CA TYR A 999 -2.41 6.20 -18.18
C TYR A 999 -2.48 4.81 -18.82
N TYR A 1000 -3.47 4.63 -19.69
CA TYR A 1000 -3.64 3.37 -20.40
C TYR A 1000 -4.46 3.63 -21.65
N SER A 1001 -4.41 2.66 -22.58
CA SER A 1001 -5.19 2.73 -23.80
C SER A 1001 -6.64 2.39 -23.49
N ALA A 1002 -7.55 3.33 -23.73
CA ALA A 1002 -8.95 3.17 -23.37
C ALA A 1002 -9.84 3.43 -24.59
N VAL A 1003 -10.02 2.40 -25.41
CA VAL A 1003 -11.10 2.38 -26.38
C VAL A 1003 -12.01 1.17 -26.18
N ASN A 1004 -11.51 0.08 -25.61
CA ASN A 1004 -12.27 -1.00 -25.01
C ASN A 1004 -11.52 -1.38 -23.74
N PRO A 1005 -12.12 -1.26 -22.56
CA PRO A 1005 -11.36 -1.35 -21.32
C PRO A 1005 -10.70 -2.71 -21.07
N GLU A 1006 -10.83 -3.65 -22.00
CA GLU A 1006 -10.21 -4.96 -21.88
C GLU A 1006 -8.94 -5.08 -22.71
N LYS A 1007 -8.33 -3.96 -23.09
CA LYS A 1007 -7.00 -3.95 -23.66
C LYS A 1007 -5.98 -3.25 -22.80
N ASP A 1008 -6.40 -2.59 -21.72
CA ASP A 1008 -5.48 -1.90 -20.84
C ASP A 1008 -5.06 -2.73 -19.64
N ILE A 1009 -6.02 -3.38 -18.97
CA ILE A 1009 -5.67 -4.30 -17.89
C ILE A 1009 -4.85 -5.47 -18.44
N HIS A 1010 -5.30 -6.03 -19.55
CA HIS A 1010 -4.64 -7.15 -20.20
C HIS A 1010 -3.88 -6.65 -21.42
N SER A 1011 -3.17 -7.56 -22.07
CA SER A 1011 -2.35 -7.33 -23.27
C SER A 1011 -1.18 -6.40 -23.01
N GLY A 1012 -0.98 -5.90 -21.80
CA GLY A 1012 0.24 -5.18 -21.46
C GLY A 1012 0.33 -3.74 -21.93
N LEU A 1013 -0.52 -2.86 -21.42
CA LEU A 1013 -0.46 -1.43 -21.70
C LEU A 1013 -0.64 -0.66 -20.40
N ILE A 1014 0.47 -0.28 -19.76
CA ILE A 1014 0.46 0.42 -18.48
C ILE A 1014 1.49 1.54 -18.55
N GLY A 1015 1.12 2.72 -18.04
CA GLY A 1015 1.86 3.94 -18.31
C GLY A 1015 2.12 4.88 -17.15
N PRO A 1016 2.42 4.37 -15.96
CA PRO A 1016 2.41 5.22 -14.76
C PRO A 1016 3.30 6.45 -14.91
N LEU A 1017 2.81 7.58 -14.40
CA LEU A 1017 3.46 8.88 -14.59
C LEU A 1017 3.57 9.62 -13.26
N LEU A 1018 4.45 10.61 -13.22
CA LEU A 1018 4.78 11.35 -12.00
C LEU A 1018 4.73 12.86 -12.24
N ILE A 1019 4.16 13.57 -11.28
CA ILE A 1019 4.09 15.03 -11.28
C ILE A 1019 4.62 15.52 -9.93
N CYS A 1020 5.63 16.40 -9.98
CA CYS A 1020 6.33 16.79 -8.75
C CYS A 1020 6.52 18.29 -8.68
N GLN A 1021 6.90 18.75 -7.48
CA GLN A 1021 7.01 20.17 -7.18
C GLN A 1021 8.14 20.82 -7.98
N LYS A 1022 8.25 22.13 -7.80
CA LYS A 1022 9.26 22.92 -8.49
C LYS A 1022 10.62 22.75 -7.81
N GLY A 1023 11.69 22.85 -8.61
CA GLY A 1023 13.04 22.77 -8.08
C GLY A 1023 13.53 21.38 -7.75
N ILE A 1024 12.93 20.35 -8.32
CA ILE A 1024 13.32 18.96 -8.08
C ILE A 1024 14.01 18.35 -9.30
N LEU A 1025 13.38 18.47 -10.47
CA LEU A 1025 13.92 17.84 -11.66
C LEU A 1025 15.15 18.58 -12.17
N HIS A 1026 15.99 17.86 -12.89
CA HIS A 1026 17.22 18.42 -13.44
C HIS A 1026 16.96 18.94 -14.85
N LYS A 1027 17.73 19.96 -15.24
CA LYS A 1027 17.46 20.66 -16.50
C LYS A 1027 17.71 19.76 -17.71
N ASP A 1028 18.88 19.11 -17.78
CA ASP A 1028 19.23 18.37 -18.98
C ASP A 1028 18.42 17.08 -19.11
N SER A 1029 18.27 16.34 -18.01
CA SER A 1029 17.54 15.09 -17.99
C SER A 1029 16.50 15.12 -16.88
N ASN A 1030 15.31 14.61 -17.18
CA ASN A 1030 14.20 14.59 -16.23
C ASN A 1030 14.43 13.44 -15.25
N MET A 1031 15.20 13.72 -14.21
CA MET A 1031 15.58 12.71 -13.23
C MET A 1031 15.43 13.24 -11.82
N PRO A 1032 15.05 12.39 -10.88
CA PRO A 1032 15.02 12.80 -9.47
C PRO A 1032 16.43 13.03 -8.96
N VAL A 1033 16.55 13.90 -7.94
CA VAL A 1033 17.85 14.31 -7.45
C VAL A 1033 18.00 13.94 -5.97
N ASP A 1034 16.88 13.71 -5.29
CA ASP A 1034 16.90 13.63 -3.83
C ASP A 1034 16.86 12.20 -3.29
N MET A 1035 15.97 11.36 -3.82
CA MET A 1035 15.70 10.09 -3.19
C MET A 1035 15.48 9.02 -4.25
N ARG A 1036 15.68 7.76 -3.86
CA ARG A 1036 15.47 6.62 -4.74
C ARG A 1036 13.98 6.27 -4.80
N GLU A 1037 13.41 6.29 -5.99
CA GLU A 1037 12.00 5.96 -6.19
C GLU A 1037 11.88 4.55 -6.78
N PHE A 1038 10.87 3.83 -6.31
CA PHE A 1038 10.48 2.54 -6.87
C PHE A 1038 9.00 2.59 -7.24
N VAL A 1039 8.64 1.94 -8.34
CA VAL A 1039 7.26 1.90 -8.81
C VAL A 1039 6.81 0.45 -8.82
N LEU A 1040 5.73 0.15 -8.11
CA LEU A 1040 5.25 -1.22 -7.97
C LEU A 1040 3.79 -1.30 -8.39
N LEU A 1041 3.55 -1.93 -9.53
CA LEU A 1041 2.27 -2.53 -9.90
C LEU A 1041 2.35 -4.02 -9.64
N PHE A 1042 1.18 -4.61 -9.35
CA PHE A 1042 1.09 -6.06 -9.25
C PHE A 1042 -0.38 -6.45 -9.34
N MET A 1043 -0.66 -7.41 -10.22
CA MET A 1043 -2.04 -7.76 -10.58
C MET A 1043 -2.02 -9.02 -11.42
N THR A 1044 -3.01 -9.87 -11.22
CA THR A 1044 -3.09 -11.12 -11.96
C THR A 1044 -3.44 -10.88 -13.42
N PHE A 1045 -2.80 -11.63 -14.31
CA PHE A 1045 -3.07 -11.59 -15.74
C PHE A 1045 -3.81 -12.85 -16.15
N ASP A 1046 -4.87 -12.69 -16.92
CA ASP A 1046 -5.72 -13.79 -17.37
C ASP A 1046 -5.60 -13.87 -18.89
N GLU A 1047 -4.89 -14.89 -19.37
CA GLU A 1047 -4.63 -15.01 -20.80
C GLU A 1047 -5.80 -15.66 -21.54
N LYS A 1048 -7.01 -15.13 -21.33
CA LYS A 1048 -8.15 -15.48 -22.15
C LYS A 1048 -8.98 -14.28 -22.59
N LYS A 1049 -8.73 -13.09 -22.03
CA LYS A 1049 -9.43 -11.88 -22.41
C LYS A 1049 -8.63 -11.00 -23.36
N SER A 1050 -7.38 -11.37 -23.64
CA SER A 1050 -6.56 -10.66 -24.63
C SER A 1050 -6.68 -11.37 -25.98
N TRP A 1051 -7.85 -11.21 -26.59
CA TRP A 1051 -8.27 -12.06 -27.70
C TRP A 1051 -8.41 -11.32 -29.02
N TYR A 1052 -7.87 -10.11 -29.15
CA TYR A 1052 -8.16 -9.33 -30.35
C TYR A 1052 -7.26 -9.77 -31.52
N TYR A 1053 -5.95 -9.52 -31.41
CA TYR A 1053 -4.97 -10.05 -32.34
C TYR A 1053 -3.83 -10.77 -31.64
N GLU A 1054 -3.86 -10.82 -30.31
CA GLU A 1054 -3.07 -11.74 -29.50
C GLU A 1054 -3.95 -12.90 -29.06
N LYS A 1055 -4.80 -13.34 -30.00
CA LYS A 1055 -6.04 -14.03 -29.67
C LYS A 1055 -5.81 -15.32 -28.91
N LYS A 1056 -6.75 -15.61 -28.02
CA LYS A 1056 -6.80 -16.89 -27.30
C LYS A 1056 -7.46 -17.92 -28.22
N SER A 1057 -6.66 -18.44 -29.15
CA SER A 1057 -7.12 -19.54 -29.98
C SER A 1057 -6.71 -20.88 -29.37
N ARG A 1058 -5.40 -21.11 -29.27
CA ARG A 1058 -4.80 -22.22 -28.53
C ARG A 1058 -5.60 -23.51 -28.68
N SER A 1059 -5.74 -23.94 -29.93
CA SER A 1059 -6.49 -25.14 -30.29
C SER A 1059 -7.94 -25.04 -29.81
N SER A 1060 -8.56 -23.90 -30.09
CA SER A 1060 -9.98 -23.66 -29.78
C SER A 1060 -10.25 -23.78 -28.28
N TRP A 1061 -9.49 -23.01 -27.50
CA TRP A 1061 -9.65 -22.94 -26.04
C TRP A 1061 -9.48 -24.32 -25.41
N ARG A 1062 -8.33 -24.93 -25.67
CA ARG A 1062 -8.06 -26.30 -25.24
C ARG A 1062 -7.87 -26.36 -23.73
N LEU A 1063 -8.85 -26.92 -23.03
CA LEU A 1063 -8.78 -27.11 -21.59
C LEU A 1063 -9.88 -28.07 -21.16
N THR A 1064 -9.70 -28.64 -19.97
CA THR A 1064 -10.70 -29.51 -19.35
C THR A 1064 -11.10 -29.00 -17.97
N SER A 1065 -11.12 -27.67 -17.81
CA SER A 1065 -11.41 -26.99 -16.55
C SER A 1065 -10.39 -27.30 -15.46
N SER A 1066 -9.20 -27.74 -15.84
CA SER A 1066 -8.13 -28.03 -14.89
C SER A 1066 -6.79 -27.49 -15.41
N GLU A 1067 -6.84 -26.36 -16.11
CA GLU A 1067 -5.64 -25.73 -16.65
C GLU A 1067 -5.54 -24.29 -16.16
N MET A 1068 -4.30 -23.84 -16.00
CA MET A 1068 -4.00 -22.51 -15.49
C MET A 1068 -4.40 -21.39 -16.44
N LYS A 1069 -4.76 -21.70 -17.69
CA LYS A 1069 -5.35 -20.68 -18.55
C LYS A 1069 -6.69 -20.22 -17.99
N LYS A 1070 -7.48 -21.14 -17.45
CA LYS A 1070 -8.78 -20.86 -16.86
C LYS A 1070 -8.80 -21.00 -15.35
N SER A 1071 -8.31 -22.13 -14.84
CA SER A 1071 -8.45 -22.42 -13.41
C SER A 1071 -7.63 -21.43 -12.57
N HIS A 1072 -6.35 -21.26 -12.90
CA HIS A 1072 -5.44 -20.43 -12.11
C HIS A 1072 -4.58 -19.59 -13.05
N GLU A 1073 -5.05 -18.40 -13.39
CA GLU A 1073 -4.29 -17.50 -14.25
C GLU A 1073 -3.05 -16.99 -13.51
N PHE A 1074 -2.24 -16.20 -14.22
CA PHE A 1074 -0.88 -15.92 -13.78
C PHE A 1074 -0.87 -14.75 -12.78
N HIS A 1075 -0.58 -15.04 -11.52
CA HIS A 1075 -0.37 -13.99 -10.53
C HIS A 1075 1.03 -13.42 -10.70
N ALA A 1076 1.12 -12.13 -10.99
CA ALA A 1076 2.41 -11.52 -11.32
C ALA A 1076 2.46 -10.10 -10.75
N ILE A 1077 3.69 -9.64 -10.56
CA ILE A 1077 3.94 -8.28 -10.08
C ILE A 1077 4.14 -7.36 -11.28
N ASN A 1078 5.21 -7.59 -12.04
CA ASN A 1078 5.50 -6.82 -13.23
C ASN A 1078 5.57 -7.71 -14.46
N GLY A 1079 4.70 -8.70 -14.52
CA GLY A 1079 4.68 -9.66 -15.60
C GLY A 1079 5.44 -10.94 -15.32
N MET A 1080 6.12 -11.03 -14.19
CA MET A 1080 6.87 -12.22 -13.81
C MET A 1080 6.40 -12.73 -12.45
N ILE A 1081 6.43 -14.05 -12.30
CA ILE A 1081 5.87 -14.69 -11.11
C ILE A 1081 6.89 -14.79 -9.98
N TYR A 1082 8.15 -15.08 -10.28
CA TYR A 1082 9.22 -15.04 -9.28
C TYR A 1082 10.41 -14.27 -9.81
N SER A 1083 11.34 -13.96 -8.90
CA SER A 1083 12.67 -13.47 -9.23
C SER A 1083 12.60 -12.18 -10.06
N LEU A 1084 12.09 -11.13 -9.41
CA LEU A 1084 12.12 -9.79 -9.99
C LEU A 1084 13.49 -9.18 -9.68
N PRO A 1085 14.31 -8.91 -10.69
CA PRO A 1085 15.66 -8.39 -10.44
C PRO A 1085 15.70 -6.86 -10.44
N GLY A 1086 16.88 -6.34 -10.12
CA GLY A 1086 17.11 -4.90 -10.15
C GLY A 1086 16.78 -4.16 -8.88
N LEU A 1087 16.51 -4.86 -7.78
CA LEU A 1087 16.15 -4.23 -6.51
C LEU A 1087 17.35 -4.28 -5.58
N LYS A 1088 18.06 -3.16 -5.46
CA LYS A 1088 19.21 -3.04 -4.58
C LYS A 1088 19.12 -1.73 -3.83
N MET A 1089 19.60 -1.73 -2.58
CA MET A 1089 19.56 -0.54 -1.74
C MET A 1089 20.62 -0.69 -0.65
N TYR A 1090 20.97 0.45 -0.05
CA TYR A 1090 22.00 0.50 0.98
C TYR A 1090 21.38 0.26 2.36
N GLU A 1091 22.21 0.35 3.39
CA GLU A 1091 21.79 0.19 4.78
C GLU A 1091 21.59 1.55 5.41
N GLN A 1092 20.49 1.69 6.17
CA GLN A 1092 20.11 2.96 6.79
C GLN A 1092 19.95 4.05 5.73
N GLU A 1093 18.99 3.82 4.83
CA GLU A 1093 18.73 4.72 3.71
C GLU A 1093 17.22 4.82 3.52
N TRP A 1094 16.79 5.96 2.96
CA TRP A 1094 15.37 6.23 2.77
C TRP A 1094 14.98 5.97 1.32
N VAL A 1095 13.89 5.23 1.13
CA VAL A 1095 13.40 4.86 -0.20
C VAL A 1095 11.94 5.26 -0.32
N ARG A 1096 11.57 5.84 -1.46
CA ARG A 1096 10.19 6.20 -1.74
C ARG A 1096 9.58 5.14 -2.65
N LEU A 1097 8.37 4.70 -2.30
CA LEU A 1097 7.68 3.63 -3.02
C LEU A 1097 6.32 4.13 -3.51
N HIS A 1098 6.00 3.82 -4.76
CA HIS A 1098 4.73 4.17 -5.38
C HIS A 1098 3.99 2.87 -5.68
N LEU A 1099 3.07 2.50 -4.81
CA LEU A 1099 2.28 1.28 -4.96
C LEU A 1099 0.97 1.62 -5.65
N LEU A 1100 0.75 1.06 -6.84
CA LEU A 1100 -0.44 1.39 -7.61
C LEU A 1100 -1.14 0.13 -8.08
N ASN A 1101 -2.46 0.11 -7.96
CA ASN A 1101 -3.28 -0.99 -8.45
C ASN A 1101 -4.49 -0.39 -9.17
N ILE A 1102 -4.73 -0.85 -10.40
CA ILE A 1102 -5.85 -0.37 -11.20
C ILE A 1102 -6.63 -1.55 -11.73
N GLY A 1103 -7.90 -1.31 -12.01
CA GLY A 1103 -8.75 -2.33 -12.59
C GLY A 1103 -9.02 -3.49 -11.64
N GLY A 1104 -9.37 -4.63 -12.24
CA GLY A 1104 -9.64 -5.83 -11.48
C GLY A 1104 -10.95 -5.74 -10.72
N SER A 1105 -11.21 -6.78 -9.93
CA SER A 1105 -12.41 -6.84 -9.10
C SER A 1105 -12.18 -7.85 -8.00
N GLN A 1106 -12.88 -7.64 -6.88
CA GLN A 1106 -12.86 -8.53 -5.70
C GLN A 1106 -11.44 -8.97 -5.32
N ASP A 1107 -10.46 -8.10 -5.58
CA ASP A 1107 -9.06 -8.39 -5.28
C ASP A 1107 -8.54 -7.35 -4.31
N ILE A 1108 -8.20 -7.78 -3.10
CA ILE A 1108 -7.64 -6.92 -2.07
C ILE A 1108 -6.27 -7.48 -1.70
N HIS A 1109 -5.24 -6.63 -1.75
CA HIS A 1109 -3.87 -7.11 -1.61
C HIS A 1109 -3.20 -6.49 -0.38
N VAL A 1110 -2.84 -7.32 0.58
CA VAL A 1110 -2.09 -6.86 1.74
C VAL A 1110 -0.61 -7.03 1.46
N VAL A 1111 0.17 -5.98 1.72
CA VAL A 1111 1.59 -5.94 1.36
C VAL A 1111 2.43 -6.06 2.62
N HIS A 1112 3.44 -6.95 2.57
CA HIS A 1112 4.33 -7.19 3.70
C HIS A 1112 5.77 -7.16 3.24
N PHE A 1113 6.60 -6.40 3.96
CA PHE A 1113 8.05 -6.40 3.76
C PHE A 1113 8.69 -7.05 4.99
N HIS A 1114 9.46 -8.12 4.75
CA HIS A 1114 10.05 -8.85 5.86
C HIS A 1114 11.17 -8.04 6.49
N GLY A 1115 11.06 -7.82 7.81
CA GLY A 1115 12.11 -7.17 8.56
C GLY A 1115 12.05 -5.66 8.63
N GLN A 1116 11.15 -5.02 7.88
CA GLN A 1116 11.08 -3.57 7.83
C GLN A 1116 9.68 -3.09 8.17
N THR A 1117 9.61 -1.90 8.74
CA THR A 1117 8.35 -1.22 9.04
C THR A 1117 8.28 0.06 8.21
N LEU A 1118 7.18 0.23 7.50
CA LEU A 1118 7.01 1.35 6.57
C LEU A 1118 6.16 2.45 7.19
N LEU A 1119 6.51 3.69 6.91
CA LEU A 1119 5.85 4.85 7.48
C LEU A 1119 5.04 5.57 6.40
N GLU A 1120 3.85 6.03 6.78
CA GLU A 1120 3.00 6.83 5.90
C GLU A 1120 3.09 8.29 6.33
N ASN A 1121 3.43 9.16 5.40
CA ASN A 1121 3.70 10.56 5.69
C ASN A 1121 2.59 11.45 5.16
N GLY A 1122 2.57 12.69 5.66
CA GLY A 1122 1.65 13.69 5.17
C GLY A 1122 0.59 14.13 6.15
N ASN A 1123 0.83 15.28 6.79
CA ASN A 1123 -0.17 16.05 7.54
C ASN A 1123 -0.58 15.39 8.84
N LYS A 1124 -0.24 14.12 9.05
CA LYS A 1124 -0.63 13.44 10.28
C LYS A 1124 0.42 12.53 10.90
N GLN A 1125 1.47 12.13 10.17
CA GLN A 1125 2.54 11.29 10.71
C GLN A 1125 1.97 10.00 11.32
N HIS A 1126 1.37 9.19 10.46
CA HIS A 1126 0.75 7.92 10.86
C HIS A 1126 1.70 6.78 10.52
N GLN A 1127 2.03 5.96 11.53
CA GLN A 1127 2.91 4.83 11.36
C GLN A 1127 2.12 3.52 11.45
N LEU A 1128 2.41 2.60 10.55
CA LEU A 1128 1.75 1.30 10.50
C LEU A 1128 2.76 0.25 10.04
N GLY A 1129 2.31 -1.00 9.96
CA GLY A 1129 3.21 -2.07 9.58
C GLY A 1129 2.85 -2.81 8.32
N VAL A 1130 1.55 -2.88 7.99
CA VAL A 1130 1.08 -3.58 6.80
C VAL A 1130 -0.02 -2.75 6.16
N TRP A 1131 0.03 -2.63 4.83
CA TRP A 1131 -0.91 -1.81 4.09
C TRP A 1131 -1.78 -2.67 3.18
N PRO A 1132 -3.10 -2.50 3.22
CA PRO A 1132 -3.98 -3.12 2.23
C PRO A 1132 -4.25 -2.20 1.04
N LEU A 1133 -4.34 -2.81 -0.13
CA LEU A 1133 -4.63 -2.11 -1.38
C LEU A 1133 -5.97 -2.59 -1.93
N LEU A 1134 -6.83 -1.63 -2.23
CA LEU A 1134 -8.16 -1.70 -2.81
C LEU A 1134 -8.08 -1.51 -4.32
N PRO A 1135 -9.09 -1.94 -5.07
CA PRO A 1135 -9.08 -1.66 -6.51
C PRO A 1135 -9.07 -0.16 -6.79
N GLY A 1136 -8.34 0.23 -7.83
CA GLY A 1136 -8.26 1.63 -8.21
C GLY A 1136 -7.61 2.51 -7.16
N SER A 1137 -6.48 2.07 -6.61
CA SER A 1137 -5.81 2.77 -5.53
C SER A 1137 -4.40 3.16 -5.94
N PHE A 1138 -3.96 4.34 -5.48
CA PHE A 1138 -2.61 4.83 -5.67
C PHE A 1138 -2.07 5.29 -4.33
N LYS A 1139 -0.87 4.86 -3.97
CA LYS A 1139 -0.32 5.20 -2.66
C LYS A 1139 1.17 5.49 -2.78
N THR A 1140 1.63 6.45 -1.99
CA THR A 1140 3.05 6.80 -1.89
C THR A 1140 3.49 6.61 -0.45
N LEU A 1141 4.59 5.89 -0.26
CA LEU A 1141 5.07 5.55 1.08
C LEU A 1141 6.58 5.73 1.13
N GLU A 1142 7.11 5.74 2.35
CA GLU A 1142 8.54 5.85 2.57
C GLU A 1142 9.01 4.71 3.48
N MET A 1143 10.23 4.25 3.27
CA MET A 1143 10.75 3.11 3.99
C MET A 1143 12.23 3.33 4.31
N LYS A 1144 12.69 2.68 5.38
CA LYS A 1144 14.07 2.74 5.82
C LYS A 1144 14.61 1.33 5.97
N ALA A 1145 15.78 1.07 5.39
CA ALA A 1145 16.39 -0.26 5.45
C ALA A 1145 17.11 -0.45 6.78
N SER A 1146 16.93 -1.63 7.37
CA SER A 1146 17.45 -1.92 8.70
C SER A 1146 18.80 -2.63 8.68
N LYS A 1147 18.87 -3.82 8.07
CA LYS A 1147 20.03 -4.67 8.20
C LYS A 1147 20.33 -5.37 6.89
N PRO A 1148 21.59 -5.69 6.62
CA PRO A 1148 21.94 -6.34 5.35
C PRO A 1148 21.53 -7.80 5.31
N GLY A 1149 21.41 -8.31 4.09
CA GLY A 1149 21.09 -9.69 3.84
C GLY A 1149 20.09 -9.81 2.70
N TRP A 1150 19.51 -11.01 2.59
CA TRP A 1150 18.46 -11.30 1.61
C TRP A 1150 17.13 -11.41 2.34
N TRP A 1151 16.15 -10.62 1.89
CA TRP A 1151 14.84 -10.60 2.52
C TRP A 1151 13.77 -10.88 1.46
N LEU A 1152 12.54 -11.09 1.92
CA LEU A 1152 11.46 -11.56 1.07
C LEU A 1152 10.36 -10.51 0.97
N LEU A 1153 9.69 -10.49 -0.19
CA LEU A 1153 8.52 -9.66 -0.43
C LEU A 1153 7.40 -10.55 -0.94
N ASN A 1154 6.24 -10.46 -0.31
CA ASN A 1154 5.09 -11.30 -0.65
C ASN A 1154 3.83 -10.64 -0.13
N THR A 1155 2.70 -11.29 -0.40
CA THR A 1155 1.40 -10.90 0.15
C THR A 1155 0.89 -12.05 0.99
N GLU A 1156 0.52 -11.76 2.25
CA GLU A 1156 0.14 -12.80 3.20
C GLU A 1156 -1.34 -13.13 3.14
N VAL A 1157 -1.99 -12.93 1.99
CA VAL A 1157 -3.41 -13.24 1.87
C VAL A 1157 -3.64 -14.73 2.11
N GLY A 1158 -2.81 -15.59 1.51
CA GLY A 1158 -3.01 -17.01 1.67
C GLY A 1158 -2.62 -17.86 0.48
N GLU A 1159 -3.57 -18.62 -0.05
CA GLU A 1159 -3.30 -19.62 -1.07
C GLU A 1159 -2.83 -19.03 -2.39
N ASN A 1160 -2.97 -17.73 -2.59
CA ASN A 1160 -2.44 -17.08 -3.79
C ASN A 1160 -1.02 -16.56 -3.61
N GLN A 1161 -0.40 -16.85 -2.47
CA GLN A 1161 1.01 -16.54 -2.23
C GLN A 1161 1.92 -17.73 -2.50
N ARG A 1162 1.42 -18.95 -2.38
CA ARG A 1162 2.19 -20.14 -2.68
C ARG A 1162 2.24 -20.46 -4.17
N ALA A 1163 1.44 -19.78 -4.99
CA ALA A 1163 1.40 -20.00 -6.42
C ALA A 1163 1.94 -18.80 -7.20
N GLY A 1164 2.92 -18.11 -6.65
CA GLY A 1164 3.53 -16.96 -7.27
C GLY A 1164 3.55 -15.79 -6.32
N MET A 1165 3.85 -14.61 -6.86
CA MET A 1165 3.85 -13.35 -6.11
C MET A 1165 4.83 -13.41 -4.94
N GLN A 1166 6.09 -13.66 -5.28
CA GLN A 1166 7.18 -13.71 -4.31
C GLN A 1166 8.41 -13.09 -4.93
N THR A 1167 9.19 -12.37 -4.13
CA THR A 1167 10.39 -11.75 -4.68
C THR A 1167 11.46 -11.53 -3.61
N PRO A 1168 12.65 -12.09 -3.76
CA PRO A 1168 13.73 -11.79 -2.82
C PRO A 1168 14.51 -10.54 -3.21
N PHE A 1169 14.78 -9.67 -2.24
CA PHE A 1169 15.57 -8.46 -2.47
C PHE A 1169 16.74 -8.44 -1.50
N LEU A 1170 17.66 -7.50 -1.72
CA LEU A 1170 18.97 -7.51 -1.07
C LEU A 1170 19.29 -6.16 -0.45
N ILE A 1171 19.87 -6.20 0.74
CA ILE A 1171 20.51 -5.04 1.37
C ILE A 1171 21.98 -5.38 1.53
N MET A 1172 22.85 -4.52 1.00
CA MET A 1172 24.25 -4.93 0.79
C MET A 1172 25.14 -4.69 2.00
N ASP A 1173 25.34 -3.42 2.39
CA ASP A 1173 26.26 -3.00 3.44
C ASP A 1173 26.11 -1.50 3.64
N ARG A 1174 26.70 -1.01 4.73
CA ARG A 1174 26.75 0.43 4.96
C ARG A 1174 27.71 1.12 4.00
N ASP A 1175 28.91 0.55 3.85
CA ASP A 1175 29.91 1.09 2.94
C ASP A 1175 30.69 -0.05 2.29
N CYS A 1176 31.23 0.22 1.10
CA CYS A 1176 31.98 -0.79 0.38
C CYS A 1176 33.22 -0.24 -0.31
N ARG A 1177 33.73 0.91 0.13
CA ARG A 1177 34.91 1.53 -0.50
C ARG A 1177 36.20 0.91 0.04
N MET A 1178 36.26 -0.41 -0.02
CA MET A 1178 37.43 -1.17 0.37
C MET A 1178 38.19 -1.63 -0.86
N PRO A 1179 39.49 -1.36 -0.95
CA PRO A 1179 40.26 -1.84 -2.11
C PRO A 1179 40.22 -3.35 -2.20
N MET A 1180 40.12 -3.85 -3.43
CA MET A 1180 40.02 -5.29 -3.70
C MET A 1180 41.34 -5.86 -4.22
N GLY A 1181 42.45 -5.36 -3.71
CA GLY A 1181 43.76 -5.82 -4.15
C GLY A 1181 44.23 -5.08 -5.38
N LEU A 1182 44.98 -5.78 -6.24
CA LEU A 1182 45.42 -5.28 -7.54
C LEU A 1182 46.48 -4.19 -7.40
N SER A 1183 46.77 -3.78 -6.17
CA SER A 1183 47.85 -2.86 -5.90
C SER A 1183 48.72 -3.37 -4.75
N THR A 1184 48.11 -4.12 -3.83
CA THR A 1184 48.81 -4.69 -2.70
C THR A 1184 49.41 -6.06 -2.99
N GLY A 1185 49.11 -6.65 -4.15
CA GLY A 1185 49.64 -7.94 -4.53
C GLY A 1185 48.70 -9.11 -4.33
N ILE A 1186 47.48 -8.87 -3.86
CA ILE A 1186 46.53 -9.97 -3.66
C ILE A 1186 46.17 -10.60 -4.99
N ILE A 1187 45.89 -9.78 -6.01
CA ILE A 1187 45.52 -10.28 -7.32
C ILE A 1187 46.79 -10.62 -8.09
N SER A 1188 46.88 -11.86 -8.57
CA SER A 1188 48.05 -12.30 -9.31
C SER A 1188 48.06 -11.67 -10.70
N ASP A 1189 49.25 -11.67 -11.31
CA ASP A 1189 49.43 -11.11 -12.64
C ASP A 1189 48.95 -12.05 -13.75
N SER A 1190 48.59 -13.29 -13.41
CA SER A 1190 48.08 -14.22 -14.41
C SER A 1190 46.61 -14.01 -14.74
N GLN A 1191 45.92 -13.13 -14.01
CA GLN A 1191 44.52 -12.84 -14.24
C GLN A 1191 44.31 -11.61 -15.13
N ILE A 1192 45.39 -11.03 -15.66
CA ILE A 1192 45.32 -9.80 -16.43
C ILE A 1192 45.68 -10.12 -17.88
N LYS A 1193 44.84 -9.68 -18.81
CA LYS A 1193 45.03 -9.96 -20.23
C LYS A 1193 44.63 -8.73 -21.04
N ALA A 1194 45.45 -8.42 -22.05
CA ALA A 1194 45.16 -7.34 -22.98
C ALA A 1194 45.28 -7.89 -24.39
N SER A 1195 45.20 -7.00 -25.38
CA SER A 1195 45.31 -7.39 -26.78
C SER A 1195 46.52 -6.80 -27.49
N GLU A 1196 46.86 -5.55 -27.23
CA GLU A 1196 48.00 -4.90 -27.84
C GLU A 1196 48.84 -4.17 -26.79
N PHE A 1197 50.14 -4.15 -27.03
CA PHE A 1197 51.04 -3.34 -26.22
C PHE A 1197 52.27 -3.02 -27.05
N LEU A 1198 52.87 -1.85 -26.78
CA LEU A 1198 53.99 -1.38 -27.58
C LEU A 1198 55.19 -2.31 -27.50
N GLY A 1199 55.38 -2.97 -26.36
CA GLY A 1199 56.54 -3.81 -26.18
C GLY A 1199 57.45 -3.30 -25.09
N TYR A 1200 57.80 -4.19 -24.15
CA TYR A 1200 58.64 -3.91 -22.99
C TYR A 1200 57.85 -3.12 -21.96
N TRP A 1201 56.63 -2.72 -22.32
CA TRP A 1201 55.60 -2.25 -21.38
C TRP A 1201 54.54 -3.35 -21.33
N GLU A 1202 54.73 -4.31 -20.43
CA GLU A 1202 53.82 -5.44 -20.34
C GLU A 1202 52.45 -4.97 -19.81
N PRO A 1203 51.37 -5.63 -20.22
CA PRO A 1203 50.04 -5.23 -19.73
C PRO A 1203 49.75 -5.75 -18.34
N ARG A 1204 50.24 -6.95 -18.03
CA ARG A 1204 50.00 -7.54 -16.72
C ARG A 1204 51.04 -7.13 -15.68
N LEU A 1205 52.23 -6.75 -16.11
CA LEU A 1205 53.27 -6.28 -15.22
C LEU A 1205 53.20 -4.77 -14.99
N ALA A 1206 52.03 -4.16 -15.22
CA ALA A 1206 51.91 -2.71 -15.10
C ALA A 1206 50.62 -2.28 -14.42
N ARG A 1207 49.93 -3.19 -13.73
CA ARG A 1207 48.66 -2.87 -13.09
C ARG A 1207 48.83 -2.24 -11.71
N LEU A 1208 50.05 -2.18 -11.20
CA LEU A 1208 50.29 -1.54 -9.91
C LEU A 1208 50.00 -0.05 -10.00
N ASN A 1209 49.86 0.59 -8.84
CA ASN A 1209 49.34 1.95 -8.78
C ASN A 1209 50.37 3.01 -8.45
N ASN A 1210 51.29 2.75 -7.52
CA ASN A 1210 52.17 3.79 -7.01
C ASN A 1210 53.62 3.31 -6.92
N GLY A 1211 54.13 2.71 -7.98
CA GLY A 1211 55.51 2.26 -7.96
C GLY A 1211 56.02 1.85 -9.31
N GLY A 1212 57.12 1.11 -9.30
CA GLY A 1212 57.69 0.53 -10.50
C GLY A 1212 58.73 1.41 -11.16
N SER A 1213 59.55 0.78 -12.00
CA SER A 1213 60.52 1.49 -12.83
C SER A 1213 59.92 1.83 -14.18
N TYR A 1214 59.51 0.82 -14.93
CA TYR A 1214 58.61 0.99 -16.07
C TYR A 1214 57.21 0.67 -15.58
N ASN A 1215 56.31 1.65 -15.67
CA ASN A 1215 55.15 1.69 -14.80
C ASN A 1215 53.86 1.18 -15.47
N ALA A 1216 53.51 1.71 -16.64
CA ALA A 1216 52.16 1.59 -17.14
C ALA A 1216 52.10 0.86 -18.47
N TRP A 1217 50.90 0.84 -19.05
CA TRP A 1217 50.58 0.09 -20.26
C TRP A 1217 50.33 1.07 -21.40
N SER A 1218 50.96 0.81 -22.55
CA SER A 1218 50.90 1.71 -23.69
C SER A 1218 50.43 0.96 -24.92
N VAL A 1219 49.89 1.70 -25.88
CA VAL A 1219 49.30 1.13 -27.08
C VAL A 1219 50.02 1.64 -28.32
N GLU A 1220 50.55 2.87 -28.24
CA GLU A 1220 51.38 3.54 -29.23
C GLU A 1220 50.57 4.05 -30.43
N LYS A 1221 49.29 3.71 -30.56
CA LYS A 1221 48.51 4.16 -31.71
C LYS A 1221 47.04 4.25 -31.33
N LEU A 1222 46.50 5.46 -31.33
CA LEU A 1222 45.07 5.64 -31.07
C LEU A 1222 44.27 5.38 -32.34
N ALA A 1223 43.03 4.92 -32.14
CA ALA A 1223 42.17 4.57 -33.26
C ALA A 1223 41.78 5.83 -34.05
N ALA A 1224 41.15 5.60 -35.20
CA ALA A 1224 40.87 6.69 -36.13
C ALA A 1224 39.60 7.46 -35.77
N GLU A 1225 38.45 6.77 -35.80
CA GLU A 1225 37.16 7.46 -35.70
C GLU A 1225 36.37 7.13 -34.44
N PHE A 1226 36.42 5.89 -33.96
CA PHE A 1226 35.72 5.52 -32.75
C PHE A 1226 36.69 4.85 -31.79
N ALA A 1227 36.19 4.27 -30.69
CA ALA A 1227 37.08 3.60 -29.75
C ALA A 1227 37.84 2.48 -30.43
N SER A 1228 37.14 1.43 -30.86
CA SER A 1228 37.74 0.28 -31.55
C SER A 1228 39.03 -0.14 -30.87
N LYS A 1229 39.07 0.00 -29.55
CA LYS A 1229 40.28 0.16 -28.76
C LYS A 1229 40.66 -1.14 -28.07
N PRO A 1230 41.95 -1.46 -28.04
CA PRO A 1230 42.42 -2.55 -27.18
C PRO A 1230 41.94 -2.36 -25.75
N TRP A 1231 41.77 -3.49 -25.06
CA TRP A 1231 41.13 -3.53 -23.76
C TRP A 1231 42.00 -4.26 -22.75
N ILE A 1232 41.79 -3.93 -21.48
CA ILE A 1232 42.41 -4.63 -20.35
C ILE A 1232 41.32 -5.42 -19.64
N GLN A 1233 41.46 -6.73 -19.61
CA GLN A 1233 40.47 -7.61 -18.99
C GLN A 1233 40.97 -8.05 -17.62
N VAL A 1234 40.13 -7.86 -16.60
CA VAL A 1234 40.46 -8.23 -15.23
C VAL A 1234 39.44 -9.26 -14.77
N ASP A 1235 39.94 -10.36 -14.23
CA ASP A 1235 39.15 -11.44 -13.67
C ASP A 1235 39.42 -11.55 -12.18
N MET A 1236 38.41 -11.97 -11.42
CA MET A 1236 38.50 -12.03 -9.97
C MET A 1236 38.07 -13.35 -9.37
N GLN A 1237 37.67 -14.33 -10.18
CA GLN A 1237 37.33 -15.69 -9.80
C GLN A 1237 36.08 -15.79 -8.93
N LYS A 1238 35.44 -14.69 -8.58
CA LYS A 1238 34.25 -14.70 -7.75
C LYS A 1238 33.32 -13.58 -8.20
N GLU A 1239 32.15 -13.52 -7.57
CA GLU A 1239 31.20 -12.44 -7.78
C GLU A 1239 31.30 -11.46 -6.61
N VAL A 1240 31.55 -10.19 -6.92
CA VAL A 1240 31.71 -9.15 -5.92
C VAL A 1240 30.95 -7.91 -6.38
N ILE A 1241 30.80 -6.96 -5.47
CA ILE A 1241 30.12 -5.69 -5.75
C ILE A 1241 31.19 -4.64 -6.02
N ILE A 1242 31.08 -3.97 -7.17
CA ILE A 1242 32.03 -2.95 -7.59
C ILE A 1242 31.36 -1.59 -7.47
N THR A 1243 32.09 -0.62 -6.91
CA THR A 1243 31.53 0.71 -6.65
C THR A 1243 32.28 1.84 -7.34
N GLY A 1244 33.60 1.74 -7.51
CA GLY A 1244 34.35 2.83 -8.10
C GLY A 1244 35.64 2.34 -8.71
N ILE A 1245 36.41 3.29 -9.22
CA ILE A 1245 37.69 3.00 -9.87
C ILE A 1245 38.52 4.27 -9.88
N GLN A 1246 39.82 4.12 -9.64
CA GLN A 1246 40.77 5.23 -9.65
C GLN A 1246 41.64 5.17 -10.89
N THR A 1247 42.23 6.30 -11.24
CA THR A 1247 43.03 6.38 -12.45
C THR A 1247 44.21 7.31 -12.23
N GLN A 1248 45.34 6.99 -12.86
CA GLN A 1248 46.55 7.78 -12.79
C GLN A 1248 47.27 7.73 -14.13
N GLY A 1249 48.02 8.80 -14.44
CA GLY A 1249 48.69 8.94 -15.72
C GLY A 1249 50.11 8.40 -15.72
N ALA A 1250 50.89 8.86 -16.70
CA ALA A 1250 52.27 8.43 -16.85
C ALA A 1250 53.18 9.63 -17.07
N LYS A 1251 54.38 9.58 -16.50
CA LYS A 1251 55.33 10.69 -16.55
C LYS A 1251 56.74 10.12 -16.55
N HIS A 1252 57.37 10.08 -17.73
CA HIS A 1252 58.73 9.60 -17.85
C HIS A 1252 59.40 10.24 -19.07
N TYR A 1253 60.73 10.25 -19.04
CA TYR A 1253 61.55 10.74 -20.16
C TYR A 1253 61.18 12.18 -20.52
N LEU A 1254 60.95 13.01 -19.50
CA LEU A 1254 60.55 14.41 -19.68
C LEU A 1254 59.29 14.53 -20.51
N LYS A 1255 58.43 13.52 -20.46
CA LYS A 1255 57.18 13.49 -21.20
C LYS A 1255 56.06 13.04 -20.28
N SER A 1256 54.86 13.54 -20.55
CA SER A 1256 53.67 13.20 -19.78
C SER A 1256 52.60 12.71 -20.73
N CYS A 1257 51.98 11.58 -20.40
CA CYS A 1257 50.93 11.01 -21.22
C CYS A 1257 49.77 10.59 -20.32
N TYR A 1258 48.55 10.85 -20.77
CA TYR A 1258 47.42 10.47 -19.93
C TYR A 1258 46.13 10.39 -20.74
N THR A 1259 45.33 9.38 -20.44
CA THR A 1259 44.02 9.23 -21.06
C THR A 1259 43.05 10.28 -20.52
N THR A 1260 42.16 10.75 -21.39
CA THR A 1260 41.17 11.76 -21.01
C THR A 1260 39.75 11.20 -20.91
N GLU A 1261 39.36 10.28 -21.78
CA GLU A 1261 38.04 9.66 -21.70
C GLU A 1261 38.16 8.17 -21.94
N PHE A 1262 37.19 7.43 -21.39
CA PHE A 1262 37.17 5.98 -21.48
C PHE A 1262 35.76 5.50 -21.19
N TYR A 1263 35.53 4.22 -21.47
CA TYR A 1263 34.25 3.61 -21.11
C TYR A 1263 34.47 2.16 -20.71
N VAL A 1264 33.53 1.65 -19.91
CA VAL A 1264 33.69 0.42 -19.14
C VAL A 1264 32.63 -0.58 -19.56
N ALA A 1265 33.00 -1.86 -19.60
CA ALA A 1265 32.07 -2.95 -19.82
C ALA A 1265 32.34 -4.05 -18.80
N TYR A 1266 31.30 -4.81 -18.49
CA TYR A 1266 31.36 -5.84 -17.46
C TYR A 1266 30.57 -7.05 -17.91
N SER A 1267 30.91 -8.21 -17.35
CA SER A 1267 30.19 -9.43 -17.66
C SER A 1267 30.45 -10.48 -16.58
N SER A 1268 29.55 -11.45 -16.51
CA SER A 1268 29.70 -12.61 -15.64
C SER A 1268 30.29 -13.79 -16.38
N ASN A 1269 30.10 -13.88 -17.69
CA ASN A 1269 30.77 -14.86 -18.54
C ASN A 1269 31.27 -14.16 -19.80
N GLN A 1270 32.31 -14.73 -20.39
CA GLN A 1270 33.00 -14.10 -21.51
C GLN A 1270 32.22 -14.18 -22.82
N ILE A 1271 31.02 -14.74 -22.81
CA ILE A 1271 30.24 -14.84 -24.04
C ILE A 1271 29.64 -13.49 -24.41
N ASN A 1272 28.91 -12.87 -23.49
CA ASN A 1272 28.21 -11.62 -23.74
C ASN A 1272 28.44 -10.65 -22.59
N TRP A 1273 28.29 -9.36 -22.88
CA TRP A 1273 28.54 -8.30 -21.91
C TRP A 1273 27.63 -7.13 -22.22
N GLN A 1274 27.65 -6.12 -21.34
CA GLN A 1274 26.83 -4.93 -21.48
C GLN A 1274 27.71 -3.69 -21.31
N ILE A 1275 27.11 -2.53 -21.57
CA ILE A 1275 27.79 -1.25 -21.48
C ILE A 1275 27.12 -0.42 -20.39
N PHE A 1276 27.93 0.15 -19.51
CA PHE A 1276 27.41 0.91 -18.38
C PHE A 1276 26.82 2.24 -18.85
N LYS A 1277 25.63 2.55 -18.35
CA LYS A 1277 25.00 3.84 -18.61
C LYS A 1277 24.14 4.21 -17.41
N GLY A 1278 24.33 5.42 -16.89
CA GLY A 1278 23.55 5.90 -15.77
C GLY A 1278 23.70 7.39 -15.56
N ASN A 1279 22.57 8.09 -15.41
CA ASN A 1279 22.55 9.55 -15.27
C ASN A 1279 23.27 10.22 -16.43
N SER A 1280 23.01 9.72 -17.65
CA SER A 1280 23.65 10.24 -18.86
C SER A 1280 22.59 10.37 -19.95
N THR A 1281 22.91 11.20 -20.95
CA THR A 1281 21.98 11.50 -22.03
C THR A 1281 22.47 11.04 -23.40
N ARG A 1282 23.70 10.54 -23.50
CA ARG A 1282 24.28 10.12 -24.77
C ARG A 1282 24.36 8.61 -24.91
N ASN A 1283 23.52 7.88 -24.17
CA ASN A 1283 23.26 6.43 -24.09
C ASN A 1283 24.51 5.62 -23.75
N VAL A 1284 25.66 6.27 -23.57
CA VAL A 1284 26.88 5.65 -23.11
C VAL A 1284 27.54 6.63 -22.13
N MET A 1285 28.00 6.11 -20.99
CA MET A 1285 28.60 6.95 -19.97
C MET A 1285 30.04 7.26 -20.33
N TYR A 1286 30.37 8.55 -20.45
CA TYR A 1286 31.72 9.01 -20.72
C TYR A 1286 32.27 9.63 -19.44
N PHE A 1287 33.39 9.12 -18.97
CA PHE A 1287 33.97 9.60 -17.72
C PHE A 1287 34.99 10.69 -17.99
N ASN A 1288 35.24 11.51 -16.97
CA ASN A 1288 36.03 12.73 -17.14
C ASN A 1288 37.51 12.44 -17.30
N GLY A 1289 38.02 11.36 -16.71
CA GLY A 1289 39.41 11.00 -16.89
C GLY A 1289 40.38 11.94 -16.18
N ASN A 1290 41.63 11.91 -16.65
CA ASN A 1290 42.72 12.64 -16.03
C ASN A 1290 42.81 14.05 -16.60
N SER A 1291 43.65 14.87 -15.95
CA SER A 1291 43.95 16.21 -16.43
C SER A 1291 45.45 16.45 -16.44
N ASP A 1292 46.18 15.77 -15.56
CA ASP A 1292 47.63 15.91 -15.46
C ASP A 1292 48.22 14.60 -14.97
N ALA A 1293 49.52 14.43 -15.22
CA ALA A 1293 50.21 13.22 -14.81
C ALA A 1293 50.47 13.22 -13.31
N SER A 1294 50.55 12.01 -12.76
CA SER A 1294 50.85 11.80 -11.33
C SER A 1294 49.84 12.51 -10.44
N THR A 1295 48.56 12.25 -10.67
CA THR A 1295 47.49 12.79 -9.84
C THR A 1295 46.29 11.87 -9.96
N ILE A 1296 45.87 11.29 -8.84
CA ILE A 1296 44.79 10.31 -8.85
C ILE A 1296 43.47 10.99 -9.17
N LYS A 1297 42.66 10.34 -9.99
CA LYS A 1297 41.30 10.77 -10.27
C LYS A 1297 40.34 9.67 -9.86
N GLU A 1298 39.24 10.05 -9.23
CA GLU A 1298 38.27 9.12 -8.66
C GLU A 1298 36.93 9.31 -9.34
N ASN A 1299 36.24 8.19 -9.61
CA ASN A 1299 34.91 8.20 -10.19
C ASN A 1299 34.02 7.25 -9.40
N GLN A 1300 32.72 7.51 -9.44
CA GLN A 1300 31.74 6.74 -8.69
C GLN A 1300 30.72 6.11 -9.64
N PHE A 1301 30.44 4.83 -9.42
CA PHE A 1301 29.34 4.15 -10.10
C PHE A 1301 28.09 4.35 -9.26
N ASP A 1302 27.16 5.17 -9.76
CA ASP A 1302 26.01 5.54 -8.94
C ASP A 1302 25.18 4.33 -8.50
N PRO A 1303 24.80 3.41 -9.37
CA PRO A 1303 24.38 2.09 -8.90
C PRO A 1303 25.56 1.14 -8.82
N PRO A 1304 25.79 0.50 -7.69
CA PRO A 1304 26.84 -0.53 -7.62
C PRO A 1304 26.57 -1.64 -8.63
N ILE A 1305 27.64 -2.19 -9.19
CA ILE A 1305 27.50 -3.21 -10.21
C ILE A 1305 28.00 -4.55 -9.67
N VAL A 1306 27.57 -5.63 -10.31
CA VAL A 1306 27.96 -6.98 -9.93
C VAL A 1306 28.41 -7.74 -11.18
N ALA A 1307 29.60 -8.34 -11.11
CA ALA A 1307 30.18 -9.09 -12.21
C ALA A 1307 31.47 -9.77 -11.76
N ARG A 1308 32.11 -10.53 -12.64
CA ARG A 1308 33.42 -11.09 -12.37
C ARG A 1308 34.48 -10.76 -13.41
N TYR A 1309 34.09 -10.42 -14.63
CA TYR A 1309 35.01 -9.95 -15.66
C TYR A 1309 34.74 -8.48 -15.94
N ILE A 1310 35.78 -7.66 -15.92
CA ILE A 1310 35.64 -6.22 -16.21
C ILE A 1310 36.67 -5.82 -17.25
N ARG A 1311 36.29 -4.90 -18.13
CA ARG A 1311 37.21 -4.43 -19.17
C ARG A 1311 36.92 -2.98 -19.51
N ILE A 1312 37.96 -2.15 -19.48
CA ILE A 1312 37.83 -0.72 -19.72
C ILE A 1312 38.66 -0.36 -20.95
N SER A 1313 38.13 0.55 -21.77
CA SER A 1313 38.77 0.91 -23.02
C SER A 1313 38.78 2.43 -23.17
N PRO A 1314 39.93 3.04 -23.44
CA PRO A 1314 39.98 4.49 -23.65
C PRO A 1314 39.49 4.88 -25.04
N THR A 1315 39.16 6.17 -25.17
CA THR A 1315 38.76 6.74 -26.45
C THR A 1315 39.61 7.91 -26.89
N ARG A 1316 40.16 8.69 -25.95
CA ARG A 1316 41.00 9.84 -26.28
C ARG A 1316 42.08 9.99 -25.23
N ALA A 1317 43.25 10.48 -25.65
CA ALA A 1317 44.37 10.62 -24.73
C ALA A 1317 45.28 11.74 -25.19
N TYR A 1318 46.07 12.26 -24.26
CA TYR A 1318 47.10 13.25 -24.54
C TYR A 1318 48.44 12.54 -24.59
N ASN A 1319 49.14 12.72 -25.70
CA ASN A 1319 50.35 11.97 -26.10
C ASN A 1319 49.93 10.51 -26.29
N ARG A 1320 50.74 9.54 -25.88
CA ARG A 1320 50.30 8.18 -26.20
C ARG A 1320 49.31 7.68 -25.15
N PRO A 1321 48.30 6.92 -25.57
CA PRO A 1321 47.31 6.40 -24.61
C PRO A 1321 47.99 5.55 -23.54
N THR A 1322 47.80 5.93 -22.29
CA THR A 1322 48.42 5.24 -21.16
C THR A 1322 47.39 5.13 -20.05
N LEU A 1323 47.52 4.09 -19.23
CA LEU A 1323 46.51 3.79 -18.23
C LEU A 1323 47.16 3.24 -16.97
N ARG A 1324 46.45 3.39 -15.85
CA ARG A 1324 46.85 2.86 -14.55
C ARG A 1324 45.61 2.87 -13.67
N LEU A 1325 45.25 1.73 -13.10
CA LEU A 1325 43.92 1.57 -12.52
C LEU A 1325 43.99 0.91 -11.15
N GLU A 1326 42.93 1.14 -10.37
CA GLU A 1326 42.74 0.55 -9.06
C GLU A 1326 41.24 0.38 -8.85
N LEU A 1327 40.85 -0.71 -8.17
CA LEU A 1327 39.47 -1.14 -8.13
C LEU A 1327 38.95 -1.12 -6.69
N GLN A 1328 37.67 -0.76 -6.53
CA GLN A 1328 37.04 -0.64 -5.22
C GLN A 1328 35.71 -1.37 -5.18
N GLY A 1329 35.51 -2.16 -4.13
CA GLY A 1329 34.27 -2.89 -3.98
C GLY A 1329 34.22 -3.65 -2.68
N CYS A 1330 33.26 -4.58 -2.59
CA CYS A 1330 33.07 -5.39 -1.40
C CYS A 1330 32.48 -6.74 -1.82
N GLU A 1331 32.05 -7.52 -0.84
CA GLU A 1331 31.60 -8.89 -1.04
C GLU A 1331 30.08 -8.96 -0.96
N VAL A 1332 29.51 -9.92 -1.69
CA VAL A 1332 28.06 -10.09 -1.77
C VAL A 1332 27.60 -11.00 -0.65
N ASN A 1333 26.28 -10.97 -0.39
CA ASN A 1333 25.52 -11.86 0.50
C ASN A 1333 26.26 -12.25 1.78
N GLY A 1334 26.91 -11.28 2.43
CA GLY A 1334 27.55 -11.54 3.70
C GLY A 1334 27.99 -10.26 4.37
N CYS A 1335 28.34 -10.38 5.65
CA CYS A 1335 28.86 -9.26 6.41
C CYS A 1335 30.39 -9.31 6.36
N SER A 1336 30.97 -8.48 5.48
CA SER A 1336 32.42 -8.43 5.29
C SER A 1336 32.83 -6.96 5.40
N THR A 1337 33.41 -6.59 6.54
CA THR A 1337 33.77 -5.22 6.84
C THR A 1337 34.83 -5.24 7.94
N PRO A 1338 35.58 -4.15 8.10
CA PRO A 1338 36.55 -4.11 9.21
C PRO A 1338 35.83 -4.10 10.56
N LEU A 1339 35.34 -5.26 10.97
CA LEU A 1339 34.59 -5.36 12.22
C LEU A 1339 35.46 -4.97 13.41
N GLY A 1340 36.66 -5.52 13.49
CA GLY A 1340 37.55 -5.18 14.59
C GLY A 1340 37.99 -3.73 14.56
N MET A 1341 38.06 -3.14 13.37
CA MET A 1341 38.59 -1.79 13.19
C MET A 1341 39.96 -1.66 13.84
N GLU A 1342 40.84 -2.62 13.52
CA GLU A 1342 42.13 -2.70 14.17
C GLU A 1342 42.97 -1.45 13.95
N ASN A 1343 42.77 -0.76 12.83
CA ASN A 1343 43.57 0.42 12.48
C ASN A 1343 42.86 1.71 12.87
N GLY A 1344 42.68 1.90 14.18
CA GLY A 1344 42.23 3.19 14.67
C GLY A 1344 41.23 3.22 15.80
N LYS A 1345 40.42 2.18 15.96
CA LYS A 1345 39.29 2.24 16.89
C LYS A 1345 39.61 1.62 18.25
N ILE A 1346 40.10 0.38 18.27
CA ILE A 1346 40.25 -0.34 19.54
C ILE A 1346 41.25 0.39 20.43
N GLU A 1347 40.87 0.59 21.68
CA GLU A 1347 41.77 1.19 22.65
C GLU A 1347 42.90 0.22 23.00
N ASN A 1348 44.01 0.77 23.46
CA ASN A 1348 45.20 -0.03 23.71
C ASN A 1348 45.13 -0.72 25.07
N LYS A 1349 44.07 -1.51 25.28
CA LYS A 1349 43.92 -2.28 26.50
C LYS A 1349 43.26 -3.64 26.31
N GLN A 1350 42.60 -3.90 25.18
CA GLN A 1350 41.90 -5.17 24.99
C GLN A 1350 42.65 -6.14 24.09
N ILE A 1351 43.71 -5.70 23.41
CA ILE A 1351 44.42 -6.54 22.45
C ILE A 1351 45.85 -6.75 22.95
N THR A 1352 46.02 -6.71 24.27
CA THR A 1352 47.29 -7.10 24.86
C THR A 1352 47.44 -8.61 24.80
N ALA A 1353 48.60 -9.08 24.34
CA ALA A 1353 48.83 -10.51 24.17
C ALA A 1353 49.02 -11.18 25.52
N SER A 1354 47.93 -11.30 26.29
CA SER A 1354 48.01 -11.85 27.64
C SER A 1354 48.28 -13.35 27.66
N SER A 1355 48.18 -14.03 26.53
CA SER A 1355 48.47 -15.46 26.48
C SER A 1355 49.92 -15.73 26.85
N PHE A 1356 50.84 -15.25 26.03
CA PHE A 1356 52.27 -15.33 26.31
C PHE A 1356 52.90 -14.03 25.81
N LYS A 1357 53.05 -13.06 26.73
CA LYS A 1357 53.59 -11.75 26.41
C LYS A 1357 55.10 -11.68 26.62
N LYS A 1358 55.80 -12.82 26.52
CA LYS A 1358 57.25 -12.83 26.64
C LYS A 1358 57.84 -12.26 25.35
N SER A 1359 57.71 -10.95 25.17
CA SER A 1359 57.86 -10.33 23.85
C SER A 1359 58.86 -9.19 23.81
N TRP A 1360 59.00 -8.43 24.88
CA TRP A 1360 59.79 -7.21 24.84
C TRP A 1360 61.28 -7.49 24.63
N TRP A 1361 61.89 -6.73 23.74
CA TRP A 1361 63.34 -6.51 23.78
C TRP A 1361 63.71 -5.52 24.87
N GLY A 1362 62.72 -4.84 25.44
CA GLY A 1362 62.88 -3.76 26.37
C GLY A 1362 62.35 -2.46 25.80
N ASP A 1363 61.11 -2.14 26.14
CA ASP A 1363 60.40 -0.90 25.77
C ASP A 1363 60.55 -0.55 24.29
N TYR A 1364 60.81 -1.53 23.41
CA TYR A 1364 60.95 -1.25 22.00
C TYR A 1364 59.86 -1.90 21.17
N TRP A 1365 59.69 -3.22 21.24
CA TRP A 1365 58.69 -3.93 20.45
C TRP A 1365 57.44 -4.22 21.27
N GLU A 1366 56.82 -3.17 21.80
CA GLU A 1366 55.69 -3.35 22.70
C GLU A 1366 54.48 -3.86 21.91
N PRO A 1367 53.68 -4.76 22.50
CA PRO A 1367 52.56 -5.36 21.75
C PRO A 1367 51.46 -4.37 21.40
N PHE A 1368 50.37 -4.89 20.84
CA PHE A 1368 49.19 -4.16 20.37
C PHE A 1368 49.53 -3.09 19.32
N ARG A 1369 50.76 -3.08 18.82
CA ARG A 1369 51.11 -2.25 17.67
C ARG A 1369 50.94 -2.99 16.36
N ALA A 1370 50.42 -4.22 16.40
CA ALA A 1370 50.21 -5.04 15.21
C ALA A 1370 49.00 -4.52 14.47
N ARG A 1371 49.23 -3.53 13.60
CA ARG A 1371 48.18 -2.96 12.77
C ARG A 1371 48.65 -2.96 11.32
N LEU A 1372 47.69 -2.94 10.40
CA LEU A 1372 47.97 -3.26 9.00
C LEU A 1372 48.99 -2.31 8.40
N ASN A 1373 48.82 -1.01 8.63
CA ASN A 1373 49.73 0.00 8.09
C ASN A 1373 50.17 0.91 9.23
N ALA A 1374 51.24 0.53 9.91
CA ALA A 1374 51.82 1.32 11.00
C ALA A 1374 53.16 1.87 10.53
N GLN A 1375 53.17 3.16 10.17
CA GLN A 1375 54.38 3.80 9.69
C GLN A 1375 55.41 3.92 10.81
N GLY A 1376 56.68 3.84 10.43
CA GLY A 1376 57.77 3.90 11.38
C GLY A 1376 58.29 2.51 11.72
N ARG A 1377 59.23 2.48 12.67
CA ARG A 1377 59.84 1.24 13.12
C ARG A 1377 58.96 0.56 14.18
N VAL A 1378 57.70 0.33 13.80
CA VAL A 1378 56.72 -0.26 14.70
C VAL A 1378 55.98 -1.38 13.97
N ASN A 1379 55.86 -2.52 14.63
CA ASN A 1379 55.03 -3.64 14.20
C ASN A 1379 54.76 -4.51 15.44
N ALA A 1380 54.30 -5.74 15.23
CA ALA A 1380 54.09 -6.62 16.36
C ALA A 1380 55.43 -6.99 17.00
N TRP A 1381 55.35 -7.76 18.07
CA TRP A 1381 56.53 -8.08 18.85
C TRP A 1381 57.43 -9.06 18.11
N GLN A 1382 58.66 -9.17 18.56
CA GLN A 1382 59.54 -10.28 18.22
C GLN A 1382 59.82 -11.06 19.50
N ALA A 1383 59.54 -12.36 19.47
CA ALA A 1383 59.68 -13.18 20.67
C ALA A 1383 61.15 -13.33 21.02
N LYS A 1384 61.49 -13.02 22.28
CA LYS A 1384 62.87 -13.15 22.72
C LYS A 1384 63.31 -14.62 22.77
N ALA A 1385 62.42 -15.52 23.19
CA ALA A 1385 62.76 -16.92 23.30
C ALA A 1385 62.81 -17.62 21.94
N ASN A 1386 61.93 -17.22 21.01
CA ASN A 1386 61.82 -17.86 19.69
C ASN A 1386 61.57 -19.36 19.81
N ASN A 1387 60.82 -19.77 20.84
CA ASN A 1387 60.54 -21.17 21.08
C ASN A 1387 59.27 -21.57 20.33
N ASN A 1388 58.75 -22.76 20.63
CA ASN A 1388 57.56 -23.28 19.98
C ASN A 1388 56.32 -23.16 20.85
N LYS A 1389 56.43 -22.54 22.03
CA LYS A 1389 55.30 -22.40 22.95
C LYS A 1389 55.19 -20.92 23.34
N GLN A 1390 54.57 -20.12 22.47
CA GLN A 1390 54.31 -18.71 22.71
C GLN A 1390 53.36 -18.19 21.64
N TRP A 1391 52.25 -17.54 22.01
CA TRP A 1391 51.25 -17.24 21.01
C TRP A 1391 50.65 -15.86 21.30
N LEU A 1392 49.57 -15.54 20.60
CA LEU A 1392 48.93 -14.22 20.67
C LEU A 1392 47.47 -14.35 21.07
N GLU A 1393 47.00 -13.44 21.91
CA GLU A 1393 45.63 -13.42 22.40
C GLU A 1393 45.01 -12.05 22.17
N ILE A 1394 43.75 -12.04 21.72
CA ILE A 1394 43.00 -10.83 21.44
C ILE A 1394 41.64 -10.95 22.10
N ASP A 1395 41.21 -9.88 22.76
CA ASP A 1395 39.95 -9.87 23.53
C ASP A 1395 39.02 -8.79 22.99
N LEU A 1396 37.75 -9.14 22.85
CA LEU A 1396 36.68 -8.21 22.51
C LEU A 1396 35.62 -8.24 23.60
N LEU A 1397 35.02 -7.08 23.87
CA LEU A 1397 34.08 -6.98 24.98
C LEU A 1397 32.80 -7.77 24.72
N LYS A 1398 32.24 -7.64 23.52
CA LYS A 1398 30.98 -8.28 23.17
C LYS A 1398 31.22 -9.44 22.22
N ILE A 1399 30.33 -10.43 22.27
CA ILE A 1399 30.43 -11.55 21.34
C ILE A 1399 30.20 -11.05 19.92
N LYS A 1400 31.06 -11.49 19.00
CA LYS A 1400 30.98 -11.06 17.61
C LYS A 1400 31.34 -12.25 16.71
N LYS A 1401 30.97 -12.13 15.44
CA LYS A 1401 31.21 -13.17 14.45
C LYS A 1401 32.36 -12.73 13.55
N ILE A 1402 33.36 -13.60 13.40
CA ILE A 1402 34.55 -13.34 12.60
C ILE A 1402 34.51 -14.26 11.39
N THR A 1403 34.85 -13.71 10.22
CA THR A 1403 34.71 -14.38 8.94
C THR A 1403 36.03 -14.60 8.21
N ALA A 1404 36.91 -13.60 8.18
CA ALA A 1404 38.16 -13.69 7.42
C ALA A 1404 39.24 -12.92 8.16
N ILE A 1405 40.50 -13.26 7.85
CA ILE A 1405 41.64 -12.59 8.47
C ILE A 1405 42.69 -12.31 7.40
N ILE A 1406 43.21 -11.09 7.38
CA ILE A 1406 44.29 -10.71 6.49
C ILE A 1406 45.54 -10.50 7.33
N THR A 1407 46.59 -11.25 7.03
CA THR A 1407 47.84 -11.23 7.80
C THR A 1407 48.97 -10.70 6.93
N GLN A 1408 49.10 -9.38 6.90
CA GLN A 1408 50.30 -8.75 6.38
C GLN A 1408 51.36 -8.73 7.46
N GLY A 1409 52.62 -8.84 7.06
CA GLY A 1409 53.68 -8.82 8.04
C GLY A 1409 55.00 -8.34 7.49
N CYS A 1410 56.10 -8.80 8.09
CA CYS A 1410 57.46 -8.56 7.63
C CYS A 1410 57.67 -7.11 7.20
N LYS A 1411 57.44 -6.20 8.13
CA LYS A 1411 57.68 -4.77 7.92
C LYS A 1411 58.93 -4.39 8.71
N SER A 1412 60.09 -4.56 8.08
CA SER A 1412 61.36 -4.18 8.68
C SER A 1412 62.40 -4.06 7.57
N LEU A 1413 62.92 -2.85 7.37
CA LEU A 1413 63.87 -2.61 6.30
C LEU A 1413 65.27 -3.16 6.62
N SER A 1414 65.65 -3.17 7.89
CA SER A 1414 66.97 -3.68 8.26
C SER A 1414 67.10 -5.16 7.93
N SER A 1415 66.07 -5.95 8.22
CA SER A 1415 66.05 -7.35 7.89
C SER A 1415 64.60 -7.79 7.73
N GLU A 1416 64.38 -8.73 6.81
CA GLU A 1416 63.04 -9.21 6.49
C GLU A 1416 62.77 -10.49 7.27
N MET A 1417 61.58 -10.57 7.87
CA MET A 1417 61.22 -11.69 8.73
C MET A 1417 59.70 -11.84 8.75
N TYR A 1418 59.21 -13.04 8.44
CA TYR A 1418 57.77 -13.28 8.33
C TYR A 1418 57.44 -14.60 9.02
N VAL A 1419 56.19 -15.03 8.87
CA VAL A 1419 55.70 -16.28 9.41
C VAL A 1419 55.12 -17.11 8.27
N LYS A 1420 55.41 -18.41 8.29
CA LYS A 1420 55.00 -19.30 7.21
C LYS A 1420 53.75 -20.12 7.53
N SER A 1421 53.41 -20.30 8.81
CA SER A 1421 52.26 -21.11 9.16
C SER A 1421 51.74 -20.68 10.53
N TYR A 1422 50.43 -20.85 10.73
CA TYR A 1422 49.81 -20.53 12.01
C TYR A 1422 48.49 -21.28 12.13
N THR A 1423 48.02 -21.39 13.38
CA THR A 1423 46.75 -22.02 13.71
C THR A 1423 45.92 -21.07 14.58
N ILE A 1424 44.67 -21.45 14.84
CA ILE A 1424 43.70 -20.58 15.48
C ILE A 1424 43.00 -21.31 16.61
N HIS A 1425 42.82 -20.63 17.74
CA HIS A 1425 42.00 -21.12 18.84
C HIS A 1425 41.02 -20.04 19.28
N TYR A 1426 39.92 -20.49 19.89
CA TYR A 1426 38.88 -19.59 20.36
C TYR A 1426 38.26 -20.17 21.62
N SER A 1427 37.58 -19.31 22.38
CA SER A 1427 36.97 -19.73 23.63
C SER A 1427 35.82 -18.79 23.96
N GLU A 1428 34.97 -19.23 24.90
CA GLU A 1428 33.83 -18.44 25.34
C GLU A 1428 34.22 -17.49 26.47
N GLN A 1429 34.71 -18.04 27.57
CA GLN A 1429 35.10 -17.24 28.73
C GLN A 1429 36.60 -17.25 28.99
N GLY A 1430 37.35 -18.18 28.42
CA GLY A 1430 38.78 -18.25 28.59
C GLY A 1430 39.31 -19.50 29.26
N VAL A 1431 38.53 -20.59 29.32
CA VAL A 1431 38.97 -21.83 29.95
C VAL A 1431 38.73 -23.05 29.07
N GLU A 1432 38.19 -22.87 27.87
CA GLU A 1432 37.87 -24.00 26.99
C GLU A 1432 38.94 -24.21 25.92
N TRP A 1433 39.19 -23.18 25.09
CA TRP A 1433 40.19 -23.23 24.03
C TRP A 1433 39.93 -24.39 23.07
N LYS A 1434 38.78 -24.34 22.41
CA LYS A 1434 38.42 -25.36 21.45
C LYS A 1434 39.22 -25.18 20.16
N PRO A 1435 40.03 -26.16 19.76
CA PRO A 1435 40.83 -25.99 18.53
C PRO A 1435 39.95 -25.92 17.30
N TYR A 1436 40.45 -25.18 16.30
CA TYR A 1436 39.79 -25.11 15.00
C TYR A 1436 40.21 -26.32 14.17
N ARG A 1437 39.25 -27.19 13.86
CA ARG A 1437 39.53 -28.45 13.20
C ARG A 1437 38.57 -28.65 12.04
N LEU A 1438 39.00 -29.44 11.07
CA LEU A 1438 38.15 -29.81 9.95
C LEU A 1438 37.09 -30.82 10.38
N LYS A 1439 36.04 -30.92 9.57
CA LYS A 1439 34.91 -31.80 9.89
C LYS A 1439 35.27 -33.28 9.82
N SER A 1440 36.43 -33.63 9.27
CA SER A 1440 36.80 -35.04 9.14
C SER A 1440 37.19 -35.64 10.48
N SER A 1441 38.24 -35.11 11.10
CA SER A 1441 38.74 -35.63 12.36
C SER A 1441 39.36 -34.50 13.16
N MET A 1442 39.86 -34.82 14.35
CA MET A 1442 40.49 -33.85 15.23
C MET A 1442 41.90 -33.59 14.74
N VAL A 1443 42.03 -32.68 13.78
CA VAL A 1443 43.32 -32.25 13.26
C VAL A 1443 43.32 -30.74 13.18
N ASP A 1444 44.41 -30.12 13.68
CA ASP A 1444 44.53 -28.67 13.66
C ASP A 1444 44.91 -28.23 12.26
N LYS A 1445 44.01 -27.54 11.58
CA LYS A 1445 44.26 -27.10 10.22
C LYS A 1445 45.43 -26.12 10.17
N ILE A 1446 46.35 -26.34 9.25
CA ILE A 1446 47.48 -25.46 9.04
C ILE A 1446 47.06 -24.34 8.10
N PHE A 1447 47.74 -23.20 8.21
CA PHE A 1447 47.43 -22.03 7.40
C PHE A 1447 48.68 -21.55 6.70
N GLU A 1448 48.48 -20.83 5.60
CA GLU A 1448 49.60 -20.30 4.83
C GLU A 1448 50.13 -19.03 5.47
N GLY A 1449 51.23 -18.52 4.90
CA GLY A 1449 51.86 -17.33 5.43
C GLY A 1449 52.44 -16.43 4.36
N ASN A 1450 53.26 -15.46 4.78
CA ASN A 1450 53.85 -14.52 3.84
C ASN A 1450 54.92 -15.20 2.99
N THR A 1451 55.24 -14.58 1.86
CA THR A 1451 56.29 -15.05 0.97
C THR A 1451 57.31 -13.98 0.60
N ASN A 1452 57.02 -12.70 0.85
CA ASN A 1452 57.94 -11.62 0.55
C ASN A 1452 57.65 -10.47 1.51
N THR A 1453 58.59 -9.53 1.59
CA THR A 1453 58.49 -8.47 2.58
C THR A 1453 57.25 -7.61 2.36
N LYS A 1454 56.94 -7.30 1.10
CA LYS A 1454 55.72 -6.55 0.78
C LYS A 1454 54.69 -7.50 0.16
N GLY A 1455 53.96 -8.18 1.04
CA GLY A 1455 52.95 -9.12 0.59
C GLY A 1455 51.73 -9.20 1.49
N HIS A 1456 50.54 -9.15 0.90
CA HIS A 1456 49.28 -9.27 1.63
C HIS A 1456 48.62 -10.59 1.25
N VAL A 1457 48.35 -11.44 2.24
CA VAL A 1457 47.68 -12.71 2.04
C VAL A 1457 46.45 -12.75 2.94
N LYS A 1458 45.28 -13.00 2.35
CA LYS A 1458 44.02 -13.00 3.07
C LYS A 1458 43.48 -14.42 3.14
N ASN A 1459 43.27 -14.92 4.36
CA ASN A 1459 42.80 -16.27 4.61
C ASN A 1459 41.33 -16.24 5.02
N PHE A 1460 40.53 -17.04 4.33
CA PHE A 1460 39.13 -17.24 4.66
C PHE A 1460 38.98 -18.47 5.55
N PHE A 1461 37.78 -18.64 6.09
CA PHE A 1461 37.38 -19.89 6.74
C PHE A 1461 35.86 -19.99 6.67
N ASN A 1462 35.38 -21.09 6.11
CA ASN A 1462 33.97 -21.18 5.72
C ASN A 1462 33.02 -21.03 6.90
N PRO A 1463 33.16 -21.75 8.01
CA PRO A 1463 32.29 -21.51 9.16
C PRO A 1463 32.80 -20.35 9.99
N PRO A 1464 32.07 -19.24 10.01
CA PRO A 1464 32.50 -18.11 10.83
C PRO A 1464 32.44 -18.44 12.31
N ILE A 1465 33.30 -17.81 13.09
CA ILE A 1465 33.44 -18.12 14.51
C ILE A 1465 32.81 -17.01 15.33
N ILE A 1466 31.89 -17.37 16.21
CA ILE A 1466 31.19 -16.40 17.05
C ILE A 1466 31.73 -16.55 18.46
N SER A 1467 32.44 -15.53 18.93
CA SER A 1467 33.09 -15.59 20.24
C SER A 1467 33.56 -14.19 20.64
N ARG A 1468 34.33 -14.12 21.72
CA ARG A 1468 34.96 -12.91 22.23
C ARG A 1468 36.47 -12.98 22.22
N PHE A 1469 37.05 -14.12 22.57
CA PHE A 1469 38.49 -14.29 22.66
C PHE A 1469 39.01 -15.03 21.44
N ILE A 1470 40.15 -14.58 20.92
CA ILE A 1470 40.81 -15.23 19.79
C ILE A 1470 42.27 -15.45 20.16
N ARG A 1471 42.86 -16.53 19.65
CA ARG A 1471 44.28 -16.81 19.86
C ARG A 1471 44.89 -17.28 18.55
N VAL A 1472 46.04 -16.70 18.23
CA VAL A 1472 46.80 -17.03 17.02
C VAL A 1472 48.09 -17.72 17.45
N ILE A 1473 48.36 -18.88 16.84
CA ILE A 1473 49.51 -19.71 17.17
C ILE A 1473 50.48 -19.75 16.01
N PRO A 1474 51.65 -19.11 16.10
CA PRO A 1474 52.67 -19.29 15.07
C PRO A 1474 53.29 -20.67 15.16
N LYS A 1475 53.58 -21.26 13.99
CA LYS A 1475 54.15 -22.60 13.93
C LYS A 1475 55.53 -22.63 13.28
N THR A 1476 55.67 -22.06 12.09
CA THR A 1476 56.93 -22.05 11.36
C THR A 1476 57.32 -20.62 11.02
N TRP A 1477 58.58 -20.28 11.23
CA TRP A 1477 59.07 -18.93 10.99
C TRP A 1477 60.35 -18.99 10.16
N ASN A 1478 60.38 -18.20 9.08
CA ASN A 1478 61.61 -18.06 8.31
C ASN A 1478 62.69 -17.36 9.12
N GLN A 1479 62.32 -16.32 9.86
CA GLN A 1479 63.25 -15.56 10.69
C GLN A 1479 62.51 -15.21 11.97
N SER A 1480 63.03 -14.23 12.73
CA SER A 1480 62.39 -13.80 13.96
C SER A 1480 60.92 -13.49 13.73
N ILE A 1481 60.09 -13.80 14.72
CA ILE A 1481 58.64 -13.72 14.56
C ILE A 1481 58.22 -12.26 14.49
N ALA A 1482 57.44 -11.93 13.46
CA ALA A 1482 56.83 -10.62 13.30
C ALA A 1482 55.46 -10.80 12.70
N LEU A 1483 54.58 -9.83 12.94
CA LEU A 1483 53.19 -9.99 12.53
C LEU A 1483 52.51 -8.64 12.42
N ARG A 1484 51.43 -8.61 11.63
CA ARG A 1484 50.43 -7.56 11.62
C ARG A 1484 49.13 -8.21 11.17
N LEU A 1485 48.00 -7.62 11.55
CA LEU A 1485 46.75 -8.30 11.26
C LEU A 1485 45.59 -7.31 11.22
N GLU A 1486 44.48 -7.77 10.65
CA GLU A 1486 43.23 -7.03 10.58
C GLU A 1486 42.11 -8.06 10.53
N LEU A 1487 41.02 -7.78 11.26
CA LEU A 1487 39.95 -8.74 11.44
C LEU A 1487 38.70 -8.29 10.68
N PHE A 1488 37.96 -9.25 10.14
CA PHE A 1488 36.75 -8.98 9.39
C PHE A 1488 35.60 -9.82 9.95
N GLY A 1489 34.41 -9.26 9.91
CA GLY A 1489 33.23 -9.93 10.43
C GLY A 1489 32.11 -8.94 10.69
N CYS A 1490 31.25 -9.30 11.64
CA CYS A 1490 30.15 -8.42 12.02
C CYS A 1490 29.66 -8.79 13.41
N ASP A 1491 28.92 -7.85 14.00
CA ASP A 1491 28.41 -8.00 15.35
C ASP A 1491 26.94 -8.42 15.30
N ILE A 1492 26.58 -9.40 16.12
CA ILE A 1492 25.18 -9.81 16.21
C ILE A 1492 24.37 -8.64 16.75
N TYR A 1493 23.23 -8.37 16.10
CA TYR A 1493 22.54 -7.09 16.28
C TYR A 1493 21.97 -6.95 17.69
N GLU A 1494 21.10 -7.87 18.12
CA GLU A 1494 20.19 -7.61 19.25
C GLU A 1494 20.63 -8.26 20.56
N ASP A 1495 21.94 -8.48 20.74
CA ASP A 1495 22.45 -9.02 22.00
C ASP A 1495 22.61 -7.91 23.03
N GLN A 1496 21.54 -7.17 23.27
CA GLN A 1496 21.49 -6.14 24.32
C GLN A 1496 20.69 -6.62 25.52
N VAL A 1497 20.78 -7.91 25.83
CA VAL A 1497 19.94 -8.53 26.84
C VAL A 1497 20.69 -8.60 28.18
N ASP A 1498 21.56 -7.65 28.44
CA ASP A 1498 22.25 -7.57 29.71
C ASP A 1498 21.23 -7.45 30.85
N PRO A 1499 21.53 -8.01 32.02
CA PRO A 1499 20.52 -8.09 33.09
C PRO A 1499 20.05 -6.71 33.54
N ARG A 1500 18.77 -6.44 33.29
CA ARG A 1500 18.11 -5.21 33.74
C ARG A 1500 16.70 -5.57 34.18
N LEU A 1501 16.46 -5.59 35.50
CA LEU A 1501 15.14 -5.87 36.07
C LEU A 1501 14.64 -7.25 35.62
N ILE A 1502 15.36 -8.26 36.10
CA ILE A 1502 15.07 -9.65 35.73
C ILE A 1502 13.63 -10.01 36.07
N ASP A 1503 13.02 -10.82 35.21
CA ASP A 1503 11.70 -11.43 35.39
C ASP A 1503 10.60 -10.39 35.22
N GLY A 1504 10.98 -9.13 35.03
CA GLY A 1504 10.01 -8.07 34.81
C GLY A 1504 9.06 -7.82 35.96
N LYS A 1505 9.38 -8.27 37.16
CA LYS A 1505 8.51 -8.08 38.32
C LYS A 1505 9.32 -7.71 39.56
#